data_4KV4
# 
_entry.id   4KV4 
# 
_audit_conform.dict_name       mmcif_pdbx.dic 
_audit_conform.dict_version    5.397 
_audit_conform.dict_location   http://mmcif.pdb.org/dictionaries/ascii/mmcif_pdbx.dic 
# 
loop_
_database_2.database_id 
_database_2.database_code 
_database_2.pdbx_database_accession 
_database_2.pdbx_DOI 
PDB   4KV4         pdb_00004kv4 10.2210/pdb4kv4/pdb 
RCSB  RCSB079832   ?            ?                   
WWPDB D_1000079832 ?            ?                   
# 
loop_
_pdbx_audit_revision_history.ordinal 
_pdbx_audit_revision_history.data_content_type 
_pdbx_audit_revision_history.major_revision 
_pdbx_audit_revision_history.minor_revision 
_pdbx_audit_revision_history.revision_date 
1 'Structure model' 1 0 2013-06-26 
2 'Structure model' 1 1 2014-02-26 
3 'Structure model' 1 2 2014-05-14 
4 'Structure model' 1 3 2024-10-09 
# 
_pdbx_audit_revision_details.ordinal             1 
_pdbx_audit_revision_details.revision_ordinal    1 
_pdbx_audit_revision_details.data_content_type   'Structure model' 
_pdbx_audit_revision_details.provider            repository 
_pdbx_audit_revision_details.type                'Initial release' 
_pdbx_audit_revision_details.description         ? 
_pdbx_audit_revision_details.details             ? 
# 
loop_
_pdbx_audit_revision_group.ordinal 
_pdbx_audit_revision_group.revision_ordinal 
_pdbx_audit_revision_group.data_content_type 
_pdbx_audit_revision_group.group 
1 2 'Structure model' 'Database references'  
2 3 'Structure model' 'Database references'  
3 4 'Structure model' 'Data collection'      
4 4 'Structure model' 'Database references'  
5 4 'Structure model' 'Derived calculations' 
6 4 'Structure model' 'Structure summary'    
# 
loop_
_pdbx_audit_revision_category.ordinal 
_pdbx_audit_revision_category.revision_ordinal 
_pdbx_audit_revision_category.data_content_type 
_pdbx_audit_revision_category.category 
1 4 'Structure model' chem_comp_atom            
2 4 'Structure model' chem_comp_bond            
3 4 'Structure model' database_2                
4 4 'Structure model' pdbx_entry_details        
5 4 'Structure model' pdbx_modification_feature 
6 4 'Structure model' struct_conn               
7 4 'Structure model' struct_ref_seq_dif        
8 4 'Structure model' struct_site               
# 
loop_
_pdbx_audit_revision_item.ordinal 
_pdbx_audit_revision_item.revision_ordinal 
_pdbx_audit_revision_item.data_content_type 
_pdbx_audit_revision_item.item 
1 4 'Structure model' '_database_2.pdbx_DOI'                         
2 4 'Structure model' '_database_2.pdbx_database_accession'          
3 4 'Structure model' '_pdbx_entry_details.has_protein_modification' 
4 4 'Structure model' '_struct_conn.pdbx_leaving_atom_flag'          
5 4 'Structure model' '_struct_ref_seq_dif.details'                  
6 4 'Structure model' '_struct_site.pdbx_auth_asym_id'               
7 4 'Structure model' '_struct_site.pdbx_auth_comp_id'               
8 4 'Structure model' '_struct_site.pdbx_auth_seq_id'                
# 
_pdbx_database_status.status_code                     REL 
_pdbx_database_status.entry_id                        4KV4 
_pdbx_database_status.recvd_initial_deposition_date   2013-05-22 
_pdbx_database_status.deposit_site                    RCSB 
_pdbx_database_status.process_site                    RCSB 
_pdbx_database_status.status_code_sf                  REL 
_pdbx_database_status.status_code_mr                  ? 
_pdbx_database_status.SG_entry                        ? 
_pdbx_database_status.status_code_cs                  ? 
_pdbx_database_status.methods_development_category    ? 
_pdbx_database_status.pdb_format_compatible           Y 
_pdbx_database_status.status_code_nmr_data            ? 
# 
_pdbx_database_related.db_name        PDB 
_pdbx_database_related.db_id          4KV1 
_pdbx_database_related.details        'Bromodomain 1 with Acetylated Rel Peptide' 
_pdbx_database_related.content_type   unspecified 
# 
loop_
_audit_author.name 
_audit_author.pdbx_ordinal 
'Zhang, H.'  1 
'Nair, S.K.' 2 
# 
_citation.id                        primary 
_citation.title                     
'Brd4 maintains constitutively active NF-kappa B in cancer cells by binding to acetylated RelA.' 
_citation.journal_abbrev            Oncogene 
_citation.journal_volume            33 
_citation.page_first                2395 
_citation.page_last                 2404 
_citation.year                      2014 
_citation.journal_id_ASTM           ? 
_citation.country                   UK 
_citation.journal_id_ISSN           0950-9232 
_citation.journal_id_CSD            ? 
_citation.book_publisher            ? 
_citation.pdbx_database_id_PubMed   23686307 
_citation.pdbx_database_id_DOI      10.1038/onc.2013.179 
# 
loop_
_citation_author.citation_id 
_citation_author.name 
_citation_author.ordinal 
_citation_author.identifier_ORCID 
primary 'Zou, Z.'     1 ? 
primary 'Huang, B.'   2 ? 
primary 'Wu, X.'      3 ? 
primary 'Zhang, H.'   4 ? 
primary 'Qi, J.'      5 ? 
primary 'Bradner, J.' 6 ? 
primary 'Nair, S.'    7 ? 
primary 'Chen, L.F.'  8 ? 
# 
loop_
_entity.id 
_entity.type 
_entity.src_method 
_entity.pdbx_description 
_entity.formula_weight 
_entity.pdbx_number_of_molecules 
_entity.pdbx_ec 
_entity.pdbx_mutation 
_entity.pdbx_fragment 
_entity.details 
1 polymer     man 'Bromodomain-containing protein 4' 12877.922 1  ? ? 'UNP residues 351-459' ? 
2 polymer     syn 'Rel Peptide'                      897.113   1  ? ? ?                      ? 
3 non-polymer syn 2,3-DIHYDROXY-1,4-DITHIOBUTANE     154.251   1  ? ? ?                      ? 
4 water       nat water                              18.015    57 ? ? ?                      ? 
# 
_entity_name_com.entity_id   1 
_entity_name_com.name        'Protein HUNK1' 
# 
loop_
_entity_poly.entity_id 
_entity_poly.type 
_entity_poly.nstd_linkage 
_entity_poly.nstd_monomer 
_entity_poly.pdbx_seq_one_letter_code 
_entity_poly.pdbx_seq_one_letter_code_can 
_entity_poly.pdbx_strand_id 
_entity_poly.pdbx_target_identifier 
1 'polypeptide(L)' no no  
;AGSEQLKCCSGILKEMFAKKHAAYAWPFYKPVDVEALGLHDYCDIIKHPMDMSTIKSKLEAREYRDAQEFGADVRLMFSN
CYKYNPPDHEVVAMARKLQDVFEMRFAKMPD
;
;AGSEQLKCCSGILKEMFAKKHAAYAWPFYKPVDVEALGLHDYCDIIKHPMDMSTIKSKLEAREYRDAQEFGADVRLMFSN
CYKYNPPDHEVVAMARKLQDVFEMRFAKMPD
;
A ? 
2 'polypeptide(L)' no yes 'TF(ALY)SIMK' TFKSIMK B ? 
# 
loop_
_pdbx_entity_nonpoly.entity_id 
_pdbx_entity_nonpoly.name 
_pdbx_entity_nonpoly.comp_id 
3 2,3-DIHYDROXY-1,4-DITHIOBUTANE DTT 
4 water                          HOH 
# 
loop_
_entity_poly_seq.entity_id 
_entity_poly_seq.num 
_entity_poly_seq.mon_id 
_entity_poly_seq.hetero 
1 1   ALA n 
1 2   GLY n 
1 3   SER n 
1 4   GLU n 
1 5   GLN n 
1 6   LEU n 
1 7   LYS n 
1 8   CYS n 
1 9   CYS n 
1 10  SER n 
1 11  GLY n 
1 12  ILE n 
1 13  LEU n 
1 14  LYS n 
1 15  GLU n 
1 16  MET n 
1 17  PHE n 
1 18  ALA n 
1 19  LYS n 
1 20  LYS n 
1 21  HIS n 
1 22  ALA n 
1 23  ALA n 
1 24  TYR n 
1 25  ALA n 
1 26  TRP n 
1 27  PRO n 
1 28  PHE n 
1 29  TYR n 
1 30  LYS n 
1 31  PRO n 
1 32  VAL n 
1 33  ASP n 
1 34  VAL n 
1 35  GLU n 
1 36  ALA n 
1 37  LEU n 
1 38  GLY n 
1 39  LEU n 
1 40  HIS n 
1 41  ASP n 
1 42  TYR n 
1 43  CYS n 
1 44  ASP n 
1 45  ILE n 
1 46  ILE n 
1 47  LYS n 
1 48  HIS n 
1 49  PRO n 
1 50  MET n 
1 51  ASP n 
1 52  MET n 
1 53  SER n 
1 54  THR n 
1 55  ILE n 
1 56  LYS n 
1 57  SER n 
1 58  LYS n 
1 59  LEU n 
1 60  GLU n 
1 61  ALA n 
1 62  ARG n 
1 63  GLU n 
1 64  TYR n 
1 65  ARG n 
1 66  ASP n 
1 67  ALA n 
1 68  GLN n 
1 69  GLU n 
1 70  PHE n 
1 71  GLY n 
1 72  ALA n 
1 73  ASP n 
1 74  VAL n 
1 75  ARG n 
1 76  LEU n 
1 77  MET n 
1 78  PHE n 
1 79  SER n 
1 80  ASN n 
1 81  CYS n 
1 82  TYR n 
1 83  LYS n 
1 84  TYR n 
1 85  ASN n 
1 86  PRO n 
1 87  PRO n 
1 88  ASP n 
1 89  HIS n 
1 90  GLU n 
1 91  VAL n 
1 92  VAL n 
1 93  ALA n 
1 94  MET n 
1 95  ALA n 
1 96  ARG n 
1 97  LYS n 
1 98  LEU n 
1 99  GLN n 
1 100 ASP n 
1 101 VAL n 
1 102 PHE n 
1 103 GLU n 
1 104 MET n 
1 105 ARG n 
1 106 PHE n 
1 107 ALA n 
1 108 LYS n 
1 109 MET n 
1 110 PRO n 
1 111 ASP n 
2 1   THR n 
2 2   PHE n 
2 3   ALY n 
2 4   SER n 
2 5   ILE n 
2 6   MET n 
2 7   LYS n 
# 
_entity_src_gen.entity_id                          1 
_entity_src_gen.pdbx_src_id                        1 
_entity_src_gen.pdbx_alt_source_flag               sample 
_entity_src_gen.pdbx_seq_type                      ? 
_entity_src_gen.pdbx_beg_seq_num                   ? 
_entity_src_gen.pdbx_end_seq_num                   ? 
_entity_src_gen.gene_src_common_name               human 
_entity_src_gen.gene_src_genus                     ? 
_entity_src_gen.pdbx_gene_src_gene                 'BRD4, HUNK1' 
_entity_src_gen.gene_src_species                   ? 
_entity_src_gen.gene_src_strain                    ? 
_entity_src_gen.gene_src_tissue                    ? 
_entity_src_gen.gene_src_tissue_fraction           ? 
_entity_src_gen.gene_src_details                   ? 
_entity_src_gen.pdbx_gene_src_fragment             ? 
_entity_src_gen.pdbx_gene_src_scientific_name      'Homo sapiens' 
_entity_src_gen.pdbx_gene_src_ncbi_taxonomy_id     9606 
_entity_src_gen.pdbx_gene_src_variant              ? 
_entity_src_gen.pdbx_gene_src_cell_line            ? 
_entity_src_gen.pdbx_gene_src_atcc                 ? 
_entity_src_gen.pdbx_gene_src_organ                ? 
_entity_src_gen.pdbx_gene_src_organelle            ? 
_entity_src_gen.pdbx_gene_src_cell                 ? 
_entity_src_gen.pdbx_gene_src_cellular_location    ? 
_entity_src_gen.host_org_common_name               ? 
_entity_src_gen.pdbx_host_org_scientific_name      'Escherichia coli' 
_entity_src_gen.pdbx_host_org_ncbi_taxonomy_id     562 
_entity_src_gen.host_org_genus                     ? 
_entity_src_gen.pdbx_host_org_gene                 ? 
_entity_src_gen.pdbx_host_org_organ                ? 
_entity_src_gen.host_org_species                   ? 
_entity_src_gen.pdbx_host_org_tissue               ? 
_entity_src_gen.pdbx_host_org_tissue_fraction      ? 
_entity_src_gen.pdbx_host_org_strain               ? 
_entity_src_gen.pdbx_host_org_variant              ? 
_entity_src_gen.pdbx_host_org_cell_line            ? 
_entity_src_gen.pdbx_host_org_atcc                 ? 
_entity_src_gen.pdbx_host_org_culture_collection   ? 
_entity_src_gen.pdbx_host_org_cell                 ? 
_entity_src_gen.pdbx_host_org_organelle            ? 
_entity_src_gen.pdbx_host_org_cellular_location    ? 
_entity_src_gen.pdbx_host_org_vector_type          ? 
_entity_src_gen.pdbx_host_org_vector               ? 
_entity_src_gen.host_org_details                   ? 
_entity_src_gen.expression_system_id               ? 
_entity_src_gen.plasmid_name                       ? 
_entity_src_gen.plasmid_details                    ? 
_entity_src_gen.pdbx_description                   ? 
# 
_pdbx_entity_src_syn.entity_id              2 
_pdbx_entity_src_syn.pdbx_src_id            1 
_pdbx_entity_src_syn.pdbx_alt_source_flag   sample 
_pdbx_entity_src_syn.pdbx_beg_seq_num       ? 
_pdbx_entity_src_syn.pdbx_end_seq_num       ? 
_pdbx_entity_src_syn.organism_scientific    'Homo sapiens' 
_pdbx_entity_src_syn.organism_common_name   ? 
_pdbx_entity_src_syn.ncbi_taxonomy_id       9606 
_pdbx_entity_src_syn.details                ? 
# 
loop_
_chem_comp.id 
_chem_comp.type 
_chem_comp.mon_nstd_flag 
_chem_comp.name 
_chem_comp.pdbx_synonyms 
_chem_comp.formula 
_chem_comp.formula_weight 
ALA 'L-peptide linking' y ALANINE                        ?                  'C3 H7 N O2'     89.093  
ALY 'L-peptide linking' n 'N(6)-ACETYLLYSINE'            ?                  'C8 H16 N2 O3'   188.224 
ARG 'L-peptide linking' y ARGININE                       ?                  'C6 H15 N4 O2 1' 175.209 
ASN 'L-peptide linking' y ASPARAGINE                     ?                  'C4 H8 N2 O3'    132.118 
ASP 'L-peptide linking' y 'ASPARTIC ACID'                ?                  'C4 H7 N O4'     133.103 
CYS 'L-peptide linking' y CYSTEINE                       ?                  'C3 H7 N O2 S'   121.158 
DTT non-polymer         . 2,3-DIHYDROXY-1,4-DITHIOBUTANE 1,4-DITHIOTHREITOL 'C4 H10 O2 S2'   154.251 
GLN 'L-peptide linking' y GLUTAMINE                      ?                  'C5 H10 N2 O3'   146.144 
GLU 'L-peptide linking' y 'GLUTAMIC ACID'                ?                  'C5 H9 N O4'     147.129 
GLY 'peptide linking'   y GLYCINE                        ?                  'C2 H5 N O2'     75.067  
HIS 'L-peptide linking' y HISTIDINE                      ?                  'C6 H10 N3 O2 1' 156.162 
HOH non-polymer         . WATER                          ?                  'H2 O'           18.015  
ILE 'L-peptide linking' y ISOLEUCINE                     ?                  'C6 H13 N O2'    131.173 
LEU 'L-peptide linking' y LEUCINE                        ?                  'C6 H13 N O2'    131.173 
LYS 'L-peptide linking' y LYSINE                         ?                  'C6 H15 N2 O2 1' 147.195 
MET 'L-peptide linking' y METHIONINE                     ?                  'C5 H11 N O2 S'  149.211 
PHE 'L-peptide linking' y PHENYLALANINE                  ?                  'C9 H11 N O2'    165.189 
PRO 'L-peptide linking' y PROLINE                        ?                  'C5 H9 N O2'     115.130 
SER 'L-peptide linking' y SERINE                         ?                  'C3 H7 N O3'     105.093 
THR 'L-peptide linking' y THREONINE                      ?                  'C4 H9 N O3'     119.119 
TRP 'L-peptide linking' y TRYPTOPHAN                     ?                  'C11 H12 N2 O2'  204.225 
TYR 'L-peptide linking' y TYROSINE                       ?                  'C9 H11 N O3'    181.189 
VAL 'L-peptide linking' y VALINE                         ?                  'C5 H11 N O2'    117.146 
# 
loop_
_pdbx_poly_seq_scheme.asym_id 
_pdbx_poly_seq_scheme.entity_id 
_pdbx_poly_seq_scheme.seq_id 
_pdbx_poly_seq_scheme.mon_id 
_pdbx_poly_seq_scheme.ndb_seq_num 
_pdbx_poly_seq_scheme.pdb_seq_num 
_pdbx_poly_seq_scheme.auth_seq_num 
_pdbx_poly_seq_scheme.pdb_mon_id 
_pdbx_poly_seq_scheme.auth_mon_id 
_pdbx_poly_seq_scheme.pdb_strand_id 
_pdbx_poly_seq_scheme.pdb_ins_code 
_pdbx_poly_seq_scheme.hetero 
A 1 1   ALA 1   4   4   ALA ALA A . n 
A 1 2   GLY 2   5   5   GLY GLY A . n 
A 1 3   SER 3   6   6   SER SER A . n 
A 1 4   GLU 4   7   7   GLU GLU A . n 
A 1 5   GLN 5   8   8   GLN GLN A . n 
A 1 6   LEU 6   9   9   LEU LEU A . n 
A 1 7   LYS 7   10  10  LYS LYS A . n 
A 1 8   CYS 8   11  11  CYS CYS A . n 
A 1 9   CYS 9   12  12  CYS CYS A . n 
A 1 10  SER 10  13  13  SER SER A . n 
A 1 11  GLY 11  14  14  GLY GLY A . n 
A 1 12  ILE 12  15  15  ILE ILE A . n 
A 1 13  LEU 13  16  16  LEU LEU A . n 
A 1 14  LYS 14  17  17  LYS LYS A . n 
A 1 15  GLU 15  18  18  GLU GLU A . n 
A 1 16  MET 16  19  19  MET MET A . n 
A 1 17  PHE 17  20  20  PHE PHE A . n 
A 1 18  ALA 18  21  21  ALA ALA A . n 
A 1 19  LYS 19  22  22  LYS LYS A . n 
A 1 20  LYS 20  23  23  LYS LYS A . n 
A 1 21  HIS 21  24  24  HIS HIS A . n 
A 1 22  ALA 22  25  25  ALA ALA A . n 
A 1 23  ALA 23  26  26  ALA ALA A . n 
A 1 24  TYR 24  27  27  TYR TYR A . n 
A 1 25  ALA 25  28  28  ALA ALA A . n 
A 1 26  TRP 26  29  29  TRP TRP A . n 
A 1 27  PRO 27  30  30  PRO PRO A . n 
A 1 28  PHE 28  31  31  PHE PHE A . n 
A 1 29  TYR 29  32  32  TYR TYR A . n 
A 1 30  LYS 30  33  33  LYS LYS A . n 
A 1 31  PRO 31  34  34  PRO PRO A . n 
A 1 32  VAL 32  35  35  VAL VAL A . n 
A 1 33  ASP 33  36  36  ASP ASP A . n 
A 1 34  VAL 34  37  37  VAL VAL A . n 
A 1 35  GLU 35  38  38  GLU GLU A . n 
A 1 36  ALA 36  39  39  ALA ALA A . n 
A 1 37  LEU 37  40  40  LEU LEU A . n 
A 1 38  GLY 38  41  41  GLY GLY A . n 
A 1 39  LEU 39  42  42  LEU LEU A . n 
A 1 40  HIS 40  43  43  HIS HIS A . n 
A 1 41  ASP 41  44  44  ASP ASP A . n 
A 1 42  TYR 42  45  45  TYR TYR A . n 
A 1 43  CYS 43  46  46  CYS CYS A . n 
A 1 44  ASP 44  47  47  ASP ASP A . n 
A 1 45  ILE 45  48  48  ILE ILE A . n 
A 1 46  ILE 46  49  49  ILE ILE A . n 
A 1 47  LYS 47  50  50  LYS LYS A . n 
A 1 48  HIS 48  51  51  HIS HIS A . n 
A 1 49  PRO 49  52  52  PRO PRO A . n 
A 1 50  MET 50  53  53  MET MET A . n 
A 1 51  ASP 51  54  54  ASP ASP A . n 
A 1 52  MET 52  55  55  MET MET A . n 
A 1 53  SER 53  56  56  SER SER A . n 
A 1 54  THR 54  57  57  THR THR A . n 
A 1 55  ILE 55  58  58  ILE ILE A . n 
A 1 56  LYS 56  59  59  LYS LYS A . n 
A 1 57  SER 57  60  60  SER SER A . n 
A 1 58  LYS 58  61  61  LYS LYS A . n 
A 1 59  LEU 59  62  62  LEU LEU A . n 
A 1 60  GLU 60  63  63  GLU GLU A . n 
A 1 61  ALA 61  64  64  ALA ALA A . n 
A 1 62  ARG 62  65  65  ARG ARG A . n 
A 1 63  GLU 63  66  66  GLU GLU A . n 
A 1 64  TYR 64  67  67  TYR TYR A . n 
A 1 65  ARG 65  68  68  ARG ARG A . n 
A 1 66  ASP 66  69  69  ASP ASP A . n 
A 1 67  ALA 67  70  70  ALA ALA A . n 
A 1 68  GLN 68  71  71  GLN GLN A . n 
A 1 69  GLU 69  72  72  GLU GLU A . n 
A 1 70  PHE 70  73  73  PHE PHE A . n 
A 1 71  GLY 71  74  74  GLY GLY A . n 
A 1 72  ALA 72  75  75  ALA ALA A . n 
A 1 73  ASP 73  76  76  ASP ASP A . n 
A 1 74  VAL 74  77  77  VAL VAL A . n 
A 1 75  ARG 75  78  78  ARG ARG A . n 
A 1 76  LEU 76  79  79  LEU LEU A . n 
A 1 77  MET 77  80  80  MET MET A . n 
A 1 78  PHE 78  81  81  PHE PHE A . n 
A 1 79  SER 79  82  82  SER SER A . n 
A 1 80  ASN 80  83  83  ASN ASN A . n 
A 1 81  CYS 81  84  84  CYS CYS A . n 
A 1 82  TYR 82  85  85  TYR TYR A . n 
A 1 83  LYS 83  86  86  LYS LYS A . n 
A 1 84  TYR 84  87  87  TYR TYR A . n 
A 1 85  ASN 85  88  88  ASN ASN A . n 
A 1 86  PRO 86  89  89  PRO PRO A . n 
A 1 87  PRO 87  90  90  PRO PRO A . n 
A 1 88  ASP 88  91  91  ASP ASP A . n 
A 1 89  HIS 89  92  92  HIS HIS A . n 
A 1 90  GLU 90  93  93  GLU GLU A . n 
A 1 91  VAL 91  94  94  VAL VAL A . n 
A 1 92  VAL 92  95  95  VAL VAL A . n 
A 1 93  ALA 93  96  96  ALA ALA A . n 
A 1 94  MET 94  97  97  MET MET A . n 
A 1 95  ALA 95  98  98  ALA ALA A . n 
A 1 96  ARG 96  99  99  ARG ARG A . n 
A 1 97  LYS 97  100 100 LYS LYS A . n 
A 1 98  LEU 98  101 101 LEU LEU A . n 
A 1 99  GLN 99  102 102 GLN GLN A . n 
A 1 100 ASP 100 103 103 ASP ASP A . n 
A 1 101 VAL 101 104 104 VAL VAL A . n 
A 1 102 PHE 102 105 105 PHE PHE A . n 
A 1 103 GLU 103 106 106 GLU GLU A . n 
A 1 104 MET 104 107 107 MET MET A . n 
A 1 105 ARG 105 108 108 ARG ARG A . n 
A 1 106 PHE 106 109 109 PHE PHE A . n 
A 1 107 ALA 107 110 110 ALA ALA A . n 
A 1 108 LYS 108 111 111 LYS LYS A . n 
A 1 109 MET 109 112 112 MET MET A . n 
A 1 110 PRO 110 113 113 PRO PRO A . n 
A 1 111 ASP 111 114 114 ASP ASP A . n 
B 2 1   THR 1   1   1   THR THR B . n 
B 2 2   PHE 2   2   2   PHE PHE B . n 
B 2 3   ALY 3   3   3   ALY ALY B . n 
B 2 4   SER 4   4   4   SER SER B . n 
B 2 5   ILE 5   5   5   ILE ILE B . n 
B 2 6   MET 6   6   ?   ?   ?   B . n 
B 2 7   LYS 7   7   ?   ?   ?   B . n 
# 
loop_
_pdbx_nonpoly_scheme.asym_id 
_pdbx_nonpoly_scheme.entity_id 
_pdbx_nonpoly_scheme.mon_id 
_pdbx_nonpoly_scheme.ndb_seq_num 
_pdbx_nonpoly_scheme.pdb_seq_num 
_pdbx_nonpoly_scheme.auth_seq_num 
_pdbx_nonpoly_scheme.pdb_mon_id 
_pdbx_nonpoly_scheme.auth_mon_id 
_pdbx_nonpoly_scheme.pdb_strand_id 
_pdbx_nonpoly_scheme.pdb_ins_code 
C 3 DTT 1  201 1  DTT DTT A . 
D 4 HOH 1  301 1  HOH HOH A . 
D 4 HOH 2  302 2  HOH HOH A . 
D 4 HOH 3  303 3  HOH HOH A . 
D 4 HOH 4  304 4  HOH HOH A . 
D 4 HOH 5  305 5  HOH HOH A . 
D 4 HOH 6  306 6  HOH HOH A . 
D 4 HOH 7  307 7  HOH HOH A . 
D 4 HOH 8  308 8  HOH HOH A . 
D 4 HOH 9  309 9  HOH HOH A . 
D 4 HOH 10 310 10 HOH HOH A . 
D 4 HOH 11 311 11 HOH HOH A . 
D 4 HOH 12 312 12 HOH HOH A . 
D 4 HOH 13 313 13 HOH HOH A . 
D 4 HOH 14 314 14 HOH HOH A . 
D 4 HOH 15 315 15 HOH HOH A . 
D 4 HOH 16 316 16 HOH HOH A . 
D 4 HOH 17 317 17 HOH HOH A . 
D 4 HOH 18 318 18 HOH HOH A . 
D 4 HOH 19 319 19 HOH HOH A . 
D 4 HOH 20 320 20 HOH HOH A . 
D 4 HOH 21 321 21 HOH HOH A . 
D 4 HOH 22 322 22 HOH HOH A . 
D 4 HOH 23 323 23 HOH HOH A . 
D 4 HOH 24 324 24 HOH HOH A . 
D 4 HOH 25 325 25 HOH HOH A . 
D 4 HOH 26 326 26 HOH HOH A . 
D 4 HOH 27 327 27 HOH HOH A . 
D 4 HOH 28 328 28 HOH HOH A . 
D 4 HOH 29 329 29 HOH HOH A . 
D 4 HOH 30 330 30 HOH HOH A . 
D 4 HOH 31 331 31 HOH HOH A . 
D 4 HOH 32 332 32 HOH HOH A . 
D 4 HOH 33 333 33 HOH HOH A . 
D 4 HOH 34 334 35 HOH HOH A . 
D 4 HOH 35 335 36 HOH HOH A . 
D 4 HOH 36 336 37 HOH HOH A . 
D 4 HOH 37 337 38 HOH HOH A . 
D 4 HOH 38 338 39 HOH HOH A . 
D 4 HOH 39 339 40 HOH HOH A . 
D 4 HOH 40 340 41 HOH HOH A . 
D 4 HOH 41 341 42 HOH HOH A . 
D 4 HOH 42 342 43 HOH HOH A . 
D 4 HOH 43 343 44 HOH HOH A . 
D 4 HOH 44 344 45 HOH HOH A . 
D 4 HOH 45 345 46 HOH HOH A . 
D 4 HOH 46 346 47 HOH HOH A . 
D 4 HOH 47 347 48 HOH HOH A . 
D 4 HOH 48 348 49 HOH HOH A . 
D 4 HOH 49 349 50 HOH HOH A . 
D 4 HOH 50 350 52 HOH HOH A . 
D 4 HOH 51 351 53 HOH HOH A . 
D 4 HOH 52 352 54 HOH HOH A . 
D 4 HOH 53 353 55 HOH HOH A . 
D 4 HOH 54 354 56 HOH HOH A . 
D 4 HOH 55 355 57 HOH HOH A . 
E 4 HOH 1  101 34 HOH HOH B . 
E 4 HOH 2  102 51 HOH HOH B . 
# 
loop_
_software.name 
_software.classification 
_software.version 
_software.citation_id 
_software.pdbx_ordinal 
MAR345dtb 'data collection' .                            ? 1 
SHARP     phasing           .                            ? 2 
PHENIX    refinement        '(phenix.refine: 1.7.1_743)' ? 3 
HKL-2000  'data reduction'  .                            ? 4 
HKL-2000  'data scaling'    .                            ? 5 
# 
_cell.entry_id           4KV4 
_cell.length_a           57.026 
_cell.length_b           73.599 
_cell.length_c           33.626 
_cell.angle_alpha        90.00 
_cell.angle_beta         90.00 
_cell.angle_gamma        90.00 
_cell.Z_PDB              4 
_cell.pdbx_unique_axis   ? 
_cell.length_a_esd       ? 
_cell.length_b_esd       ? 
_cell.length_c_esd       ? 
_cell.angle_alpha_esd    ? 
_cell.angle_beta_esd     ? 
_cell.angle_gamma_esd    ? 
# 
_symmetry.entry_id                         4KV4 
_symmetry.space_group_name_H-M             'P 21 21 2' 
_symmetry.pdbx_full_space_group_name_H-M   ? 
_symmetry.cell_setting                     ? 
_symmetry.Int_Tables_number                18 
_symmetry.space_group_name_Hall            ? 
# 
_exptl.entry_id          4KV4 
_exptl.method            'X-RAY DIFFRACTION' 
_exptl.crystals_number   1 
# 
_exptl_crystal.id                    1 
_exptl_crystal.density_meas          ? 
_exptl_crystal.density_Matthews      2.56 
_exptl_crystal.density_percent_sol   51.98 
_exptl_crystal.description           ? 
_exptl_crystal.F_000                 ? 
_exptl_crystal.preparation           ? 
# 
_exptl_crystal_grow.crystal_id      1 
_exptl_crystal_grow.method          'VAPOR DIFFUSION, HANGING DROP' 
_exptl_crystal_grow.temp            278 
_exptl_crystal_grow.temp_details    ? 
_exptl_crystal_grow.pH              8.5 
_exptl_crystal_grow.pdbx_details    '2.5 M (NH4)2SO4, pH 8.5, VAPOR DIFFUSION, HANGING DROP, temperature 278K' 
_exptl_crystal_grow.pdbx_pH_range   ? 
# 
_diffrn.id                     1 
_diffrn.ambient_temp           ? 
_diffrn.ambient_temp_details   ? 
_diffrn.crystal_id             1 
# 
_diffrn_detector.diffrn_id              1 
_diffrn_detector.detector               CCD 
_diffrn_detector.type                   'MARMOSAIC 225 mm CCD' 
_diffrn_detector.pdbx_collection_date   ? 
_diffrn_detector.details                ? 
# 
_diffrn_radiation.diffrn_id                        1 
_diffrn_radiation.wavelength_id                    1 
_diffrn_radiation.pdbx_monochromatic_or_laue_m_l   M 
_diffrn_radiation.monochromator                    ? 
_diffrn_radiation.pdbx_diffrn_protocol             'SINGLE WAVELENGTH' 
_diffrn_radiation.pdbx_scattering_type             x-ray 
# 
_diffrn_radiation_wavelength.id           1 
_diffrn_radiation_wavelength.wavelength   0.97856 
_diffrn_radiation_wavelength.wt           1.0 
# 
_diffrn_source.diffrn_id                   1 
_diffrn_source.source                      SYNCHROTRON 
_diffrn_source.type                        'APS BEAMLINE 21-ID-F' 
_diffrn_source.pdbx_synchrotron_site       APS 
_diffrn_source.pdbx_synchrotron_beamline   21-ID-F 
_diffrn_source.pdbx_wavelength             ? 
_diffrn_source.pdbx_wavelength_list        0.97856 
# 
_reflns.entry_id                     4KV4 
_reflns.observed_criterion_sigma_I   0 
_reflns.observed_criterion_sigma_F   0 
_reflns.d_resolution_low             50.0 
_reflns.d_resolution_high            2.0 
_reflns.number_obs                   9987 
_reflns.number_all                   ? 
_reflns.percent_possible_obs         98.9 
_reflns.pdbx_Rmerge_I_obs            ? 
_reflns.pdbx_Rsym_value              ? 
_reflns.pdbx_netI_over_sigmaI        ? 
_reflns.B_iso_Wilson_estimate        ? 
_reflns.pdbx_redundancy              ? 
_reflns.R_free_details               ? 
_reflns.limit_h_max                  ? 
_reflns.limit_h_min                  ? 
_reflns.limit_k_max                  ? 
_reflns.limit_k_min                  ? 
_reflns.limit_l_max                  ? 
_reflns.limit_l_min                  ? 
_reflns.observed_criterion_F_max     ? 
_reflns.observed_criterion_F_min     ? 
_reflns.pdbx_chi_squared             ? 
_reflns.pdbx_scaling_rejects         ? 
_reflns.pdbx_ordinal                 1 
_reflns.pdbx_diffrn_id               1 
# 
_reflns_shell.d_res_high             2.0 
_reflns_shell.d_res_low              2.07 
_reflns_shell.percent_possible_all   91.4 
_reflns_shell.Rmerge_I_obs           ? 
_reflns_shell.pdbx_Rsym_value        ? 
_reflns_shell.meanI_over_sigI_obs    ? 
_reflns_shell.pdbx_redundancy        ? 
_reflns_shell.percent_possible_obs   ? 
_reflns_shell.number_unique_all      ? 
_reflns_shell.number_measured_all    ? 
_reflns_shell.number_measured_obs    ? 
_reflns_shell.number_unique_obs      ? 
_reflns_shell.pdbx_chi_squared       ? 
_reflns_shell.pdbx_ordinal           1 
_reflns_shell.pdbx_diffrn_id         1 
# 
_refine.entry_id                                 4KV4 
_refine.ls_number_reflns_obs                     9955 
_refine.ls_number_reflns_all                     ? 
_refine.pdbx_ls_sigma_I                          ? 
_refine.pdbx_ls_sigma_F                          1.34 
_refine.pdbx_data_cutoff_high_absF               ? 
_refine.pdbx_data_cutoff_low_absF                ? 
_refine.pdbx_data_cutoff_high_rms_absF           ? 
_refine.ls_d_res_low                             30.585 
_refine.ls_d_res_high                            2.000 
_refine.ls_percent_reflns_obs                    98.92 
_refine.ls_R_factor_obs                          0.2102 
_refine.ls_R_factor_all                          ? 
_refine.ls_R_factor_R_work                       0.2078 
_refine.ls_R_factor_R_free                       0.2578 
_refine.ls_R_factor_R_free_error                 ? 
_refine.ls_R_factor_R_free_error_details         ? 
_refine.ls_percent_reflns_R_free                 4.80 
_refine.ls_number_reflns_R_free                  478 
_refine.ls_number_parameters                     ? 
_refine.ls_number_restraints                     ? 
_refine.occupancy_min                            ? 
_refine.occupancy_max                            ? 
_refine.correlation_coeff_Fo_to_Fc               ? 
_refine.correlation_coeff_Fo_to_Fc_free          ? 
_refine.B_iso_mean                               ? 
_refine.aniso_B[1][1]                            0.1446 
_refine.aniso_B[2][2]                            0.5357 
_refine.aniso_B[3][3]                            -0.6803 
_refine.aniso_B[1][2]                            0.0000 
_refine.aniso_B[1][3]                            -0.0000 
_refine.aniso_B[2][3]                            -0.0000 
_refine.solvent_model_details                    'FLAT BULK SOLVENT MODEL' 
_refine.solvent_model_param_ksol                 0.358 
_refine.solvent_model_param_bsol                 40.598 
_refine.pdbx_solvent_vdw_probe_radii             1.10 
_refine.pdbx_solvent_ion_probe_radii             ? 
_refine.pdbx_solvent_shrinkage_radii             0.83 
_refine.pdbx_ls_cross_valid_method               ? 
_refine.details                                  ? 
_refine.pdbx_starting_model                      ? 
_refine.pdbx_method_to_determine_struct          SAD 
_refine.pdbx_isotropic_thermal_model             ? 
_refine.pdbx_stereochemistry_target_values       ML 
_refine.pdbx_stereochem_target_val_spec_case     ? 
_refine.pdbx_R_Free_selection_details            ? 
_refine.pdbx_overall_ESU_R                       ? 
_refine.pdbx_overall_ESU_R_Free                  ? 
_refine.overall_SU_ML                            0.50 
_refine.pdbx_overall_phase_error                 25.95 
_refine.overall_SU_B                             ? 
_refine.overall_SU_R_Cruickshank_DPI             ? 
_refine.ls_redundancy_reflns_obs                 ? 
_refine.B_iso_min                                ? 
_refine.B_iso_max                                ? 
_refine.overall_SU_R_free                        ? 
_refine.ls_wR_factor_R_free                      ? 
_refine.ls_wR_factor_R_work                      ? 
_refine.overall_FOM_free_R_set                   ? 
_refine.overall_FOM_work_R_set                   ? 
_refine.pdbx_diffrn_id                           1 
_refine.pdbx_refine_id                           'X-RAY DIFFRACTION' 
_refine.pdbx_TLS_residual_ADP_flag               ? 
_refine.pdbx_overall_SU_R_free_Cruickshank_DPI   ? 
_refine.pdbx_overall_SU_R_Blow_DPI               ? 
_refine.pdbx_overall_SU_R_free_Blow_DPI          ? 
# 
_refine_hist.pdbx_refine_id                   'X-RAY DIFFRACTION' 
_refine_hist.cycle_id                         LAST 
_refine_hist.pdbx_number_atoms_protein        942 
_refine_hist.pdbx_number_atoms_nucleic_acid   0 
_refine_hist.pdbx_number_atoms_ligand         8 
_refine_hist.number_atoms_solvent             57 
_refine_hist.number_atoms_total               1007 
_refine_hist.d_res_high                       2.000 
_refine_hist.d_res_low                        30.585 
# 
loop_
_refine_ls_restr.type 
_refine_ls_restr.dev_ideal 
_refine_ls_restr.dev_ideal_target 
_refine_ls_restr.weight 
_refine_ls_restr.number 
_refine_ls_restr.pdbx_restraint_function 
_refine_ls_restr.pdbx_refine_id 
f_bond_d           0.011  ? ? 973  ? 'X-RAY DIFFRACTION' 
f_angle_d          1.041  ? ? 1302 ? 'X-RAY DIFFRACTION' 
f_dihedral_angle_d 15.665 ? ? 368  ? 'X-RAY DIFFRACTION' 
f_chiral_restr     0.074  ? ? 134  ? 'X-RAY DIFFRACTION' 
f_plane_restr      0.004  ? ? 165  ? 'X-RAY DIFFRACTION' 
# 
loop_
_refine_ls_shell.pdbx_total_number_of_bins_used 
_refine_ls_shell.d_res_high 
_refine_ls_shell.d_res_low 
_refine_ls_shell.number_reflns_R_work 
_refine_ls_shell.R_factor_R_work 
_refine_ls_shell.percent_reflns_obs 
_refine_ls_shell.R_factor_R_free 
_refine_ls_shell.R_factor_R_free_error 
_refine_ls_shell.percent_reflns_R_free 
_refine_ls_shell.number_reflns_R_free 
_refine_ls_shell.number_reflns_all 
_refine_ls_shell.R_factor_all 
_refine_ls_shell.number_reflns_obs 
_refine_ls_shell.redundancy_reflns_obs 
_refine_ls_shell.pdbx_refine_id 
. 2.0001 2.2894  3050 0.2223 97.00  0.3137 . . 129 . . . . 'X-RAY DIFFRACTION' 
. 2.2894 2.8841  3130 0.2165 100.00 0.3032 . . 175 . . . . 'X-RAY DIFFRACTION' 
. 2.8841 30.5886 3297 0.2014 100.00 0.2305 . . 174 . . . . 'X-RAY DIFFRACTION' 
# 
_struct.entry_id                  4KV4 
_struct.title                     'Brd4 Bromodomain 2 in Complex with Acetylated Rel Peptide' 
_struct.pdbx_model_details        ? 
_struct.pdbx_CASP_flag            ? 
_struct.pdbx_model_type_details   ? 
# 
_struct_keywords.entry_id        4KV4 
_struct_keywords.pdbx_keywords   TRANSCRIPTION 
_struct_keywords.text            'Rel, P65, Bromodomain, TRANSCRIPTION' 
# 
loop_
_struct_asym.id 
_struct_asym.pdbx_blank_PDB_chainid_flag 
_struct_asym.pdbx_modified 
_struct_asym.entity_id 
_struct_asym.details 
A N N 1 ? 
B N N 2 ? 
C N N 3 ? 
D N N 4 ? 
E N N 4 ? 
# 
loop_
_struct_ref.id 
_struct_ref.db_name 
_struct_ref.db_code 
_struct_ref.pdbx_db_accession 
_struct_ref.entity_id 
_struct_ref.pdbx_seq_one_letter_code 
_struct_ref.pdbx_align_begin 
_struct_ref.pdbx_db_isoform 
1 UNP BRD4_HUMAN O60885 1 
;SEQLKCCSGILKEMFAKKHAAYAWPFYKPVDVEALGLHDYCDIIKHPMDMSTIKSKLEAREYRDAQEFGADVRLMFSNCY
KYNPPDHEVVAMARKLQDVFEMRFAKMPD
;
351 ? 
2 UNP TF65_HUMAN Q04206 2 TFKSIMK 308 ? 
# 
loop_
_struct_ref_seq.align_id 
_struct_ref_seq.ref_id 
_struct_ref_seq.pdbx_PDB_id_code 
_struct_ref_seq.pdbx_strand_id 
_struct_ref_seq.seq_align_beg 
_struct_ref_seq.pdbx_seq_align_beg_ins_code 
_struct_ref_seq.seq_align_end 
_struct_ref_seq.pdbx_seq_align_end_ins_code 
_struct_ref_seq.pdbx_db_accession 
_struct_ref_seq.db_align_beg 
_struct_ref_seq.pdbx_db_align_beg_ins_code 
_struct_ref_seq.db_align_end 
_struct_ref_seq.pdbx_db_align_end_ins_code 
_struct_ref_seq.pdbx_auth_seq_align_beg 
_struct_ref_seq.pdbx_auth_seq_align_end 
1 1 4KV4 A 3 ? 111 ? O60885 351 ? 459 ? 6 114 
2 2 4KV4 B 1 ? 7   ? Q04206 308 ? 314 ? 1 7   
# 
loop_
_struct_ref_seq_dif.align_id 
_struct_ref_seq_dif.pdbx_pdb_id_code 
_struct_ref_seq_dif.mon_id 
_struct_ref_seq_dif.pdbx_pdb_strand_id 
_struct_ref_seq_dif.seq_num 
_struct_ref_seq_dif.pdbx_pdb_ins_code 
_struct_ref_seq_dif.pdbx_seq_db_name 
_struct_ref_seq_dif.pdbx_seq_db_accession_code 
_struct_ref_seq_dif.db_mon_id 
_struct_ref_seq_dif.pdbx_seq_db_seq_num 
_struct_ref_seq_dif.details 
_struct_ref_seq_dif.pdbx_auth_seq_num 
_struct_ref_seq_dif.pdbx_ordinal 
1 4KV4 ALA A 1 ? UNP O60885 ? ? 'expression tag' 4 1 
1 4KV4 GLY A 2 ? UNP O60885 ? ? 'expression tag' 5 2 
# 
_pdbx_struct_assembly.id                   1 
_pdbx_struct_assembly.details              author_and_software_defined_assembly 
_pdbx_struct_assembly.method_details       PISA 
_pdbx_struct_assembly.oligomeric_details   dimeric 
_pdbx_struct_assembly.oligomeric_count     2 
# 
loop_
_pdbx_struct_assembly_prop.biol_id 
_pdbx_struct_assembly_prop.type 
_pdbx_struct_assembly_prop.value 
_pdbx_struct_assembly_prop.details 
1 'ABSA (A^2)' 800  ? 
1 MORE         -8   ? 
1 'SSA (A^2)'  7200 ? 
# 
_pdbx_struct_assembly_gen.assembly_id       1 
_pdbx_struct_assembly_gen.oper_expression   1 
_pdbx_struct_assembly_gen.asym_id_list      A,B,C,D,E 
# 
_pdbx_struct_oper_list.id                   1 
_pdbx_struct_oper_list.type                 'identity operation' 
_pdbx_struct_oper_list.name                 1_555 
_pdbx_struct_oper_list.symmetry_operation   x,y,z 
_pdbx_struct_oper_list.matrix[1][1]         1.0000000000 
_pdbx_struct_oper_list.matrix[1][2]         0.0000000000 
_pdbx_struct_oper_list.matrix[1][3]         0.0000000000 
_pdbx_struct_oper_list.vector[1]            0.0000000000 
_pdbx_struct_oper_list.matrix[2][1]         0.0000000000 
_pdbx_struct_oper_list.matrix[2][2]         1.0000000000 
_pdbx_struct_oper_list.matrix[2][3]         0.0000000000 
_pdbx_struct_oper_list.vector[2]            0.0000000000 
_pdbx_struct_oper_list.matrix[3][1]         0.0000000000 
_pdbx_struct_oper_list.matrix[3][2]         0.0000000000 
_pdbx_struct_oper_list.matrix[3][3]         1.0000000000 
_pdbx_struct_oper_list.vector[3]            0.0000000000 
# 
_struct_biol.id        1 
_struct_biol.details   ? 
# 
loop_
_struct_conf.conf_type_id 
_struct_conf.id 
_struct_conf.pdbx_PDB_helix_id 
_struct_conf.beg_label_comp_id 
_struct_conf.beg_label_asym_id 
_struct_conf.beg_label_seq_id 
_struct_conf.pdbx_beg_PDB_ins_code 
_struct_conf.end_label_comp_id 
_struct_conf.end_label_asym_id 
_struct_conf.end_label_seq_id 
_struct_conf.pdbx_end_PDB_ins_code 
_struct_conf.beg_auth_comp_id 
_struct_conf.beg_auth_asym_id 
_struct_conf.beg_auth_seq_id 
_struct_conf.end_auth_comp_id 
_struct_conf.end_auth_asym_id 
_struct_conf.end_auth_seq_id 
_struct_conf.pdbx_PDB_helix_class 
_struct_conf.details 
_struct_conf.pdbx_PDB_helix_length 
HELX_P HELX_P1 1 ALA A 1  ? PHE A 17  ? ALA A 4  PHE A 20  1 ? 17 
HELX_P HELX_P2 2 ALA A 18 ? LYS A 20  ? ALA A 21 LYS A 23  5 ? 3  
HELX_P HELX_P3 3 HIS A 21 ? TRP A 26  ? HIS A 24 TRP A 29  1 ? 6  
HELX_P HELX_P4 4 PRO A 27 ? TYR A 29  ? PRO A 30 TYR A 32  5 ? 3  
HELX_P HELX_P5 5 ASP A 41 ? ILE A 46  ? ASP A 44 ILE A 49  1 ? 6  
HELX_P HELX_P6 6 ASP A 51 ? ALA A 61  ? ASP A 54 ALA A 64  1 ? 11 
HELX_P HELX_P7 7 ASP A 66 ? ASN A 85  ? ASP A 69 ASN A 88  1 ? 20 
HELX_P HELX_P8 8 HIS A 89 ? MET A 109 ? HIS A 92 MET A 112 1 ? 21 
HELX_P HELX_P9 9 THR B 1  ? ILE B 5   ? THR B 1  ILE B 5   5 ? 5  
# 
_struct_conf_type.id          HELX_P 
_struct_conf_type.criteria    ? 
_struct_conf_type.reference   ? 
# 
loop_
_struct_conn.id 
_struct_conn.conn_type_id 
_struct_conn.pdbx_leaving_atom_flag 
_struct_conn.pdbx_PDB_id 
_struct_conn.ptnr1_label_asym_id 
_struct_conn.ptnr1_label_comp_id 
_struct_conn.ptnr1_label_seq_id 
_struct_conn.ptnr1_label_atom_id 
_struct_conn.pdbx_ptnr1_label_alt_id 
_struct_conn.pdbx_ptnr1_PDB_ins_code 
_struct_conn.pdbx_ptnr1_standard_comp_id 
_struct_conn.ptnr1_symmetry 
_struct_conn.ptnr2_label_asym_id 
_struct_conn.ptnr2_label_comp_id 
_struct_conn.ptnr2_label_seq_id 
_struct_conn.ptnr2_label_atom_id 
_struct_conn.pdbx_ptnr2_label_alt_id 
_struct_conn.pdbx_ptnr2_PDB_ins_code 
_struct_conn.ptnr1_auth_asym_id 
_struct_conn.ptnr1_auth_comp_id 
_struct_conn.ptnr1_auth_seq_id 
_struct_conn.ptnr2_auth_asym_id 
_struct_conn.ptnr2_auth_comp_id 
_struct_conn.ptnr2_auth_seq_id 
_struct_conn.ptnr2_symmetry 
_struct_conn.pdbx_ptnr3_label_atom_id 
_struct_conn.pdbx_ptnr3_label_seq_id 
_struct_conn.pdbx_ptnr3_label_comp_id 
_struct_conn.pdbx_ptnr3_label_asym_id 
_struct_conn.pdbx_ptnr3_label_alt_id 
_struct_conn.pdbx_ptnr3_PDB_ins_code 
_struct_conn.details 
_struct_conn.pdbx_dist_value 
_struct_conn.pdbx_value_order 
_struct_conn.pdbx_role 
covale1 covale both ? B PHE 2 C ? ? ? 1_555 B ALY 3 N ? ? B PHE 2 B ALY 3 1_555 ? ? ? ? ? ? ? 1.333 ? ? 
covale2 covale both ? B ALY 3 C ? ? ? 1_555 B SER 4 N ? ? B ALY 3 B SER 4 1_555 ? ? ? ? ? ? ? 1.329 ? ? 
# 
_struct_conn_type.id          covale 
_struct_conn_type.criteria    ? 
_struct_conn_type.reference   ? 
# 
_pdbx_modification_feature.ordinal                            1 
_pdbx_modification_feature.label_comp_id                      ALY 
_pdbx_modification_feature.label_asym_id                      B 
_pdbx_modification_feature.label_seq_id                       3 
_pdbx_modification_feature.label_alt_id                       ? 
_pdbx_modification_feature.modified_residue_label_comp_id     . 
_pdbx_modification_feature.modified_residue_label_asym_id     . 
_pdbx_modification_feature.modified_residue_label_seq_id      . 
_pdbx_modification_feature.modified_residue_label_alt_id      . 
_pdbx_modification_feature.auth_comp_id                       ALY 
_pdbx_modification_feature.auth_asym_id                       B 
_pdbx_modification_feature.auth_seq_id                        3 
_pdbx_modification_feature.PDB_ins_code                       ? 
_pdbx_modification_feature.symmetry                           1_555 
_pdbx_modification_feature.modified_residue_auth_comp_id      . 
_pdbx_modification_feature.modified_residue_auth_asym_id      . 
_pdbx_modification_feature.modified_residue_auth_seq_id       . 
_pdbx_modification_feature.modified_residue_PDB_ins_code      . 
_pdbx_modification_feature.modified_residue_symmetry          . 
_pdbx_modification_feature.comp_id_linking_atom               . 
_pdbx_modification_feature.modified_residue_id_linking_atom   . 
_pdbx_modification_feature.modified_residue_id                LYS 
_pdbx_modification_feature.ref_pcm_id                         1 
_pdbx_modification_feature.ref_comp_id                        ALY 
_pdbx_modification_feature.type                               Acetylation 
_pdbx_modification_feature.category                           'Named protein modification' 
# 
_struct_site.id                   AC1 
_struct_site.pdbx_evidence_code   Software 
_struct_site.pdbx_auth_asym_id    A 
_struct_site.pdbx_auth_comp_id    DTT 
_struct_site.pdbx_auth_seq_id     201 
_struct_site.pdbx_auth_ins_code   ? 
_struct_site.pdbx_num_residues    7 
_struct_site.details              'BINDING SITE FOR RESIDUE DTT A 201' 
# 
loop_
_struct_site_gen.id 
_struct_site_gen.site_id 
_struct_site_gen.pdbx_num_res 
_struct_site_gen.label_comp_id 
_struct_site_gen.label_asym_id 
_struct_site_gen.label_seq_id 
_struct_site_gen.pdbx_auth_ins_code 
_struct_site_gen.auth_comp_id 
_struct_site_gen.auth_asym_id 
_struct_site_gen.auth_seq_id 
_struct_site_gen.label_atom_id 
_struct_site_gen.label_alt_id 
_struct_site_gen.symmetry 
_struct_site_gen.details 
1 AC1 7 CYS A 8   ? CYS A 11  . ? 1_555 ? 
2 AC1 7 LEU A 37  ? LEU A 40  . ? 3_656 ? 
3 AC1 7 PRO A 110 ? PRO A 113 . ? 1_555 ? 
4 AC1 7 HOH D .   ? HOH A 350 . ? 1_555 ? 
5 AC1 7 HOH D .   ? HOH A 352 . ? 1_555 ? 
6 AC1 7 HOH D .   ? HOH A 353 . ? 1_555 ? 
7 AC1 7 PHE B 2   ? PHE B 2   . ? 3_656 ? 
# 
_pdbx_entry_details.entry_id                   4KV4 
_pdbx_entry_details.nonpolymer_details         ? 
_pdbx_entry_details.sequence_details           
;THE REL PEPTIDE CORRESPONDS TO RESIDUES THR308-LYS314 OF NF-KAPPA B (WITH    
LYS210 ACETYLATED).
;
_pdbx_entry_details.compound_details           ? 
_pdbx_entry_details.source_details             ? 
_pdbx_entry_details.has_ligand_of_interest     ? 
_pdbx_entry_details.has_protein_modification   Y 
# 
loop_
_pdbx_validate_close_contact.id 
_pdbx_validate_close_contact.PDB_model_num 
_pdbx_validate_close_contact.auth_atom_id_1 
_pdbx_validate_close_contact.auth_asym_id_1 
_pdbx_validate_close_contact.auth_comp_id_1 
_pdbx_validate_close_contact.auth_seq_id_1 
_pdbx_validate_close_contact.PDB_ins_code_1 
_pdbx_validate_close_contact.label_alt_id_1 
_pdbx_validate_close_contact.auth_atom_id_2 
_pdbx_validate_close_contact.auth_asym_id_2 
_pdbx_validate_close_contact.auth_comp_id_2 
_pdbx_validate_close_contact.auth_seq_id_2 
_pdbx_validate_close_contact.PDB_ins_code_2 
_pdbx_validate_close_contact.label_alt_id_2 
_pdbx_validate_close_contact.dist 
1 1 O3 A DTT 201 ? ? O A HOH 350 ? ? 2.12 
2 1 SG A CYS 46  ? ? O A HOH 354 ? ? 2.14 
# 
_pdbx_struct_mod_residue.id               1 
_pdbx_struct_mod_residue.label_asym_id    B 
_pdbx_struct_mod_residue.label_comp_id    ALY 
_pdbx_struct_mod_residue.label_seq_id     3 
_pdbx_struct_mod_residue.auth_asym_id     B 
_pdbx_struct_mod_residue.auth_comp_id     ALY 
_pdbx_struct_mod_residue.auth_seq_id      3 
_pdbx_struct_mod_residue.PDB_ins_code     ? 
_pdbx_struct_mod_residue.parent_comp_id   LYS 
_pdbx_struct_mod_residue.details          'N(6)-ACETYLLYSINE' 
# 
loop_
_pdbx_unobs_or_zero_occ_residues.id 
_pdbx_unobs_or_zero_occ_residues.PDB_model_num 
_pdbx_unobs_or_zero_occ_residues.polymer_flag 
_pdbx_unobs_or_zero_occ_residues.occupancy_flag 
_pdbx_unobs_or_zero_occ_residues.auth_asym_id 
_pdbx_unobs_or_zero_occ_residues.auth_comp_id 
_pdbx_unobs_or_zero_occ_residues.auth_seq_id 
_pdbx_unobs_or_zero_occ_residues.PDB_ins_code 
_pdbx_unobs_or_zero_occ_residues.label_asym_id 
_pdbx_unobs_or_zero_occ_residues.label_comp_id 
_pdbx_unobs_or_zero_occ_residues.label_seq_id 
1 1 Y 1 B MET 6 ? B MET 6 
2 1 Y 1 B LYS 7 ? B LYS 7 
# 
loop_
_chem_comp_atom.comp_id 
_chem_comp_atom.atom_id 
_chem_comp_atom.type_symbol 
_chem_comp_atom.pdbx_aromatic_flag 
_chem_comp_atom.pdbx_stereo_config 
_chem_comp_atom.pdbx_ordinal 
ALA N    N N N 1   
ALA CA   C N S 2   
ALA C    C N N 3   
ALA O    O N N 4   
ALA CB   C N N 5   
ALA OXT  O N N 6   
ALA H    H N N 7   
ALA H2   H N N 8   
ALA HA   H N N 9   
ALA HB1  H N N 10  
ALA HB2  H N N 11  
ALA HB3  H N N 12  
ALA HXT  H N N 13  
ALY OH   O N N 14  
ALY CH   C N N 15  
ALY CH3  C N N 16  
ALY NZ   N N N 17  
ALY CE   C N N 18  
ALY CD   C N N 19  
ALY CG   C N N 20  
ALY CB   C N N 21  
ALY CA   C N S 22  
ALY N    N N N 23  
ALY C    C N N 24  
ALY O    O N N 25  
ALY OXT  O N N 26  
ALY HH31 H N N 27  
ALY HH32 H N N 28  
ALY HH33 H N N 29  
ALY HZ   H N N 30  
ALY HE3  H N N 31  
ALY HE2  H N N 32  
ALY HD3  H N N 33  
ALY HD2  H N N 34  
ALY HG3  H N N 35  
ALY HG2  H N N 36  
ALY HB3  H N N 37  
ALY HB2  H N N 38  
ALY HA   H N N 39  
ALY H    H N N 40  
ALY H2   H N N 41  
ALY HXT  H N N 42  
ARG N    N N N 43  
ARG CA   C N S 44  
ARG C    C N N 45  
ARG O    O N N 46  
ARG CB   C N N 47  
ARG CG   C N N 48  
ARG CD   C N N 49  
ARG NE   N N N 50  
ARG CZ   C N N 51  
ARG NH1  N N N 52  
ARG NH2  N N N 53  
ARG OXT  O N N 54  
ARG H    H N N 55  
ARG H2   H N N 56  
ARG HA   H N N 57  
ARG HB2  H N N 58  
ARG HB3  H N N 59  
ARG HG2  H N N 60  
ARG HG3  H N N 61  
ARG HD2  H N N 62  
ARG HD3  H N N 63  
ARG HE   H N N 64  
ARG HH11 H N N 65  
ARG HH12 H N N 66  
ARG HH21 H N N 67  
ARG HH22 H N N 68  
ARG HXT  H N N 69  
ASN N    N N N 70  
ASN CA   C N S 71  
ASN C    C N N 72  
ASN O    O N N 73  
ASN CB   C N N 74  
ASN CG   C N N 75  
ASN OD1  O N N 76  
ASN ND2  N N N 77  
ASN OXT  O N N 78  
ASN H    H N N 79  
ASN H2   H N N 80  
ASN HA   H N N 81  
ASN HB2  H N N 82  
ASN HB3  H N N 83  
ASN HD21 H N N 84  
ASN HD22 H N N 85  
ASN HXT  H N N 86  
ASP N    N N N 87  
ASP CA   C N S 88  
ASP C    C N N 89  
ASP O    O N N 90  
ASP CB   C N N 91  
ASP CG   C N N 92  
ASP OD1  O N N 93  
ASP OD2  O N N 94  
ASP OXT  O N N 95  
ASP H    H N N 96  
ASP H2   H N N 97  
ASP HA   H N N 98  
ASP HB2  H N N 99  
ASP HB3  H N N 100 
ASP HD2  H N N 101 
ASP HXT  H N N 102 
CYS N    N N N 103 
CYS CA   C N R 104 
CYS C    C N N 105 
CYS O    O N N 106 
CYS CB   C N N 107 
CYS SG   S N N 108 
CYS OXT  O N N 109 
CYS H    H N N 110 
CYS H2   H N N 111 
CYS HA   H N N 112 
CYS HB2  H N N 113 
CYS HB3  H N N 114 
CYS HG   H N N 115 
CYS HXT  H N N 116 
DTT S1   S N N 117 
DTT C1   C N N 118 
DTT C2   C N R 119 
DTT O2   O N N 120 
DTT C3   C N R 121 
DTT O3   O N N 122 
DTT C4   C N N 123 
DTT S4   S N N 124 
DTT HS1  H N N 125 
DTT H11  H N N 126 
DTT H12  H N N 127 
DTT H2   H N N 128 
DTT HO2  H N N 129 
DTT H3   H N N 130 
DTT HO3  H N N 131 
DTT H41  H N N 132 
DTT H42  H N N 133 
DTT HS2  H N N 134 
GLN N    N N N 135 
GLN CA   C N S 136 
GLN C    C N N 137 
GLN O    O N N 138 
GLN CB   C N N 139 
GLN CG   C N N 140 
GLN CD   C N N 141 
GLN OE1  O N N 142 
GLN NE2  N N N 143 
GLN OXT  O N N 144 
GLN H    H N N 145 
GLN H2   H N N 146 
GLN HA   H N N 147 
GLN HB2  H N N 148 
GLN HB3  H N N 149 
GLN HG2  H N N 150 
GLN HG3  H N N 151 
GLN HE21 H N N 152 
GLN HE22 H N N 153 
GLN HXT  H N N 154 
GLU N    N N N 155 
GLU CA   C N S 156 
GLU C    C N N 157 
GLU O    O N N 158 
GLU CB   C N N 159 
GLU CG   C N N 160 
GLU CD   C N N 161 
GLU OE1  O N N 162 
GLU OE2  O N N 163 
GLU OXT  O N N 164 
GLU H    H N N 165 
GLU H2   H N N 166 
GLU HA   H N N 167 
GLU HB2  H N N 168 
GLU HB3  H N N 169 
GLU HG2  H N N 170 
GLU HG3  H N N 171 
GLU HE2  H N N 172 
GLU HXT  H N N 173 
GLY N    N N N 174 
GLY CA   C N N 175 
GLY C    C N N 176 
GLY O    O N N 177 
GLY OXT  O N N 178 
GLY H    H N N 179 
GLY H2   H N N 180 
GLY HA2  H N N 181 
GLY HA3  H N N 182 
GLY HXT  H N N 183 
HIS N    N N N 184 
HIS CA   C N S 185 
HIS C    C N N 186 
HIS O    O N N 187 
HIS CB   C N N 188 
HIS CG   C Y N 189 
HIS ND1  N Y N 190 
HIS CD2  C Y N 191 
HIS CE1  C Y N 192 
HIS NE2  N Y N 193 
HIS OXT  O N N 194 
HIS H    H N N 195 
HIS H2   H N N 196 
HIS HA   H N N 197 
HIS HB2  H N N 198 
HIS HB3  H N N 199 
HIS HD1  H N N 200 
HIS HD2  H N N 201 
HIS HE1  H N N 202 
HIS HE2  H N N 203 
HIS HXT  H N N 204 
HOH O    O N N 205 
HOH H1   H N N 206 
HOH H2   H N N 207 
ILE N    N N N 208 
ILE CA   C N S 209 
ILE C    C N N 210 
ILE O    O N N 211 
ILE CB   C N S 212 
ILE CG1  C N N 213 
ILE CG2  C N N 214 
ILE CD1  C N N 215 
ILE OXT  O N N 216 
ILE H    H N N 217 
ILE H2   H N N 218 
ILE HA   H N N 219 
ILE HB   H N N 220 
ILE HG12 H N N 221 
ILE HG13 H N N 222 
ILE HG21 H N N 223 
ILE HG22 H N N 224 
ILE HG23 H N N 225 
ILE HD11 H N N 226 
ILE HD12 H N N 227 
ILE HD13 H N N 228 
ILE HXT  H N N 229 
LEU N    N N N 230 
LEU CA   C N S 231 
LEU C    C N N 232 
LEU O    O N N 233 
LEU CB   C N N 234 
LEU CG   C N N 235 
LEU CD1  C N N 236 
LEU CD2  C N N 237 
LEU OXT  O N N 238 
LEU H    H N N 239 
LEU H2   H N N 240 
LEU HA   H N N 241 
LEU HB2  H N N 242 
LEU HB3  H N N 243 
LEU HG   H N N 244 
LEU HD11 H N N 245 
LEU HD12 H N N 246 
LEU HD13 H N N 247 
LEU HD21 H N N 248 
LEU HD22 H N N 249 
LEU HD23 H N N 250 
LEU HXT  H N N 251 
LYS N    N N N 252 
LYS CA   C N S 253 
LYS C    C N N 254 
LYS O    O N N 255 
LYS CB   C N N 256 
LYS CG   C N N 257 
LYS CD   C N N 258 
LYS CE   C N N 259 
LYS NZ   N N N 260 
LYS OXT  O N N 261 
LYS H    H N N 262 
LYS H2   H N N 263 
LYS HA   H N N 264 
LYS HB2  H N N 265 
LYS HB3  H N N 266 
LYS HG2  H N N 267 
LYS HG3  H N N 268 
LYS HD2  H N N 269 
LYS HD3  H N N 270 
LYS HE2  H N N 271 
LYS HE3  H N N 272 
LYS HZ1  H N N 273 
LYS HZ2  H N N 274 
LYS HZ3  H N N 275 
LYS HXT  H N N 276 
MET N    N N N 277 
MET CA   C N S 278 
MET C    C N N 279 
MET O    O N N 280 
MET CB   C N N 281 
MET CG   C N N 282 
MET SD   S N N 283 
MET CE   C N N 284 
MET OXT  O N N 285 
MET H    H N N 286 
MET H2   H N N 287 
MET HA   H N N 288 
MET HB2  H N N 289 
MET HB3  H N N 290 
MET HG2  H N N 291 
MET HG3  H N N 292 
MET HE1  H N N 293 
MET HE2  H N N 294 
MET HE3  H N N 295 
MET HXT  H N N 296 
PHE N    N N N 297 
PHE CA   C N S 298 
PHE C    C N N 299 
PHE O    O N N 300 
PHE CB   C N N 301 
PHE CG   C Y N 302 
PHE CD1  C Y N 303 
PHE CD2  C Y N 304 
PHE CE1  C Y N 305 
PHE CE2  C Y N 306 
PHE CZ   C Y N 307 
PHE OXT  O N N 308 
PHE H    H N N 309 
PHE H2   H N N 310 
PHE HA   H N N 311 
PHE HB2  H N N 312 
PHE HB3  H N N 313 
PHE HD1  H N N 314 
PHE HD2  H N N 315 
PHE HE1  H N N 316 
PHE HE2  H N N 317 
PHE HZ   H N N 318 
PHE HXT  H N N 319 
PRO N    N N N 320 
PRO CA   C N S 321 
PRO C    C N N 322 
PRO O    O N N 323 
PRO CB   C N N 324 
PRO CG   C N N 325 
PRO CD   C N N 326 
PRO OXT  O N N 327 
PRO H    H N N 328 
PRO HA   H N N 329 
PRO HB2  H N N 330 
PRO HB3  H N N 331 
PRO HG2  H N N 332 
PRO HG3  H N N 333 
PRO HD2  H N N 334 
PRO HD3  H N N 335 
PRO HXT  H N N 336 
SER N    N N N 337 
SER CA   C N S 338 
SER C    C N N 339 
SER O    O N N 340 
SER CB   C N N 341 
SER OG   O N N 342 
SER OXT  O N N 343 
SER H    H N N 344 
SER H2   H N N 345 
SER HA   H N N 346 
SER HB2  H N N 347 
SER HB3  H N N 348 
SER HG   H N N 349 
SER HXT  H N N 350 
THR N    N N N 351 
THR CA   C N S 352 
THR C    C N N 353 
THR O    O N N 354 
THR CB   C N R 355 
THR OG1  O N N 356 
THR CG2  C N N 357 
THR OXT  O N N 358 
THR H    H N N 359 
THR H2   H N N 360 
THR HA   H N N 361 
THR HB   H N N 362 
THR HG1  H N N 363 
THR HG21 H N N 364 
THR HG22 H N N 365 
THR HG23 H N N 366 
THR HXT  H N N 367 
TRP N    N N N 368 
TRP CA   C N S 369 
TRP C    C N N 370 
TRP O    O N N 371 
TRP CB   C N N 372 
TRP CG   C Y N 373 
TRP CD1  C Y N 374 
TRP CD2  C Y N 375 
TRP NE1  N Y N 376 
TRP CE2  C Y N 377 
TRP CE3  C Y N 378 
TRP CZ2  C Y N 379 
TRP CZ3  C Y N 380 
TRP CH2  C Y N 381 
TRP OXT  O N N 382 
TRP H    H N N 383 
TRP H2   H N N 384 
TRP HA   H N N 385 
TRP HB2  H N N 386 
TRP HB3  H N N 387 
TRP HD1  H N N 388 
TRP HE1  H N N 389 
TRP HE3  H N N 390 
TRP HZ2  H N N 391 
TRP HZ3  H N N 392 
TRP HH2  H N N 393 
TRP HXT  H N N 394 
TYR N    N N N 395 
TYR CA   C N S 396 
TYR C    C N N 397 
TYR O    O N N 398 
TYR CB   C N N 399 
TYR CG   C Y N 400 
TYR CD1  C Y N 401 
TYR CD2  C Y N 402 
TYR CE1  C Y N 403 
TYR CE2  C Y N 404 
TYR CZ   C Y N 405 
TYR OH   O N N 406 
TYR OXT  O N N 407 
TYR H    H N N 408 
TYR H2   H N N 409 
TYR HA   H N N 410 
TYR HB2  H N N 411 
TYR HB3  H N N 412 
TYR HD1  H N N 413 
TYR HD2  H N N 414 
TYR HE1  H N N 415 
TYR HE2  H N N 416 
TYR HH   H N N 417 
TYR HXT  H N N 418 
VAL N    N N N 419 
VAL CA   C N S 420 
VAL C    C N N 421 
VAL O    O N N 422 
VAL CB   C N N 423 
VAL CG1  C N N 424 
VAL CG2  C N N 425 
VAL OXT  O N N 426 
VAL H    H N N 427 
VAL H2   H N N 428 
VAL HA   H N N 429 
VAL HB   H N N 430 
VAL HG11 H N N 431 
VAL HG12 H N N 432 
VAL HG13 H N N 433 
VAL HG21 H N N 434 
VAL HG22 H N N 435 
VAL HG23 H N N 436 
VAL HXT  H N N 437 
# 
loop_
_chem_comp_bond.comp_id 
_chem_comp_bond.atom_id_1 
_chem_comp_bond.atom_id_2 
_chem_comp_bond.value_order 
_chem_comp_bond.pdbx_aromatic_flag 
_chem_comp_bond.pdbx_stereo_config 
_chem_comp_bond.pdbx_ordinal 
ALA N   CA   sing N N 1   
ALA N   H    sing N N 2   
ALA N   H2   sing N N 3   
ALA CA  C    sing N N 4   
ALA CA  CB   sing N N 5   
ALA CA  HA   sing N N 6   
ALA C   O    doub N N 7   
ALA C   OXT  sing N N 8   
ALA CB  HB1  sing N N 9   
ALA CB  HB2  sing N N 10  
ALA CB  HB3  sing N N 11  
ALA OXT HXT  sing N N 12  
ALY OH  CH   doub N N 13  
ALY CH  CH3  sing N N 14  
ALY CH  NZ   sing N N 15  
ALY CH3 HH31 sing N N 16  
ALY CH3 HH32 sing N N 17  
ALY CH3 HH33 sing N N 18  
ALY NZ  CE   sing N N 19  
ALY NZ  HZ   sing N N 20  
ALY CE  CD   sing N N 21  
ALY CE  HE3  sing N N 22  
ALY CE  HE2  sing N N 23  
ALY CD  CG   sing N N 24  
ALY CD  HD3  sing N N 25  
ALY CD  HD2  sing N N 26  
ALY CG  CB   sing N N 27  
ALY CG  HG3  sing N N 28  
ALY CG  HG2  sing N N 29  
ALY CB  CA   sing N N 30  
ALY CB  HB3  sing N N 31  
ALY CB  HB2  sing N N 32  
ALY CA  N    sing N N 33  
ALY CA  C    sing N N 34  
ALY CA  HA   sing N N 35  
ALY N   H    sing N N 36  
ALY N   H2   sing N N 37  
ALY C   O    doub N N 38  
ALY C   OXT  sing N N 39  
ALY OXT HXT  sing N N 40  
ARG N   CA   sing N N 41  
ARG N   H    sing N N 42  
ARG N   H2   sing N N 43  
ARG CA  C    sing N N 44  
ARG CA  CB   sing N N 45  
ARG CA  HA   sing N N 46  
ARG C   O    doub N N 47  
ARG C   OXT  sing N N 48  
ARG CB  CG   sing N N 49  
ARG CB  HB2  sing N N 50  
ARG CB  HB3  sing N N 51  
ARG CG  CD   sing N N 52  
ARG CG  HG2  sing N N 53  
ARG CG  HG3  sing N N 54  
ARG CD  NE   sing N N 55  
ARG CD  HD2  sing N N 56  
ARG CD  HD3  sing N N 57  
ARG NE  CZ   sing N N 58  
ARG NE  HE   sing N N 59  
ARG CZ  NH1  sing N N 60  
ARG CZ  NH2  doub N N 61  
ARG NH1 HH11 sing N N 62  
ARG NH1 HH12 sing N N 63  
ARG NH2 HH21 sing N N 64  
ARG NH2 HH22 sing N N 65  
ARG OXT HXT  sing N N 66  
ASN N   CA   sing N N 67  
ASN N   H    sing N N 68  
ASN N   H2   sing N N 69  
ASN CA  C    sing N N 70  
ASN CA  CB   sing N N 71  
ASN CA  HA   sing N N 72  
ASN C   O    doub N N 73  
ASN C   OXT  sing N N 74  
ASN CB  CG   sing N N 75  
ASN CB  HB2  sing N N 76  
ASN CB  HB3  sing N N 77  
ASN CG  OD1  doub N N 78  
ASN CG  ND2  sing N N 79  
ASN ND2 HD21 sing N N 80  
ASN ND2 HD22 sing N N 81  
ASN OXT HXT  sing N N 82  
ASP N   CA   sing N N 83  
ASP N   H    sing N N 84  
ASP N   H2   sing N N 85  
ASP CA  C    sing N N 86  
ASP CA  CB   sing N N 87  
ASP CA  HA   sing N N 88  
ASP C   O    doub N N 89  
ASP C   OXT  sing N N 90  
ASP CB  CG   sing N N 91  
ASP CB  HB2  sing N N 92  
ASP CB  HB3  sing N N 93  
ASP CG  OD1  doub N N 94  
ASP CG  OD2  sing N N 95  
ASP OD2 HD2  sing N N 96  
ASP OXT HXT  sing N N 97  
CYS N   CA   sing N N 98  
CYS N   H    sing N N 99  
CYS N   H2   sing N N 100 
CYS CA  C    sing N N 101 
CYS CA  CB   sing N N 102 
CYS CA  HA   sing N N 103 
CYS C   O    doub N N 104 
CYS C   OXT  sing N N 105 
CYS CB  SG   sing N N 106 
CYS CB  HB2  sing N N 107 
CYS CB  HB3  sing N N 108 
CYS SG  HG   sing N N 109 
CYS OXT HXT  sing N N 110 
DTT S1  C1   sing N N 111 
DTT S1  HS1  sing N N 112 
DTT C1  C2   sing N N 113 
DTT C1  H11  sing N N 114 
DTT C1  H12  sing N N 115 
DTT C2  O2   sing N N 116 
DTT C2  C3   sing N N 117 
DTT C2  H2   sing N N 118 
DTT O2  HO2  sing N N 119 
DTT C3  O3   sing N N 120 
DTT C3  C4   sing N N 121 
DTT C3  H3   sing N N 122 
DTT O3  HO3  sing N N 123 
DTT C4  S4   sing N N 124 
DTT C4  H41  sing N N 125 
DTT C4  H42  sing N N 126 
DTT S4  HS2  sing N N 127 
GLN N   CA   sing N N 128 
GLN N   H    sing N N 129 
GLN N   H2   sing N N 130 
GLN CA  C    sing N N 131 
GLN CA  CB   sing N N 132 
GLN CA  HA   sing N N 133 
GLN C   O    doub N N 134 
GLN C   OXT  sing N N 135 
GLN CB  CG   sing N N 136 
GLN CB  HB2  sing N N 137 
GLN CB  HB3  sing N N 138 
GLN CG  CD   sing N N 139 
GLN CG  HG2  sing N N 140 
GLN CG  HG3  sing N N 141 
GLN CD  OE1  doub N N 142 
GLN CD  NE2  sing N N 143 
GLN NE2 HE21 sing N N 144 
GLN NE2 HE22 sing N N 145 
GLN OXT HXT  sing N N 146 
GLU N   CA   sing N N 147 
GLU N   H    sing N N 148 
GLU N   H2   sing N N 149 
GLU CA  C    sing N N 150 
GLU CA  CB   sing N N 151 
GLU CA  HA   sing N N 152 
GLU C   O    doub N N 153 
GLU C   OXT  sing N N 154 
GLU CB  CG   sing N N 155 
GLU CB  HB2  sing N N 156 
GLU CB  HB3  sing N N 157 
GLU CG  CD   sing N N 158 
GLU CG  HG2  sing N N 159 
GLU CG  HG3  sing N N 160 
GLU CD  OE1  doub N N 161 
GLU CD  OE2  sing N N 162 
GLU OE2 HE2  sing N N 163 
GLU OXT HXT  sing N N 164 
GLY N   CA   sing N N 165 
GLY N   H    sing N N 166 
GLY N   H2   sing N N 167 
GLY CA  C    sing N N 168 
GLY CA  HA2  sing N N 169 
GLY CA  HA3  sing N N 170 
GLY C   O    doub N N 171 
GLY C   OXT  sing N N 172 
GLY OXT HXT  sing N N 173 
HIS N   CA   sing N N 174 
HIS N   H    sing N N 175 
HIS N   H2   sing N N 176 
HIS CA  C    sing N N 177 
HIS CA  CB   sing N N 178 
HIS CA  HA   sing N N 179 
HIS C   O    doub N N 180 
HIS C   OXT  sing N N 181 
HIS CB  CG   sing N N 182 
HIS CB  HB2  sing N N 183 
HIS CB  HB3  sing N N 184 
HIS CG  ND1  sing Y N 185 
HIS CG  CD2  doub Y N 186 
HIS ND1 CE1  doub Y N 187 
HIS ND1 HD1  sing N N 188 
HIS CD2 NE2  sing Y N 189 
HIS CD2 HD2  sing N N 190 
HIS CE1 NE2  sing Y N 191 
HIS CE1 HE1  sing N N 192 
HIS NE2 HE2  sing N N 193 
HIS OXT HXT  sing N N 194 
HOH O   H1   sing N N 195 
HOH O   H2   sing N N 196 
ILE N   CA   sing N N 197 
ILE N   H    sing N N 198 
ILE N   H2   sing N N 199 
ILE CA  C    sing N N 200 
ILE CA  CB   sing N N 201 
ILE CA  HA   sing N N 202 
ILE C   O    doub N N 203 
ILE C   OXT  sing N N 204 
ILE CB  CG1  sing N N 205 
ILE CB  CG2  sing N N 206 
ILE CB  HB   sing N N 207 
ILE CG1 CD1  sing N N 208 
ILE CG1 HG12 sing N N 209 
ILE CG1 HG13 sing N N 210 
ILE CG2 HG21 sing N N 211 
ILE CG2 HG22 sing N N 212 
ILE CG2 HG23 sing N N 213 
ILE CD1 HD11 sing N N 214 
ILE CD1 HD12 sing N N 215 
ILE CD1 HD13 sing N N 216 
ILE OXT HXT  sing N N 217 
LEU N   CA   sing N N 218 
LEU N   H    sing N N 219 
LEU N   H2   sing N N 220 
LEU CA  C    sing N N 221 
LEU CA  CB   sing N N 222 
LEU CA  HA   sing N N 223 
LEU C   O    doub N N 224 
LEU C   OXT  sing N N 225 
LEU CB  CG   sing N N 226 
LEU CB  HB2  sing N N 227 
LEU CB  HB3  sing N N 228 
LEU CG  CD1  sing N N 229 
LEU CG  CD2  sing N N 230 
LEU CG  HG   sing N N 231 
LEU CD1 HD11 sing N N 232 
LEU CD1 HD12 sing N N 233 
LEU CD1 HD13 sing N N 234 
LEU CD2 HD21 sing N N 235 
LEU CD2 HD22 sing N N 236 
LEU CD2 HD23 sing N N 237 
LEU OXT HXT  sing N N 238 
LYS N   CA   sing N N 239 
LYS N   H    sing N N 240 
LYS N   H2   sing N N 241 
LYS CA  C    sing N N 242 
LYS CA  CB   sing N N 243 
LYS CA  HA   sing N N 244 
LYS C   O    doub N N 245 
LYS C   OXT  sing N N 246 
LYS CB  CG   sing N N 247 
LYS CB  HB2  sing N N 248 
LYS CB  HB3  sing N N 249 
LYS CG  CD   sing N N 250 
LYS CG  HG2  sing N N 251 
LYS CG  HG3  sing N N 252 
LYS CD  CE   sing N N 253 
LYS CD  HD2  sing N N 254 
LYS CD  HD3  sing N N 255 
LYS CE  NZ   sing N N 256 
LYS CE  HE2  sing N N 257 
LYS CE  HE3  sing N N 258 
LYS NZ  HZ1  sing N N 259 
LYS NZ  HZ2  sing N N 260 
LYS NZ  HZ3  sing N N 261 
LYS OXT HXT  sing N N 262 
MET N   CA   sing N N 263 
MET N   H    sing N N 264 
MET N   H2   sing N N 265 
MET CA  C    sing N N 266 
MET CA  CB   sing N N 267 
MET CA  HA   sing N N 268 
MET C   O    doub N N 269 
MET C   OXT  sing N N 270 
MET CB  CG   sing N N 271 
MET CB  HB2  sing N N 272 
MET CB  HB3  sing N N 273 
MET CG  SD   sing N N 274 
MET CG  HG2  sing N N 275 
MET CG  HG3  sing N N 276 
MET SD  CE   sing N N 277 
MET CE  HE1  sing N N 278 
MET CE  HE2  sing N N 279 
MET CE  HE3  sing N N 280 
MET OXT HXT  sing N N 281 
PHE N   CA   sing N N 282 
PHE N   H    sing N N 283 
PHE N   H2   sing N N 284 
PHE CA  C    sing N N 285 
PHE CA  CB   sing N N 286 
PHE CA  HA   sing N N 287 
PHE C   O    doub N N 288 
PHE C   OXT  sing N N 289 
PHE CB  CG   sing N N 290 
PHE CB  HB2  sing N N 291 
PHE CB  HB3  sing N N 292 
PHE CG  CD1  doub Y N 293 
PHE CG  CD2  sing Y N 294 
PHE CD1 CE1  sing Y N 295 
PHE CD1 HD1  sing N N 296 
PHE CD2 CE2  doub Y N 297 
PHE CD2 HD2  sing N N 298 
PHE CE1 CZ   doub Y N 299 
PHE CE1 HE1  sing N N 300 
PHE CE2 CZ   sing Y N 301 
PHE CE2 HE2  sing N N 302 
PHE CZ  HZ   sing N N 303 
PHE OXT HXT  sing N N 304 
PRO N   CA   sing N N 305 
PRO N   CD   sing N N 306 
PRO N   H    sing N N 307 
PRO CA  C    sing N N 308 
PRO CA  CB   sing N N 309 
PRO CA  HA   sing N N 310 
PRO C   O    doub N N 311 
PRO C   OXT  sing N N 312 
PRO CB  CG   sing N N 313 
PRO CB  HB2  sing N N 314 
PRO CB  HB3  sing N N 315 
PRO CG  CD   sing N N 316 
PRO CG  HG2  sing N N 317 
PRO CG  HG3  sing N N 318 
PRO CD  HD2  sing N N 319 
PRO CD  HD3  sing N N 320 
PRO OXT HXT  sing N N 321 
SER N   CA   sing N N 322 
SER N   H    sing N N 323 
SER N   H2   sing N N 324 
SER CA  C    sing N N 325 
SER CA  CB   sing N N 326 
SER CA  HA   sing N N 327 
SER C   O    doub N N 328 
SER C   OXT  sing N N 329 
SER CB  OG   sing N N 330 
SER CB  HB2  sing N N 331 
SER CB  HB3  sing N N 332 
SER OG  HG   sing N N 333 
SER OXT HXT  sing N N 334 
THR N   CA   sing N N 335 
THR N   H    sing N N 336 
THR N   H2   sing N N 337 
THR CA  C    sing N N 338 
THR CA  CB   sing N N 339 
THR CA  HA   sing N N 340 
THR C   O    doub N N 341 
THR C   OXT  sing N N 342 
THR CB  OG1  sing N N 343 
THR CB  CG2  sing N N 344 
THR CB  HB   sing N N 345 
THR OG1 HG1  sing N N 346 
THR CG2 HG21 sing N N 347 
THR CG2 HG22 sing N N 348 
THR CG2 HG23 sing N N 349 
THR OXT HXT  sing N N 350 
TRP N   CA   sing N N 351 
TRP N   H    sing N N 352 
TRP N   H2   sing N N 353 
TRP CA  C    sing N N 354 
TRP CA  CB   sing N N 355 
TRP CA  HA   sing N N 356 
TRP C   O    doub N N 357 
TRP C   OXT  sing N N 358 
TRP CB  CG   sing N N 359 
TRP CB  HB2  sing N N 360 
TRP CB  HB3  sing N N 361 
TRP CG  CD1  doub Y N 362 
TRP CG  CD2  sing Y N 363 
TRP CD1 NE1  sing Y N 364 
TRP CD1 HD1  sing N N 365 
TRP CD2 CE2  doub Y N 366 
TRP CD2 CE3  sing Y N 367 
TRP NE1 CE2  sing Y N 368 
TRP NE1 HE1  sing N N 369 
TRP CE2 CZ2  sing Y N 370 
TRP CE3 CZ3  doub Y N 371 
TRP CE3 HE3  sing N N 372 
TRP CZ2 CH2  doub Y N 373 
TRP CZ2 HZ2  sing N N 374 
TRP CZ3 CH2  sing Y N 375 
TRP CZ3 HZ3  sing N N 376 
TRP CH2 HH2  sing N N 377 
TRP OXT HXT  sing N N 378 
TYR N   CA   sing N N 379 
TYR N   H    sing N N 380 
TYR N   H2   sing N N 381 
TYR CA  C    sing N N 382 
TYR CA  CB   sing N N 383 
TYR CA  HA   sing N N 384 
TYR C   O    doub N N 385 
TYR C   OXT  sing N N 386 
TYR CB  CG   sing N N 387 
TYR CB  HB2  sing N N 388 
TYR CB  HB3  sing N N 389 
TYR CG  CD1  doub Y N 390 
TYR CG  CD2  sing Y N 391 
TYR CD1 CE1  sing Y N 392 
TYR CD1 HD1  sing N N 393 
TYR CD2 CE2  doub Y N 394 
TYR CD2 HD2  sing N N 395 
TYR CE1 CZ   doub Y N 396 
TYR CE1 HE1  sing N N 397 
TYR CE2 CZ   sing Y N 398 
TYR CE2 HE2  sing N N 399 
TYR CZ  OH   sing N N 400 
TYR OH  HH   sing N N 401 
TYR OXT HXT  sing N N 402 
VAL N   CA   sing N N 403 
VAL N   H    sing N N 404 
VAL N   H2   sing N N 405 
VAL CA  C    sing N N 406 
VAL CA  CB   sing N N 407 
VAL CA  HA   sing N N 408 
VAL C   O    doub N N 409 
VAL C   OXT  sing N N 410 
VAL CB  CG1  sing N N 411 
VAL CB  CG2  sing N N 412 
VAL CB  HB   sing N N 413 
VAL CG1 HG11 sing N N 414 
VAL CG1 HG12 sing N N 415 
VAL CG1 HG13 sing N N 416 
VAL CG2 HG21 sing N N 417 
VAL CG2 HG22 sing N N 418 
VAL CG2 HG23 sing N N 419 
VAL OXT HXT  sing N N 420 
# 
_atom_sites.entry_id                    4KV4 
_atom_sites.fract_transf_matrix[1][1]   -0.01233623 
_atom_sites.fract_transf_matrix[1][2]   0.01063054 
_atom_sites.fract_transf_matrix[1][3]   0.00650541 
_atom_sites.fract_transf_matrix[2][1]   0.00954470 
_atom_sites.fract_transf_matrix[2][2]   0.00698242 
_atom_sites.fract_transf_matrix[2][3]   0.00668962 
_atom_sites.fract_transf_matrix[3][1]   0.00320663 
_atom_sites.fract_transf_matrix[3][2]   0.01805057 
_atom_sites.fract_transf_matrix[3][3]   -0.02341586 
_atom_sites.fract_transf_vector[1]      0.686691 
_atom_sites.fract_transf_vector[2]      -0.027810 
_atom_sites.fract_transf_vector[3]      0.352858 
# 
loop_
_atom_type.symbol 
C 
N 
O 
S 
# 
loop_
_atom_site.group_PDB 
_atom_site.id 
_atom_site.type_symbol 
_atom_site.label_atom_id 
_atom_site.label_alt_id 
_atom_site.label_comp_id 
_atom_site.label_asym_id 
_atom_site.label_entity_id 
_atom_site.label_seq_id 
_atom_site.pdbx_PDB_ins_code 
_atom_site.Cartn_x 
_atom_site.Cartn_y 
_atom_site.Cartn_z 
_atom_site.occupancy 
_atom_site.B_iso_or_equiv 
_atom_site.pdbx_formal_charge 
_atom_site.auth_seq_id 
_atom_site.auth_comp_id 
_atom_site.auth_asym_id 
_atom_site.auth_atom_id 
_atom_site.pdbx_PDB_model_num 
ATOM   1    N N   . ALA A 1 1   ? 14.768  -1.206  19.371  1.00 47.62 ? 4   ALA A N   1 
ATOM   2    C CA  . ALA A 1 1   ? 14.830  -1.488  17.932  1.00 52.62 ? 4   ALA A CA  1 
ATOM   3    C C   . ALA A 1 1   ? 13.438  -1.697  17.343  1.00 47.71 ? 4   ALA A C   1 
ATOM   4    O O   . ALA A 1 1   ? 13.016  -0.940  16.472  1.00 48.89 ? 4   ALA A O   1 
ATOM   5    C CB  . ALA A 1 1   ? 15.703  -2.699  17.654  1.00 47.51 ? 4   ALA A CB  1 
ATOM   6    N N   . GLY A 1 2   ? 12.741  -2.730  17.815  1.00 47.07 ? 5   GLY A N   1 
ATOM   7    C CA  . GLY A 1 2   ? 11.374  -2.977  17.399  1.00 47.60 ? 5   GLY A CA  1 
ATOM   8    C C   . GLY A 1 2   ? 10.600  -1.682  17.496  1.00 47.11 ? 5   GLY A C   1 
ATOM   9    O O   . GLY A 1 2   ? 9.856   -1.307  16.586  1.00 43.96 ? 5   GLY A O   1 
ATOM   10   N N   . SER A 1 3   ? 10.810  -0.978  18.600  1.00 45.42 ? 6   SER A N   1 
ATOM   11   C CA  . SER A 1 3   ? 10.097  0.260   18.860  1.00 47.06 ? 6   SER A CA  1 
ATOM   12   C C   . SER A 1 3   ? 10.524  1.376   17.912  1.00 46.19 ? 6   SER A C   1 
ATOM   13   O O   . SER A 1 3   ? 9.683   2.086   17.353  1.00 45.55 ? 6   SER A O   1 
ATOM   14   C CB  . SER A 1 3   ? 10.321  0.689   20.312  1.00 50.43 ? 6   SER A CB  1 
ATOM   15   O OG  . SER A 1 3   ? 9.421   1.717   20.674  1.00 56.14 ? 6   SER A OG  1 
ATOM   16   N N   . GLU A 1 4   ? 11.828  1.541   17.736  1.00 44.45 ? 7   GLU A N   1 
ATOM   17   C CA  . GLU A 1 4   ? 12.326  2.599   16.867  1.00 47.07 ? 7   GLU A CA  1 
ATOM   18   C C   . GLU A 1 4   ? 11.928  2.371   15.415  1.00 43.22 ? 7   GLU A C   1 
ATOM   19   O O   . GLU A 1 4   ? 11.572  3.314   14.709  1.00 43.35 ? 7   GLU A O   1 
ATOM   20   C CB  . GLU A 1 4   ? 13.847  2.761   17.001  1.00 47.89 ? 7   GLU A CB  1 
ATOM   21   C CG  . GLU A 1 4   ? 14.262  3.247   18.381  1.00 53.99 ? 7   GLU A CG  1 
ATOM   22   C CD  . GLU A 1 4   ? 13.312  4.318   18.926  1.00 62.27 ? 7   GLU A CD  1 
ATOM   23   O OE1 . GLU A 1 4   ? 13.229  5.412   18.318  1.00 62.57 ? 7   GLU A OE1 1 
ATOM   24   O OE2 . GLU A 1 4   ? 12.635  4.061   19.953  1.00 63.35 ? 7   GLU A OE2 1 
ATOM   25   N N   . GLN A 1 5   ? 11.972  1.116   14.978  1.00 41.52 ? 8   GLN A N   1 
ATOM   26   C CA  . GLN A 1 5   ? 11.662  0.799   13.590  1.00 41.65 ? 8   GLN A CA  1 
ATOM   27   C C   . GLN A 1 5   ? 10.202  1.074   13.223  1.00 36.54 ? 8   GLN A C   1 
ATOM   28   O O   . GLN A 1 5   ? 9.934   1.662   12.184  1.00 33.10 ? 8   GLN A O   1 
ATOM   29   C CB  . GLN A 1 5   ? 12.094  -0.628  13.250  1.00 40.16 ? 8   GLN A CB  1 
ATOM   30   C CG  . GLN A 1 5   ? 13.613  -0.791  13.316  1.00 42.57 ? 8   GLN A CG  1 
ATOM   31   C CD  . GLN A 1 5   ? 14.146  -1.874  12.395  1.00 45.06 ? 8   GLN A CD  1 
ATOM   32   O OE1 . GLN A 1 5   ? 13.587  -2.968  12.322  1.00 45.21 ? 8   GLN A OE1 1 
ATOM   33   N NE2 . GLN A 1 5   ? 15.233  -1.568  11.678  1.00 45.90 ? 8   GLN A NE2 1 
ATOM   34   N N   . LEU A 1 6   ? 9.266   0.674   14.081  1.00 35.05 ? 9   LEU A N   1 
ATOM   35   C CA  . LEU A 1 6   ? 7.853   0.986   13.859  1.00 36.03 ? 9   LEU A CA  1 
ATOM   36   C C   . LEU A 1 6   ? 7.554   2.496   13.825  1.00 35.22 ? 9   LEU A C   1 
ATOM   37   O O   . LEU A 1 6   ? 6.600   2.928   13.169  1.00 31.75 ? 9   LEU A O   1 
ATOM   38   C CB  . LEU A 1 6   ? 6.961   0.284   14.883  1.00 35.99 ? 9   LEU A CB  1 
ATOM   39   C CG  . LEU A 1 6   ? 6.905   -1.245  14.821  1.00 35.21 ? 9   LEU A CG  1 
ATOM   40   C CD1 . LEU A 1 6   ? 6.359   -1.818  16.127  1.00 37.99 ? 9   LEU A CD1 1 
ATOM   41   C CD2 . LEU A 1 6   ? 6.072   -1.703  13.640  1.00 32.67 ? 9   LEU A CD2 1 
ATOM   42   N N   . LYS A 1 7   ? 8.352   3.299   14.527  1.00 34.80 ? 10  LYS A N   1 
ATOM   43   C CA  . LYS A 1 7   ? 8.221   4.749   14.412  1.00 36.49 ? 10  LYS A CA  1 
ATOM   44   C C   . LYS A 1 7   ? 8.695   5.211   13.036  1.00 34.74 ? 10  LYS A C   1 
ATOM   45   O O   . LYS A 1 7   ? 8.136   6.140   12.451  1.00 33.57 ? 10  LYS A O   1 
ATOM   46   C CB  . LYS A 1 7   ? 9.015   5.475   15.505  1.00 42.29 ? 10  LYS A CB  1 
ATOM   47   C CG  . LYS A 1 7   ? 8.601   5.134   16.940  1.00 45.85 ? 10  LYS A CG  1 
ATOM   48   C CD  . LYS A 1 7   ? 9.100   6.202   17.918  1.00 53.32 ? 10  LYS A CD  1 
ATOM   49   C CE  . LYS A 1 7   ? 10.115  5.648   18.910  1.00 55.36 ? 10  LYS A CE  1 
ATOM   50   N NZ  . LYS A 1 7   ? 9.545   4.579   19.780  1.00 57.20 ? 10  LYS A NZ  1 
ATOM   51   N N   . CYS A 1 8   ? 9.732   4.563   12.520  1.00 32.30 ? 11  CYS A N   1 
ATOM   52   C CA  . CYS A 1 8   ? 10.176  4.850   11.160  1.00 34.87 ? 11  CYS A CA  1 
ATOM   53   C C   . CYS A 1 8   ? 9.079   4.428   10.191  1.00 30.98 ? 11  CYS A C   1 
ATOM   54   O O   . CYS A 1 8   ? 8.791   5.128   9.226   1.00 29.71 ? 11  CYS A O   1 
ATOM   55   C CB  . CYS A 1 8   ? 11.491  4.126   10.838  1.00 38.79 ? 11  CYS A CB  1 
ATOM   56   S SG  . CYS A 1 8   ? 12.919  4.669   11.847  1.00 43.93 ? 11  CYS A SG  1 
ATOM   57   N N   . CYS A 1 9   ? 8.452   3.286   10.466  1.00 29.90 ? 12  CYS A N   1 
ATOM   58   C CA  . CYS A 1 9   ? 7.364   2.795   9.618   1.00 28.96 ? 12  CYS A CA  1 
ATOM   59   C C   . CYS A 1 9   ? 6.219   3.808   9.536   1.00 30.43 ? 12  CYS A C   1 
ATOM   60   O O   . CYS A 1 9   ? 5.640   4.028   8.469   1.00 28.03 ? 12  CYS A O   1 
ATOM   61   C CB  . CYS A 1 9   ? 6.837   1.449   10.123  1.00 28.91 ? 12  CYS A CB  1 
ATOM   62   S SG  . CYS A 1 9   ? 7.954   0.042   9.871   1.00 31.55 ? 12  CYS A SG  1 
ATOM   63   N N   . SER A 1 10  ? 5.891   4.425   10.666  1.00 30.39 ? 13  SER A N   1 
ATOM   64   C CA  . SER A 1 10  ? 4.856   5.448   10.681  1.00 29.16 ? 13  SER A CA  1 
ATOM   65   C C   . SER A 1 10  ? 5.274   6.627   9.798   1.00 28.49 ? 13  SER A C   1 
ATOM   66   O O   . SER A 1 10  ? 4.470   7.165   9.045   1.00 29.01 ? 13  SER A O   1 
ATOM   67   C CB  . SER A 1 10  ? 4.582   5.900   12.110  1.00 33.86 ? 13  SER A CB  1 
ATOM   68   O OG  . SER A 1 10  ? 3.545   6.862   12.132  1.00 37.12 ? 13  SER A OG  1 
ATOM   69   N N   . GLY A 1 11  ? 6.545   7.005   9.874   1.00 28.89 ? 14  GLY A N   1 
ATOM   70   C CA  . GLY A 1 11  ? 7.078   8.056   9.027   1.00 30.48 ? 14  GLY A CA  1 
ATOM   71   C C   . GLY A 1 11  ? 6.996   7.723   7.548   1.00 28.32 ? 14  GLY A C   1 
ATOM   72   O O   . GLY A 1 11  ? 6.698   8.587   6.719   1.00 25.98 ? 14  GLY A O   1 
ATOM   73   N N   . ILE A 1 12  ? 7.274   6.468   7.209   1.00 25.75 ? 15  ILE A N   1 
ATOM   74   C CA  . ILE A 1 12  ? 7.216   6.042   5.820   1.00 24.47 ? 15  ILE A CA  1 
ATOM   75   C C   . ILE A 1 12  ? 5.789   6.173   5.298   1.00 24.49 ? 15  ILE A C   1 
ATOM   76   O O   . ILE A 1 12  ? 5.563   6.778   4.265   1.00 26.01 ? 15  ILE A O   1 
ATOM   77   C CB  . ILE A 1 12  ? 7.747   4.589   5.653   1.00 26.65 ? 15  ILE A CB  1 
ATOM   78   C CG1 . ILE A 1 12  ? 9.257   4.565   5.906   1.00 23.08 ? 15  ILE A CG1 1 
ATOM   79   C CG2 . ILE A 1 12  ? 7.407   4.042   4.273   1.00 22.90 ? 15  ILE A CG2 1 
ATOM   80   C CD1 . ILE A 1 12  ? 9.843   3.141   5.998   1.00 27.64 ? 15  ILE A CD1 1 
ATOM   81   N N   . LEU A 1 13  ? 4.823   5.628   6.029   1.00 26.62 ? 16  LEU A N   1 
ATOM   82   C CA  . LEU A 1 13  ? 3.428   5.721   5.613   1.00 27.65 ? 16  LEU A CA  1 
ATOM   83   C C   . LEU A 1 13  ? 2.979   7.177   5.509   1.00 28.06 ? 16  LEU A C   1 
ATOM   84   O O   . LEU A 1 13  ? 2.216   7.535   4.623   1.00 27.60 ? 16  LEU A O   1 
ATOM   85   C CB  . LEU A 1 13  ? 2.524   4.963   6.583   1.00 29.93 ? 16  LEU A CB  1 
ATOM   86   C CG  . LEU A 1 13  ? 1.110   4.618   6.070   1.00 29.85 ? 16  LEU A CG  1 
ATOM   87   C CD1 . LEU A 1 13  ? 1.174   3.600   4.941   1.00 29.71 ? 16  LEU A CD1 1 
ATOM   88   C CD2 . LEU A 1 13  ? 0.270   4.084   7.224   1.00 31.37 ? 16  LEU A CD2 1 
ATOM   89   N N   . LYS A 1 14  ? 3.457   8.016   6.420   1.00 26.83 ? 17  LYS A N   1 
ATOM   90   C CA  . LYS A 1 14  ? 3.129   9.432   6.366   1.00 30.49 ? 17  LYS A CA  1 
ATOM   91   C C   . LYS A 1 14  ? 3.611   10.060  5.067   1.00 27.71 ? 17  LYS A C   1 
ATOM   92   O O   . LYS A 1 14  ? 2.902   10.859  4.447   1.00 25.70 ? 17  LYS A O   1 
ATOM   93   C CB  . LYS A 1 14  ? 3.736   10.162  7.560   1.00 33.52 ? 17  LYS A CB  1 
ATOM   94   C CG  . LYS A 1 14  ? 3.530   11.677  7.517   1.00 36.26 ? 17  LYS A CG  1 
ATOM   95   C CD  . LYS A 1 14  ? 3.297   12.196  8.921   1.00 47.26 ? 17  LYS A CD  1 
ATOM   96   C CE  . LYS A 1 14  ? 3.849   13.599  9.104   1.00 53.62 ? 17  LYS A CE  1 
ATOM   97   N NZ  . LYS A 1 14  ? 4.302   13.764  10.520  1.00 55.09 ? 17  LYS A NZ  1 
ATOM   98   N N   . GLU A 1 15  ? 4.818   9.703   4.643   1.00 28.89 ? 18  GLU A N   1 
ATOM   99   C CA  . GLU A 1 15  ? 5.323   10.220  3.376   1.00 27.72 ? 18  GLU A CA  1 
ATOM   100  C C   . GLU A 1 15  ? 4.509   9.686   2.203   1.00 28.17 ? 18  GLU A C   1 
ATOM   101  O O   . GLU A 1 15  ? 4.244   10.406  1.234   1.00 27.26 ? 18  GLU A O   1 
ATOM   102  C CB  . GLU A 1 15  ? 6.798   9.890   3.156   1.00 27.46 ? 18  GLU A CB  1 
ATOM   103  C CG  . GLU A 1 15  ? 7.213   10.237  1.723   1.00 31.31 ? 18  GLU A CG  1 
ATOM   104  C CD  . GLU A 1 15  ? 8.709   10.399  1.528   1.00 32.93 ? 18  GLU A CD  1 
ATOM   105  O OE1 . GLU A 1 15  ? 9.457   10.315  2.529   1.00 32.73 ? 18  GLU A OE1 1 
ATOM   106  O OE2 . GLU A 1 15  ? 9.131   10.626  0.366   1.00 32.69 ? 18  GLU A OE2 1 
ATOM   107  N N   . MET A 1 16  ? 4.100   8.424   2.285   1.00 27.87 ? 19  MET A N   1 
ATOM   108  C CA  . MET A 1 16  ? 3.301   7.849   1.211   1.00 27.37 ? 19  MET A CA  1 
ATOM   109  C C   . MET A 1 16  ? 1.949   8.577   1.068   1.00 28.28 ? 19  MET A C   1 
ATOM   110  O O   . MET A 1 16  ? 1.380   8.633   -0.026  1.00 26.03 ? 19  MET A O   1 
ATOM   111  C CB  . MET A 1 16  ? 3.118   6.350   1.421   1.00 25.55 ? 19  MET A CB  1 
ATOM   112  C CG  . MET A 1 16  ? 4.416   5.555   1.235   1.00 26.60 ? 19  MET A CG  1 
ATOM   113  S SD  . MET A 1 16  ? 4.318   3.880   1.891   1.00 26.82 ? 19  MET A SD  1 
ATOM   114  C CE  . MET A 1 16  ? 3.155   3.145   0.732   1.00 24.57 ? 19  MET A CE  1 
ATOM   115  N N   . PHE A 1 17  ? 1.461   9.142   2.174   1.00 25.67 ? 20  PHE A N   1 
ATOM   116  C CA  . PHE A 1 17  ? 0.207   9.907   2.188   1.00 29.22 ? 20  PHE A CA  1 
ATOM   117  C C   . PHE A 1 17  ? 0.385   11.386  1.804   1.00 28.65 ? 20  PHE A C   1 
ATOM   118  O O   . PHE A 1 17  ? -0.595  12.119  1.717   1.00 31.57 ? 20  PHE A O   1 
ATOM   119  C CB  . PHE A 1 17  ? -0.437  9.860   3.584   1.00 27.17 ? 20  PHE A CB  1 
ATOM   120  C CG  . PHE A 1 17  ? -1.430  8.738   3.782   1.00 26.88 ? 20  PHE A CG  1 
ATOM   121  C CD1 . PHE A 1 17  ? -1.196  7.744   4.734   1.00 26.21 ? 20  PHE A CD1 1 
ATOM   122  C CD2 . PHE A 1 17  ? -2.603  8.689   3.047   1.00 25.44 ? 20  PHE A CD2 1 
ATOM   123  C CE1 . PHE A 1 17  ? -2.113  6.717   4.945   1.00 23.86 ? 20  PHE A CE1 1 
ATOM   124  C CE2 . PHE A 1 17  ? -3.525  7.652   3.244   1.00 27.50 ? 20  PHE A CE2 1 
ATOM   125  C CZ  . PHE A 1 17  ? -3.283  6.670   4.203   1.00 23.90 ? 20  PHE A CZ  1 
ATOM   126  N N   . ALA A 1 18  ? 1.627   11.820  1.596   1.00 28.60 ? 21  ALA A N   1 
ATOM   127  C CA  . ALA A 1 18  ? 1.943   13.232  1.397   1.00 30.96 ? 21  ALA A CA  1 
ATOM   128  C C   . ALA A 1 18  ? 1.592   13.717  -0.004  1.00 31.37 ? 21  ALA A C   1 
ATOM   129  O O   . ALA A 1 18  ? 1.475   12.919  -0.938  1.00 27.64 ? 21  ALA A O   1 
ATOM   130  C CB  . ALA A 1 18  ? 3.418   13.494  1.697   1.00 30.66 ? 21  ALA A CB  1 
ATOM   131  N N   . LYS A 1 19  ? 1.427   15.033  -0.140  1.00 35.30 ? 22  LYS A N   1 
ATOM   132  C CA  . LYS A 1 19  ? 1.060   15.660  -1.417  1.00 30.88 ? 22  LYS A CA  1 
ATOM   133  C C   . LYS A 1 19  ? 2.097   15.346  -2.460  1.00 30.86 ? 22  LYS A C   1 
ATOM   134  O O   . LYS A 1 19  ? 1.782   15.185  -3.638  1.00 32.37 ? 22  LYS A O   1 
ATOM   135  C CB  . LYS A 1 19  ? 0.987   17.179  -1.251  1.00 38.08 ? 22  LYS A CB  1 
ATOM   136  C CG  . LYS A 1 19  ? 0.238   17.639  -0.012  1.00 41.18 ? 22  LYS A CG  1 
ATOM   137  C CD  . LYS A 1 19  ? 1.212   18.132  1.073   1.00 49.83 ? 22  LYS A CD  1 
ATOM   138  C CE  . LYS A 1 19  ? 1.703   16.991  1.977   1.00 45.86 ? 22  LYS A CE  1 
ATOM   139  N NZ  . LYS A 1 19  ? 0.556   16.271  2.610   1.00 43.54 ? 22  LYS A NZ  1 
ATOM   140  N N   . LYS A 1 20  ? 3.349   15.261  -2.017  1.00 32.21 ? 23  LYS A N   1 
ATOM   141  C CA  . LYS A 1 20  ? 4.457   14.980  -2.913  1.00 32.01 ? 23  LYS A CA  1 
ATOM   142  C C   . LYS A 1 20  ? 4.159   13.800  -3.833  1.00 31.47 ? 23  LYS A C   1 
ATOM   143  O O   . LYS A 1 20  ? 4.466   13.841  -5.024  1.00 32.09 ? 23  LYS A O   1 
ATOM   144  C CB  . LYS A 1 20  ? 5.737   14.729  -2.109  1.00 35.44 ? 23  LYS A CB  1 
ATOM   145  C CG  . LYS A 1 20  ? 6.929   14.417  -2.979  1.00 36.68 ? 23  LYS A CG  1 
ATOM   146  C CD  . LYS A 1 20  ? 8.239   14.436  -2.211  1.00 34.90 ? 23  LYS A CD  1 
ATOM   147  C CE  . LYS A 1 20  ? 9.391   14.328  -3.210  1.00 38.84 ? 23  LYS A CE  1 
ATOM   148  N NZ  . LYS A 1 20  ? 10.714  14.148  -2.560  1.00 38.09 ? 23  LYS A NZ  1 
ATOM   149  N N   . HIS A 1 21  ? 3.526   12.762  -3.288  1.00 30.01 ? 24  HIS A N   1 
ATOM   150  C CA  . HIS A 1 21  ? 3.283   11.522  -4.043  1.00 28.85 ? 24  HIS A CA  1 
ATOM   151  C C   . HIS A 1 21  ? 1.820   11.309  -4.453  1.00 28.62 ? 24  HIS A C   1 
ATOM   152  O O   . HIS A 1 21  ? 1.498   10.303  -5.092  1.00 28.62 ? 24  HIS A O   1 
ATOM   153  C CB  . HIS A 1 21  ? 3.765   10.317  -3.221  1.00 26.95 ? 24  HIS A CB  1 
ATOM   154  C CG  . HIS A 1 21  ? 5.178   10.441  -2.760  1.00 28.56 ? 24  HIS A CG  1 
ATOM   155  N ND1 . HIS A 1 21  ? 6.253   10.382  -3.625  1.00 29.82 ? 24  HIS A ND1 1 
ATOM   156  C CD2 . HIS A 1 21  ? 5.701   10.654  -1.529  1.00 30.05 ? 24  HIS A CD2 1 
ATOM   157  C CE1 . HIS A 1 21  ? 7.372   10.534  -2.943  1.00 32.73 ? 24  HIS A CE1 1 
ATOM   158  N NE2 . HIS A 1 21  ? 7.065   10.700  -1.666  1.00 31.42 ? 24  HIS A NE2 1 
ATOM   159  N N   . ALA A 1 22  ? 0.942   12.250  -4.106  1.00 29.06 ? 25  ALA A N   1 
ATOM   160  C CA  . ALA A 1 22  ? -0.502  12.064  -4.287  1.00 26.99 ? 25  ALA A CA  1 
ATOM   161  C C   . ALA A 1 22  ? -0.913  11.712  -5.716  1.00 27.15 ? 25  ALA A C   1 
ATOM   162  O O   . ALA A 1 22  ? -1.929  11.045  -5.939  1.00 27.37 ? 25  ALA A O   1 
ATOM   163  C CB  . ALA A 1 22  ? -1.273  13.309  -3.796  1.00 30.63 ? 25  ALA A CB  1 
ATOM   164  N N   . ALA A 1 23  ? -0.126  12.154  -6.684  1.00 28.86 ? 26  ALA A N   1 
ATOM   165  C CA  . ALA A 1 23  ? -0.474  11.958  -8.090  1.00 31.39 ? 26  ALA A CA  1 
ATOM   166  C C   . ALA A 1 23  ? -0.544  10.479  -8.475  1.00 28.92 ? 26  ALA A C   1 
ATOM   167  O O   . ALA A 1 23  ? -1.267  10.097  -9.395  1.00 28.50 ? 26  ALA A O   1 
ATOM   168  C CB  . ALA A 1 23  ? 0.514   12.704  -8.991  1.00 36.06 ? 26  ALA A CB  1 
ATOM   169  N N   . TYR A 1 24  ? 0.213   9.644   -7.775  1.00 28.44 ? 27  TYR A N   1 
ATOM   170  C CA  . TYR A 1 24  ? 0.186   8.214   -8.056  1.00 27.13 ? 27  TYR A CA  1 
ATOM   171  C C   . TYR A 1 24  ? -0.207  7.386   -6.825  1.00 24.27 ? 27  TYR A C   1 
ATOM   172  O O   . TYR A 1 24  ? -0.539  6.217   -6.943  1.00 26.48 ? 27  TYR A O   1 
ATOM   173  C CB  . TYR A 1 24  ? 1.523   7.742   -8.643  1.00 24.04 ? 27  TYR A CB  1 
ATOM   174  C CG  . TYR A 1 24  ? 2.750   8.338   -7.978  1.00 27.57 ? 27  TYR A CG  1 
ATOM   175  C CD1 . TYR A 1 24  ? 3.332   7.730   -6.873  1.00 25.54 ? 27  TYR A CD1 1 
ATOM   176  C CD2 . TYR A 1 24  ? 3.339   9.504   -8.473  1.00 28.73 ? 27  TYR A CD2 1 
ATOM   177  C CE1 . TYR A 1 24  ? 4.453   8.269   -6.273  1.00 25.14 ? 27  TYR A CE1 1 
ATOM   178  C CE2 . TYR A 1 24  ? 4.464   10.043  -7.883  1.00 24.96 ? 27  TYR A CE2 1 
ATOM   179  C CZ  . TYR A 1 24  ? 5.013   9.424   -6.776  1.00 28.84 ? 27  TYR A CZ  1 
ATOM   180  O OH  . TYR A 1 24  ? 6.130   9.965   -6.178  1.00 30.37 ? 27  TYR A OH  1 
ATOM   181  N N   . ALA A 1 25  ? -0.200  7.999   -5.649  1.00 24.95 ? 28  ALA A N   1 
ATOM   182  C CA  . ALA A 1 25  ? -0.527  7.256   -4.428  1.00 25.92 ? 28  ALA A CA  1 
ATOM   183  C C   . ALA A 1 25  ? -2.034  7.084   -4.193  1.00 24.92 ? 28  ALA A C   1 
ATOM   184  O O   . ALA A 1 25  ? -2.464  6.143   -3.518  1.00 25.40 ? 28  ALA A O   1 
ATOM   185  C CB  . ALA A 1 25  ? 0.131   7.910   -3.226  1.00 23.73 ? 28  ALA A CB  1 
ATOM   186  N N   . TRP A 1 26  ? -2.841  7.982   -4.751  1.00 26.19 ? 29  TRP A N   1 
ATOM   187  C CA  . TRP A 1 26  ? -4.251  8.073   -4.354  1.00 24.16 ? 29  TRP A CA  1 
ATOM   188  C C   . TRP A 1 26  ? -5.096  6.807   -4.552  1.00 25.90 ? 29  TRP A C   1 
ATOM   189  O O   . TRP A 1 26  ? -6.043  6.580   -3.806  1.00 27.81 ? 29  TRP A O   1 
ATOM   190  C CB  . TRP A 1 26  ? -4.938  9.310   -4.975  1.00 27.21 ? 29  TRP A CB  1 
ATOM   191  C CG  . TRP A 1 26  ? -5.166  9.184   -6.442  1.00 28.35 ? 29  TRP A CG  1 
ATOM   192  C CD1 . TRP A 1 26  ? -4.374  9.676   -7.450  1.00 28.97 ? 29  TRP A CD1 1 
ATOM   193  C CD2 . TRP A 1 26  ? -6.251  8.503   -7.077  1.00 29.87 ? 29  TRP A CD2 1 
ATOM   194  N NE1 . TRP A 1 26  ? -4.916  9.347   -8.674  1.00 27.64 ? 29  TRP A NE1 1 
ATOM   195  C CE2 . TRP A 1 26  ? -6.067  8.630   -8.471  1.00 29.47 ? 29  TRP A CE2 1 
ATOM   196  C CE3 . TRP A 1 26  ? -7.370  7.802   -6.603  1.00 31.14 ? 29  TRP A CE3 1 
ATOM   197  C CZ2 . TRP A 1 26  ? -6.957  8.072   -9.395  1.00 36.00 ? 29  TRP A CZ2 1 
ATOM   198  C CZ3 . TRP A 1 26  ? -8.257  7.256   -7.524  1.00 33.56 ? 29  TRP A CZ3 1 
ATOM   199  C CH2 . TRP A 1 26  ? -8.042  7.391   -8.903  1.00 35.98 ? 29  TRP A CH2 1 
ATOM   200  N N   . PRO A 1 27  ? -4.770  5.968   -5.549  1.00 26.71 ? 30  PRO A N   1 
ATOM   201  C CA  . PRO A 1 27  ? -5.588  4.749   -5.635  1.00 24.68 ? 30  PRO A CA  1 
ATOM   202  C C   . PRO A 1 27  ? -5.413  3.808   -4.438  1.00 25.62 ? 30  PRO A C   1 
ATOM   203  O O   . PRO A 1 27  ? -6.221  2.888   -4.272  1.00 27.60 ? 30  PRO A O   1 
ATOM   204  C CB  . PRO A 1 27  ? -5.071  4.068   -6.909  1.00 28.14 ? 30  PRO A CB  1 
ATOM   205  C CG  . PRO A 1 27  ? -4.448  5.189   -7.727  1.00 27.06 ? 30  PRO A CG  1 
ATOM   206  C CD  . PRO A 1 27  ? -3.845  6.103   -6.687  1.00 27.28 ? 30  PRO A CD  1 
ATOM   207  N N   . PHE A 1 28  ? -4.384  4.033   -3.621  1.00 22.99 ? 31  PHE A N   1 
ATOM   208  C CA  . PHE A 1 28  ? -4.062  3.135   -2.508  1.00 24.77 ? 31  PHE A CA  1 
ATOM   209  C C   . PHE A 1 28  ? -4.431  3.703   -1.137  1.00 24.37 ? 31  PHE A C   1 
ATOM   210  O O   . PHE A 1 28  ? -4.279  3.036   -0.112  1.00 25.23 ? 31  PHE A O   1 
ATOM   211  C CB  . PHE A 1 28  ? -2.574  2.758   -2.580  1.00 22.73 ? 31  PHE A CB  1 
ATOM   212  C CG  . PHE A 1 28  ? -2.153  2.341   -3.958  1.00 24.66 ? 31  PHE A CG  1 
ATOM   213  C CD1 . PHE A 1 28  ? -2.382  1.045   -4.399  1.00 25.76 ? 31  PHE A CD1 1 
ATOM   214  C CD2 . PHE A 1 28  ? -1.596  3.256   -4.838  1.00 22.21 ? 31  PHE A CD2 1 
ATOM   215  C CE1 . PHE A 1 28  ? -2.041  0.659   -5.687  1.00 25.64 ? 31  PHE A CE1 1 
ATOM   216  C CE2 . PHE A 1 28  ? -1.245  2.881   -6.127  1.00 25.05 ? 31  PHE A CE2 1 
ATOM   217  C CZ  . PHE A 1 28  ? -1.466  1.583   -6.558  1.00 24.42 ? 31  PHE A CZ  1 
ATOM   218  N N   . TYR A 1 29  ? -4.943  4.926   -1.115  1.00 24.80 ? 32  TYR A N   1 
ATOM   219  C CA  . TYR A 1 29  ? -5.325  5.555   0.150   1.00 25.46 ? 32  TYR A CA  1 
ATOM   220  C C   . TYR A 1 29  ? -6.359  4.744   0.939   1.00 28.21 ? 32  TYR A C   1 
ATOM   221  O O   . TYR A 1 29  ? -6.238  4.587   2.161   1.00 27.54 ? 32  TYR A O   1 
ATOM   222  C CB  . TYR A 1 29  ? -5.880  6.960   -0.093  1.00 25.64 ? 32  TYR A CB  1 
ATOM   223  C CG  . TYR A 1 29  ? -4.866  8.000   -0.492  1.00 25.91 ? 32  TYR A CG  1 
ATOM   224  C CD1 . TYR A 1 29  ? -3.495  7.756   -0.409  1.00 24.51 ? 32  TYR A CD1 1 
ATOM   225  C CD2 . TYR A 1 29  ? -5.284  9.243   -0.959  1.00 29.42 ? 32  TYR A CD2 1 
ATOM   226  C CE1 . TYR A 1 29  ? -2.576  8.729   -0.775  1.00 24.55 ? 32  TYR A CE1 1 
ATOM   227  C CE2 . TYR A 1 29  ? -4.379  10.214  -1.330  1.00 27.81 ? 32  TYR A CE2 1 
ATOM   228  C CZ  . TYR A 1 29  ? -3.027  9.957   -1.241  1.00 26.73 ? 32  TYR A CZ  1 
ATOM   229  O OH  . TYR A 1 29  ? -2.139  10.949  -1.621  1.00 26.52 ? 32  TYR A OH  1 
ATOM   230  N N   . LYS A 1 30  ? -7.384  4.246   0.248   1.00 28.57 ? 33  LYS A N   1 
ATOM   231  C CA  . LYS A 1 30  ? -8.509  3.566   0.909   1.00 28.61 ? 33  LYS A CA  1 
ATOM   232  C C   . LYS A 1 30  ? -8.779  2.219   0.256   1.00 27.91 ? 33  LYS A C   1 
ATOM   233  O O   . LYS A 1 30  ? -8.298  1.965   -0.852  1.00 27.53 ? 33  LYS A O   1 
ATOM   234  C CB  . LYS A 1 30  ? -9.772  4.443   0.822   1.00 28.51 ? 33  LYS A CB  1 
ATOM   235  C CG  . LYS A 1 30  ? -9.683  5.726   1.639   1.00 33.23 ? 33  LYS A CG  1 
ATOM   236  C CD  . LYS A 1 30  ? -10.658 6.780   1.112   1.00 41.56 ? 33  LYS A CD  1 
ATOM   237  C CE  . LYS A 1 30  ? -10.000 7.695   0.061   1.00 48.98 ? 33  LYS A CE  1 
ATOM   238  N NZ  . LYS A 1 30  ? -9.407  8.941   0.662   1.00 48.75 ? 33  LYS A NZ  1 
ATOM   239  N N   . PRO A 1 31  ? -9.558  1.353   0.928   1.00 26.10 ? 34  PRO A N   1 
ATOM   240  C CA  . PRO A 1 31  ? -9.839  0.037   0.356   1.00 25.86 ? 34  PRO A CA  1 
ATOM   241  C C   . PRO A 1 31  ? -10.368 0.151   -1.063  1.00 27.80 ? 34  PRO A C   1 
ATOM   242  O O   . PRO A 1 31  ? -11.085 1.113   -1.377  1.00 26.91 ? 34  PRO A O   1 
ATOM   243  C CB  . PRO A 1 31  ? -10.924 -0.517  1.282   1.00 29.98 ? 34  PRO A CB  1 
ATOM   244  C CG  . PRO A 1 31  ? -10.642 0.130   2.600   1.00 29.67 ? 34  PRO A CG  1 
ATOM   245  C CD  . PRO A 1 31  ? -10.202 1.530   2.244   1.00 28.90 ? 34  PRO A CD  1 
ATOM   246  N N   . VAL A 1 32  ? -10.003 -0.806  -1.913  1.00 26.93 ? 35  VAL A N   1 
ATOM   247  C CA  . VAL A 1 32  ? -10.535 -0.858  -3.269  1.00 28.60 ? 35  VAL A CA  1 
ATOM   248  C C   . VAL A 1 32  ? -12.055 -0.979  -3.174  1.00 32.68 ? 35  VAL A C   1 
ATOM   249  O O   . VAL A 1 32  ? -12.573 -1.760  -2.361  1.00 26.99 ? 35  VAL A O   1 
ATOM   250  C CB  . VAL A 1 32  ? -9.932  -2.035  -4.083  1.00 29.13 ? 35  VAL A CB  1 
ATOM   251  C CG1 . VAL A 1 32  ? -10.717 -2.270  -5.361  1.00 31.44 ? 35  VAL A CG1 1 
ATOM   252  C CG2 . VAL A 1 32  ? -8.458  -1.758  -4.424  1.00 27.65 ? 35  VAL A CG2 1 
ATOM   253  N N   . ASP A 1 33  ? -12.760 -0.190  -3.984  1.00 30.00 ? 36  ASP A N   1 
ATOM   254  C CA  . ASP A 1 33  ? -14.226 -0.154  -3.958  1.00 33.19 ? 36  ASP A CA  1 
ATOM   255  C C   . ASP A 1 33  ? -14.795 -1.282  -4.806  1.00 32.39 ? 36  ASP A C   1 
ATOM   256  O O   . ASP A 1 33  ? -14.990 -1.129  -6.020  1.00 33.48 ? 36  ASP A O   1 
ATOM   257  C CB  . ASP A 1 33  ? -14.736 1.203   -4.456  1.00 37.76 ? 36  ASP A CB  1 
ATOM   258  C CG  . ASP A 1 33  ? -16.261 1.295   -4.470  1.00 39.10 ? 36  ASP A CG  1 
ATOM   259  O OD1 . ASP A 1 33  ? -16.923 0.407   -3.883  1.00 38.09 ? 36  ASP A OD1 1 
ATOM   260  O OD2 . ASP A 1 33  ? -16.792 2.261   -5.067  1.00 43.58 ? 36  ASP A OD2 1 
ATOM   261  N N   . VAL A 1 34  ? -15.052 -2.414  -4.158  1.00 29.72 ? 37  VAL A N   1 
ATOM   262  C CA  . VAL A 1 34  ? -15.465 -3.625  -4.857  1.00 33.34 ? 37  VAL A CA  1 
ATOM   263  C C   . VAL A 1 34  ? -16.909 -3.548  -5.332  1.00 35.21 ? 37  VAL A C   1 
ATOM   264  O O   . VAL A 1 34  ? -17.381 -4.447  -6.025  1.00 38.84 ? 37  VAL A O   1 
ATOM   265  C CB  . VAL A 1 34  ? -15.266 -4.885  -3.988  1.00 32.57 ? 37  VAL A CB  1 
ATOM   266  C CG1 . VAL A 1 34  ? -13.775 -5.118  -3.722  1.00 34.79 ? 37  VAL A CG1 1 
ATOM   267  C CG2 . VAL A 1 34  ? -16.033 -4.757  -2.679  1.00 35.51 ? 37  VAL A CG2 1 
ATOM   268  N N   . GLU A 1 35  ? -17.604 -2.476  -4.964  1.00 34.60 ? 38  GLU A N   1 
ATOM   269  C CA  . GLU A 1 35  ? -18.963 -2.238  -5.459  1.00 37.73 ? 38  GLU A CA  1 
ATOM   270  C C   . GLU A 1 35  ? -18.973 -1.578  -6.842  1.00 36.07 ? 38  GLU A C   1 
ATOM   271  O O   . GLU A 1 35  ? -19.983 -1.618  -7.536  1.00 37.66 ? 38  GLU A O   1 
ATOM   272  C CB  . GLU A 1 35  ? -19.766 -1.365  -4.475  1.00 37.57 ? 38  GLU A CB  1 
ATOM   273  C CG  . GLU A 1 35  ? -19.886 -1.921  -3.047  1.00 43.92 ? 38  GLU A CG  1 
ATOM   274  C CD  . GLU A 1 35  ? -20.337 -3.379  -3.006  1.00 50.10 ? 38  GLU A CD  1 
ATOM   275  O OE1 . GLU A 1 35  ? -21.194 -3.772  -3.830  1.00 53.38 ? 38  GLU A OE1 1 
ATOM   276  O OE2 . GLU A 1 35  ? -19.829 -4.144  -2.148  1.00 55.65 ? 38  GLU A OE2 1 
ATOM   277  N N   . ALA A 1 36  ? -17.854 -0.980  -7.242  1.00 32.64 ? 39  ALA A N   1 
ATOM   278  C CA  . ALA A 1 36  ? -17.825 -0.172  -8.461  1.00 31.98 ? 39  ALA A CA  1 
ATOM   279  C C   . ALA A 1 36  ? -17.842 -1.036  -9.710  1.00 32.97 ? 39  ALA A C   1 
ATOM   280  O O   . ALA A 1 36  ? -17.436 -2.202  -9.676  1.00 32.69 ? 39  ALA A O   1 
ATOM   281  C CB  . ALA A 1 36  ? -16.604 0.751   -8.469  1.00 36.36 ? 39  ALA A CB  1 
ATOM   282  N N   . LEU A 1 37  ? -18.314 -0.457  -10.811 1.00 30.08 ? 40  LEU A N   1 
ATOM   283  C CA  . LEU A 1 37  ? -18.309 -1.125  -12.110 1.00 34.82 ? 40  LEU A CA  1 
ATOM   284  C C   . LEU A 1 37  ? -16.886 -1.494  -12.526 1.00 35.72 ? 40  LEU A C   1 
ATOM   285  O O   . LEU A 1 37  ? -15.996 -0.645  -12.516 1.00 35.33 ? 40  LEU A O   1 
ATOM   286  C CB  . LEU A 1 37  ? -18.926 -0.223  -13.188 1.00 34.16 ? 40  LEU A CB  1 
ATOM   287  C CG  . LEU A 1 37  ? -19.002 -0.836  -14.586 1.00 31.58 ? 40  LEU A CG  1 
ATOM   288  C CD1 . LEU A 1 37  ? -19.991 -1.987  -14.617 1.00 31.26 ? 40  LEU A CD1 1 
ATOM   289  C CD2 . LEU A 1 37  ? -19.381 0.217   -15.602 1.00 34.09 ? 40  LEU A CD2 1 
ATOM   290  N N   . GLY A 1 38  ? -16.682 -2.754  -12.895 1.00 32.61 ? 41  GLY A N   1 
ATOM   291  C CA  . GLY A 1 38  ? -15.373 -3.223  -13.315 1.00 35.56 ? 41  GLY A CA  1 
ATOM   292  C C   . GLY A 1 38  ? -14.692 -4.088  -12.263 1.00 35.51 ? 41  GLY A C   1 
ATOM   293  O O   . GLY A 1 38  ? -13.755 -4.835  -12.559 1.00 34.96 ? 41  GLY A O   1 
ATOM   294  N N   . LEU A 1 39  ? -15.164 -3.996  -11.025 1.00 33.22 ? 42  LEU A N   1 
ATOM   295  C CA  . LEU A 1 39  ? -14.495 -4.667  -9.911  1.00 33.36 ? 42  LEU A CA  1 
ATOM   296  C C   . LEU A 1 39  ? -15.332 -5.808  -9.323  1.00 32.06 ? 42  LEU A C   1 
ATOM   297  O O   . LEU A 1 39  ? -15.090 -6.242  -8.195  1.00 31.97 ? 42  LEU A O   1 
ATOM   298  C CB  . LEU A 1 39  ? -14.117 -3.643  -8.823  1.00 32.58 ? 42  LEU A CB  1 
ATOM   299  C CG  . LEU A 1 39  ? -12.901 -2.735  -9.062  1.00 34.46 ? 42  LEU A CG  1 
ATOM   300  C CD1 . LEU A 1 39  ? -12.781 -2.307  -10.501 1.00 39.86 ? 42  LEU A CD1 1 
ATOM   301  C CD2 . LEU A 1 39  ? -12.947 -1.504  -8.161  1.00 37.37 ? 42  LEU A CD2 1 
ATOM   302  N N   . HIS A 1 40  ? -16.306 -6.293  -10.093 1.00 32.57 ? 43  HIS A N   1 
ATOM   303  C CA  . HIS A 1 40  ? -17.176 -7.396  -9.661  1.00 32.51 ? 43  HIS A CA  1 
ATOM   304  C C   . HIS A 1 40  ? -16.409 -8.691  -9.387  1.00 33.92 ? 43  HIS A C   1 
ATOM   305  O O   . HIS A 1 40  ? -16.885 -9.549  -8.644  1.00 31.37 ? 43  HIS A O   1 
ATOM   306  C CB  . HIS A 1 40  ? -18.242 -7.687  -10.718 1.00 31.72 ? 43  HIS A CB  1 
ATOM   307  C CG  . HIS A 1 40  ? -17.680 -8.157  -12.022 1.00 31.54 ? 43  HIS A CG  1 
ATOM   308  N ND1 . HIS A 1 40  ? -17.345 -7.291  -13.040 1.00 32.04 ? 43  HIS A ND1 1 
ATOM   309  C CD2 . HIS A 1 40  ? -17.384 -9.401  -12.473 1.00 32.42 ? 43  HIS A CD2 1 
ATOM   310  C CE1 . HIS A 1 40  ? -16.871 -7.981  -14.065 1.00 34.42 ? 43  HIS A CE1 1 
ATOM   311  N NE2 . HIS A 1 40  ? -16.884 -9.263  -13.746 1.00 34.47 ? 43  HIS A NE2 1 
ATOM   312  N N   . ASP A 1 41  ? -15.243 -8.845  -10.010 1.00 31.92 ? 44  ASP A N   1 
ATOM   313  C CA  . ASP A 1 41  ? -14.435 -10.041 -9.799  1.00 33.39 ? 44  ASP A CA  1 
ATOM   314  C C   . ASP A 1 41  ? -13.277 -9.797  -8.833  1.00 32.77 ? 44  ASP A C   1 
ATOM   315  O O   . ASP A 1 41  ? -12.423 -10.673 -8.648  1.00 33.39 ? 44  ASP A O   1 
ATOM   316  C CB  . ASP A 1 41  ? -13.898 -10.566 -11.139 1.00 34.25 ? 44  ASP A CB  1 
ATOM   317  C CG  . ASP A 1 41  ? -13.128 -9.514  -11.912 1.00 34.20 ? 44  ASP A CG  1 
ATOM   318  O OD1 . ASP A 1 41  ? -13.180 -8.328  -11.523 1.00 34.62 ? 44  ASP A OD1 1 
ATOM   319  O OD2 . ASP A 1 41  ? -12.474 -9.862  -12.918 1.00 36.81 ? 44  ASP A OD2 1 
ATOM   320  N N   . TYR A 1 42  ? -13.236 -8.626  -8.209  1.00 29.72 ? 45  TYR A N   1 
ATOM   321  C CA  . TYR A 1 42  ? -12.066 -8.298  -7.394  1.00 30.75 ? 45  TYR A CA  1 
ATOM   322  C C   . TYR A 1 42  ? -11.868 -9.328  -6.295  1.00 31.31 ? 45  TYR A C   1 
ATOM   323  O O   . TYR A 1 42  ? -10.799 -9.920  -6.192  1.00 30.30 ? 45  TYR A O   1 
ATOM   324  C CB  . TYR A 1 42  ? -12.120 -6.872  -6.815  1.00 29.20 ? 45  TYR A CB  1 
ATOM   325  C CG  . TYR A 1 42  ? -10.801 -6.461  -6.175  1.00 28.79 ? 45  TYR A CG  1 
ATOM   326  C CD1 . TYR A 1 42  ? -9.761  -5.950  -6.947  1.00 27.53 ? 45  TYR A CD1 1 
ATOM   327  C CD2 . TYR A 1 42  ? -10.587 -6.605  -4.805  1.00 29.89 ? 45  TYR A CD2 1 
ATOM   328  C CE1 . TYR A 1 42  ? -8.538  -5.578  -6.372  1.00 30.70 ? 45  TYR A CE1 1 
ATOM   329  C CE2 . TYR A 1 42  ? -9.371  -6.242  -4.223  1.00 31.71 ? 45  TYR A CE2 1 
ATOM   330  C CZ  . TYR A 1 42  ? -8.350  -5.732  -5.009  1.00 27.28 ? 45  TYR A CZ  1 
ATOM   331  O OH  . TYR A 1 42  ? -7.142  -5.371  -4.434  1.00 26.52 ? 45  TYR A OH  1 
ATOM   332  N N   . CYS A 1 43  ? -12.906 -9.560  -5.494  1.00 31.90 ? 46  CYS A N   1 
ATOM   333  C CA  . CYS A 1 43  ? -12.819 -10.489 -4.362  1.00 33.55 ? 46  CYS A CA  1 
ATOM   334  C C   . CYS A 1 43  ? -12.653 -11.965 -4.748  1.00 35.03 ? 46  CYS A C   1 
ATOM   335  O O   . CYS A 1 43  ? -12.286 -12.785 -3.906  1.00 38.12 ? 46  CYS A O   1 
ATOM   336  C CB  . CYS A 1 43  ? -14.025 -10.334 -3.439  1.00 34.25 ? 46  CYS A CB  1 
ATOM   337  S SG  . CYS A 1 43  ? -14.148 -8.717  -2.629  1.00 47.05 ? 46  CYS A SG  1 
ATOM   338  N N   . ASP A 1 44  ? -12.948 -12.314 -5.996  1.00 34.67 ? 47  ASP A N   1 
ATOM   339  C CA  . ASP A 1 44  ? -12.675 -13.671 -6.457  1.00 36.34 ? 47  ASP A CA  1 
ATOM   340  C C   . ASP A 1 44  ? -11.173 -13.850 -6.564  1.00 37.68 ? 47  ASP A C   1 
ATOM   341  O O   . ASP A 1 44  ? -10.632 -14.916 -6.275  1.00 41.37 ? 47  ASP A O   1 
ATOM   342  C CB  . ASP A 1 44  ? -13.297 -13.930 -7.830  1.00 36.28 ? 47  ASP A CB  1 
ATOM   343  C CG  . ASP A 1 44  ? -14.805 -14.075 -7.773  1.00 42.49 ? 47  ASP A CG  1 
ATOM   344  O OD1 . ASP A 1 44  ? -15.342 -14.346 -6.671  1.00 43.36 ? 47  ASP A OD1 1 
ATOM   345  O OD2 . ASP A 1 44  ? -15.447 -13.921 -8.837  1.00 41.26 ? 47  ASP A OD2 1 
ATOM   346  N N   . ILE A 1 45  ? -10.503 -12.785 -6.979  1.00 34.11 ? 48  ILE A N   1 
ATOM   347  C CA  . ILE A 1 45  ? -9.083  -12.851 -7.287  1.00 32.72 ? 48  ILE A CA  1 
ATOM   348  C C   . ILE A 1 45  ? -8.205  -12.450 -6.098  1.00 33.17 ? 48  ILE A C   1 
ATOM   349  O O   . ILE A 1 45  ? -7.140  -13.033 -5.877  1.00 32.33 ? 48  ILE A O   1 
ATOM   350  C CB  . ILE A 1 45  ? -8.776  -11.999 -8.540  1.00 32.72 ? 48  ILE A CB  1 
ATOM   351  C CG1 . ILE A 1 45  ? -9.355  -12.691 -9.774  1.00 36.63 ? 48  ILE A CG1 1 
ATOM   352  C CG2 . ILE A 1 45  ? -7.271  -11.791 -8.701  1.00 30.60 ? 48  ILE A CG2 1 
ATOM   353  C CD1 . ILE A 1 45  ? -9.738  -11.757 -10.914 1.00 37.08 ? 48  ILE A CD1 1 
ATOM   354  N N   . ILE A 1 46  ? -8.659  -11.468 -5.323  1.00 30.87 ? 49  ILE A N   1 
ATOM   355  C CA  . ILE A 1 46  ? -7.874  -10.954 -4.199  1.00 31.11 ? 49  ILE A CA  1 
ATOM   356  C C   . ILE A 1 46  ? -8.458  -11.400 -2.864  1.00 33.15 ? 49  ILE A C   1 
ATOM   357  O O   . ILE A 1 46  ? -9.449  -10.837 -2.385  1.00 32.97 ? 49  ILE A O   1 
ATOM   358  C CB  . ILE A 1 46  ? -7.782  -9.416  -4.232  1.00 26.44 ? 49  ILE A CB  1 
ATOM   359  C CG1 . ILE A 1 46  ? -7.099  -8.950  -5.527  1.00 28.31 ? 49  ILE A CG1 1 
ATOM   360  C CG2 . ILE A 1 46  ? -7.058  -8.892  -3.002  1.00 29.65 ? 49  ILE A CG2 1 
ATOM   361  C CD1 . ILE A 1 46  ? -5.681  -9.548  -5.755  1.00 27.26 ? 49  ILE A CD1 1 
ATOM   362  N N   . LYS A 1 47  ? -7.842  -12.409 -2.256  1.00 33.28 ? 50  LYS A N   1 
ATOM   363  C CA  . LYS A 1 47  ? -8.359  -12.963 -1.004  1.00 36.54 ? 50  LYS A CA  1 
ATOM   364  C C   . LYS A 1 47  ? -8.045  -12.097 0.219   1.00 37.15 ? 50  LYS A C   1 
ATOM   365  O O   . LYS A 1 47  ? -8.745  -12.163 1.229   1.00 36.50 ? 50  LYS A O   1 
ATOM   366  C CB  . LYS A 1 47  ? -7.842  -14.388 -0.800  1.00 39.23 ? 50  LYS A CB  1 
ATOM   367  C CG  . LYS A 1 47  ? -8.169  -15.337 -1.968  1.00 43.29 ? 50  LYS A CG  1 
ATOM   368  C CD  . LYS A 1 47  ? -9.653  -15.271 -2.371  1.00 44.47 ? 50  LYS A CD  1 
ATOM   369  C CE  . LYS A 1 47  ? -9.992  -16.320 -3.432  1.00 47.80 ? 50  LYS A CE  1 
ATOM   370  N NZ  . LYS A 1 47  ? -8.990  -16.333 -4.545  1.00 43.98 ? 50  LYS A NZ  1 
ATOM   371  N N   . HIS A 1 48  ? -7.003  -11.272 0.132   1.00 32.35 ? 51  HIS A N   1 
ATOM   372  C CA  . HIS A 1 48  ? -6.651  -10.407 1.259   1.00 31.94 ? 51  HIS A CA  1 
ATOM   373  C C   . HIS A 1 48  ? -6.362  -8.964  0.847   1.00 33.60 ? 51  HIS A C   1 
ATOM   374  O O   . HIS A 1 48  ? -5.196  -8.580  0.663   1.00 29.66 ? 51  HIS A O   1 
ATOM   375  C CB  . HIS A 1 48  ? -5.460  -10.985 2.035   1.00 35.05 ? 51  HIS A CB  1 
ATOM   376  C CG  . HIS A 1 48  ? -5.698  -12.366 2.559   1.00 36.61 ? 51  HIS A CG  1 
ATOM   377  N ND1 . HIS A 1 48  ? -6.587  -12.632 3.579   1.00 37.93 ? 51  HIS A ND1 1 
ATOM   378  C CD2 . HIS A 1 48  ? -5.169  -13.561 2.198   1.00 37.05 ? 51  HIS A CD2 1 
ATOM   379  C CE1 . HIS A 1 48  ? -6.592  -13.930 3.829   1.00 40.79 ? 51  HIS A CE1 1 
ATOM   380  N NE2 . HIS A 1 48  ? -5.740  -14.515 3.004   1.00 39.73 ? 51  HIS A NE2 1 
ATOM   381  N N   . PRO A 1 49  ? -7.425  -8.152  0.723   1.00 30.64 ? 52  PRO A N   1 
ATOM   382  C CA  . PRO A 1 49  ? -7.298  -6.739  0.343   1.00 33.66 ? 52  PRO A CA  1 
ATOM   383  C C   . PRO A 1 49  ? -6.544  -5.930  1.398   1.00 31.66 ? 52  PRO A C   1 
ATOM   384  O O   . PRO A 1 49  ? -6.622  -6.233  2.599   1.00 30.03 ? 52  PRO A O   1 
ATOM   385  C CB  . PRO A 1 49  ? -8.759  -6.256  0.260   1.00 33.58 ? 52  PRO A CB  1 
ATOM   386  C CG  . PRO A 1 49  ? -9.571  -7.527  0.082   1.00 35.71 ? 52  PRO A CG  1 
ATOM   387  C CD  . PRO A 1 49  ? -8.833  -8.548  0.906   1.00 33.81 ? 52  PRO A CD  1 
ATOM   388  N N   . MET A 1 50  ? -5.826  -4.906  0.946   1.00 26.99 ? 53  MET A N   1 
ATOM   389  C CA  . MET A 1 50  ? -5.042  -4.069  1.840   1.00 26.00 ? 53  MET A CA  1 
ATOM   390  C C   . MET A 1 50  ? -4.884  -2.698  1.203   1.00 25.95 ? 53  MET A C   1 
ATOM   391  O O   . MET A 1 50  ? -4.841  -2.578  -0.024  1.00 24.85 ? 53  MET A O   1 
ATOM   392  C CB  . MET A 1 50  ? -3.673  -4.726  2.101   1.00 25.83 ? 53  MET A CB  1 
ATOM   393  C CG  . MET A 1 50  ? -2.849  -4.097  3.231   1.00 24.83 ? 53  MET A CG  1 
ATOM   394  S SD  . MET A 1 50  ? -3.728  -3.773  4.792   1.00 29.51 ? 53  MET A SD  1 
ATOM   395  C CE  . MET A 1 50  ? -4.272  -5.419  5.277   1.00 26.45 ? 53  MET A CE  1 
ATOM   396  N N   . ASP A 1 51  ? -4.801  -1.667  2.040   1.00 25.97 ? 54  ASP A N   1 
ATOM   397  C CA  . ASP A 1 51  ? -4.693  -0.289  1.577   1.00 26.45 ? 54  ASP A CA  1 
ATOM   398  C C   . ASP A 1 51  ? -4.040  0.523   2.687   1.00 24.95 ? 54  ASP A C   1 
ATOM   399  O O   . ASP A 1 51  ? -3.926  0.056   3.826   1.00 25.07 ? 54  ASP A O   1 
ATOM   400  C CB  . ASP A 1 51  ? -6.079  0.281   1.295   1.00 25.01 ? 54  ASP A CB  1 
ATOM   401  C CG  . ASP A 1 51  ? -6.921  0.347   2.544   1.00 27.98 ? 54  ASP A CG  1 
ATOM   402  O OD1 . ASP A 1 51  ? -7.509  -0.695  2.919   1.00 29.61 ? 54  ASP A OD1 1 
ATOM   403  O OD2 . ASP A 1 51  ? -6.960  1.425   3.178   1.00 28.97 ? 54  ASP A OD2 1 
ATOM   404  N N   . MET A 1 52  ? -3.628  1.740   2.369   1.00 23.44 ? 55  MET A N   1 
ATOM   405  C CA  . MET A 1 52  ? -2.863  2.547   3.318   1.00 23.92 ? 55  MET A CA  1 
ATOM   406  C C   . MET A 1 52  ? -3.627  2.924   4.581   1.00 26.73 ? 55  MET A C   1 
ATOM   407  O O   . MET A 1 52  ? -3.035  2.995   5.658   1.00 26.29 ? 55  MET A O   1 
ATOM   408  C CB  . MET A 1 52  ? -2.301  3.799   2.634   1.00 24.77 ? 55  MET A CB  1 
ATOM   409  C CG  . MET A 1 52  ? -1.196  3.483   1.591   1.00 24.78 ? 55  MET A CG  1 
ATOM   410  S SD  . MET A 1 52  ? -0.880  4.820   0.416   1.00 27.65 ? 55  MET A SD  1 
ATOM   411  C CE  . MET A 1 52  ? -0.446  6.159   1.523   1.00 24.20 ? 55  MET A CE  1 
ATOM   412  N N   . SER A 1 53  ? -4.930  3.175   4.465   1.00 26.18 ? 56  SER A N   1 
ATOM   413  C CA  . SER A 1 53  ? -5.696  3.598   5.642   1.00 29.53 ? 56  SER A CA  1 
ATOM   414  C C   . SER A 1 53  ? -5.805  2.449   6.642   1.00 27.40 ? 56  SER A C   1 
ATOM   415  O O   . SER A 1 53  ? -5.722  2.650   7.853   1.00 27.81 ? 56  SER A O   1 
ATOM   416  C CB  . SER A 1 53  ? -7.082  4.107   5.249   1.00 26.59 ? 56  SER A CB  1 
ATOM   417  O OG  . SER A 1 53  ? -6.954  5.331   4.544   1.00 31.59 ? 56  SER A OG  1 
ATOM   418  N N   . THR A 1 54  ? -5.972  1.246   6.115   1.00 28.19 ? 57  THR A N   1 
ATOM   419  C CA  . THR A 1 54  ? -6.002  0.042   6.937   1.00 30.12 ? 57  THR A CA  1 
ATOM   420  C C   . THR A 1 54  ? -4.645  -0.194  7.604   1.00 30.29 ? 57  THR A C   1 
ATOM   421  O O   . THR A 1 54  ? -4.576  -0.660  8.753   1.00 28.03 ? 57  THR A O   1 
ATOM   422  C CB  . THR A 1 54  ? -6.395  -1.172  6.090   1.00 29.02 ? 57  THR A CB  1 
ATOM   423  O OG1 . THR A 1 54  ? -7.699  -0.955  5.537   1.00 31.43 ? 57  THR A OG1 1 
ATOM   424  C CG2 . THR A 1 54  ? -6.400  -2.446  6.926   1.00 31.78 ? 57  THR A CG2 1 
ATOM   425  N N   . ILE A 1 55  ? -3.564  0.128   6.897   1.00 26.23 ? 58  ILE A N   1 
ATOM   426  C CA  . ILE A 1 55  ? -2.227  -0.050  7.475   1.00 27.22 ? 58  ILE A CA  1 
ATOM   427  C C   . ILE A 1 55  ? -1.993  0.985   8.572   1.00 28.42 ? 58  ILE A C   1 
ATOM   428  O O   . ILE A 1 55  ? -1.488  0.667   9.654   1.00 30.43 ? 58  ILE A O   1 
ATOM   429  C CB  . ILE A 1 55  ? -1.109  0.016   6.399   1.00 27.34 ? 58  ILE A CB  1 
ATOM   430  C CG1 . ILE A 1 55  ? -1.284  -1.118  5.391   1.00 25.61 ? 58  ILE A CG1 1 
ATOM   431  C CG2 . ILE A 1 55  ? 0.262   -0.059  7.049   1.00 26.09 ? 58  ILE A CG2 1 
ATOM   432  C CD1 . ILE A 1 55  ? -0.343  -1.053  4.204   1.00 25.57 ? 58  ILE A CD1 1 
ATOM   433  N N   . LYS A 1 56  ? -2.377  2.226   8.293   1.00 29.05 ? 59  LYS A N   1 
ATOM   434  C CA  . LYS A 1 56  ? -2.298  3.290   9.281   1.00 29.18 ? 59  LYS A CA  1 
ATOM   435  C C   . LYS A 1 56  ? -3.058  2.890   10.542  1.00 32.60 ? 59  LYS A C   1 
ATOM   436  O O   . LYS A 1 56  ? -2.565  3.049   11.659  1.00 33.58 ? 59  LYS A O   1 
ATOM   437  C CB  . LYS A 1 56  ? -2.892  4.572   8.703   1.00 30.64 ? 59  LYS A CB  1 
ATOM   438  C CG  . LYS A 1 56  ? -3.171  5.659   9.729   1.00 36.99 ? 59  LYS A CG  1 
ATOM   439  C CD  . LYS A 1 56  ? -2.657  7.007   9.228   1.00 39.10 ? 59  LYS A CD  1 
ATOM   440  C CE  . LYS A 1 56  ? -3.650  8.133   9.472   1.00 45.89 ? 59  LYS A CE  1 
ATOM   441  N NZ  . LYS A 1 56  ? -3.675  8.583   10.889  1.00 52.54 ? 59  LYS A NZ  1 
ATOM   442  N N   . SER A 1 57  ? -4.258  2.355   10.350  1.00 28.14 ? 60  SER A N   1 
ATOM   443  C CA  . SER A 1 57  ? -5.084  1.925   11.467  1.00 32.82 ? 60  SER A CA  1 
ATOM   444  C C   . SER A 1 57  ? -4.433  0.772   12.240  1.00 35.07 ? 60  SER A C   1 
ATOM   445  O O   . SER A 1 57  ? -4.539  0.699   13.468  1.00 37.53 ? 60  SER A O   1 
ATOM   446  C CB  . SER A 1 57  ? -6.482  1.536   10.968  1.00 31.73 ? 60  SER A CB  1 
ATOM   447  O OG  . SER A 1 57  ? -7.170  0.764   11.939  1.00 42.40 ? 60  SER A OG  1 
ATOM   448  N N   . LYS A 1 58  ? -3.762  -0.127  11.522  1.00 32.18 ? 61  LYS A N   1 
ATOM   449  C CA  . LYS A 1 58  ? -3.064  -1.257  12.148  1.00 34.82 ? 61  LYS A CA  1 
ATOM   450  C C   . LYS A 1 58  ? -1.876  -0.822  13.001  1.00 33.83 ? 61  LYS A C   1 
ATOM   451  O O   . LYS A 1 58  ? -1.682  -1.326  14.111  1.00 35.84 ? 61  LYS A O   1 
ATOM   452  C CB  . LYS A 1 58  ? -2.588  -2.253  11.089  1.00 28.77 ? 61  LYS A CB  1 
ATOM   453  C CG  . LYS A 1 58  ? -3.632  -3.236  10.636  1.00 31.55 ? 61  LYS A CG  1 
ATOM   454  C CD  . LYS A 1 58  ? -2.950  -4.587  10.488  1.00 35.61 ? 61  LYS A CD  1 
ATOM   455  C CE  . LYS A 1 58  ? -3.472  -5.335  9.320   1.00 35.16 ? 61  LYS A CE  1 
ATOM   456  N NZ  . LYS A 1 58  ? -2.705  -6.609  9.213   1.00 36.98 ? 61  LYS A NZ  1 
ATOM   457  N N   . LEU A 1 59  ? -1.060  0.079   12.464  1.00 32.21 ? 62  LEU A N   1 
ATOM   458  C CA  . LEU A 1 59  ? 0.021   0.689   13.231  1.00 35.68 ? 62  LEU A CA  1 
ATOM   459  C C   . LEU A 1 59  ? -0.512  1.326   14.516  1.00 39.67 ? 62  LEU A C   1 
ATOM   460  O O   . LEU A 1 59  ? 0.036   1.125   15.603  1.00 39.21 ? 62  LEU A O   1 
ATOM   461  C CB  . LEU A 1 59  ? 0.706   1.783   12.407  1.00 34.08 ? 62  LEU A CB  1 
ATOM   462  C CG  . LEU A 1 59  ? 1.815   1.416   11.428  1.00 38.75 ? 62  LEU A CG  1 
ATOM   463  C CD1 . LEU A 1 59  ? 2.232   2.660   10.636  1.00 33.70 ? 62  LEU A CD1 1 
ATOM   464  C CD2 . LEU A 1 59  ? 3.019   0.797   12.153  1.00 34.28 ? 62  LEU A CD2 1 
ATOM   465  N N   . GLU A 1 60  ? -1.573  2.116   14.375  1.00 38.16 ? 63  GLU A N   1 
ATOM   466  C CA  . GLU A 1 60  ? -2.108  2.871   15.499  1.00 39.77 ? 63  GLU A CA  1 
ATOM   467  C C   . GLU A 1 60  ? -2.705  1.951   16.555  1.00 38.06 ? 63  GLU A C   1 
ATOM   468  O O   . GLU A 1 60  ? -2.690  2.269   17.740  1.00 44.57 ? 63  GLU A O   1 
ATOM   469  C CB  . GLU A 1 60  ? -3.127  3.901   15.011  1.00 41.96 ? 63  GLU A CB  1 
ATOM   470  C CG  . GLU A 1 60  ? -2.490  4.979   14.149  1.00 42.28 ? 63  GLU A CG  1 
ATOM   471  C CD  . GLU A 1 60  ? -3.486  6.017   13.690  1.00 48.38 ? 63  GLU A CD  1 
ATOM   472  O OE1 . GLU A 1 60  ? -4.707  5.731   13.728  1.00 52.34 ? 63  GLU A OE1 1 
ATOM   473  O OE2 . GLU A 1 60  ? -3.052  7.122   13.288  1.00 51.24 ? 63  GLU A OE2 1 
ATOM   474  N N   . ALA A 1 61  ? -3.211  0.804   16.124  1.00 36.22 ? 64  ALA A N   1 
ATOM   475  C CA  . ALA A 1 61  ? -3.751  -0.183  17.048  1.00 36.87 ? 64  ALA A CA  1 
ATOM   476  C C   . ALA A 1 61  ? -2.681  -1.179  17.483  1.00 41.77 ? 64  ALA A C   1 
ATOM   477  O O   . ALA A 1 61  ? -2.995  -2.213  18.085  1.00 40.34 ? 64  ALA A O   1 
ATOM   478  C CB  . ALA A 1 61  ? -4.929  -0.913  16.422  1.00 39.05 ? 64  ALA A CB  1 
ATOM   479  N N   . ARG A 1 62  ? -1.425  -0.862  17.162  1.00 41.44 ? 65  ARG A N   1 
ATOM   480  C CA  . ARG A 1 62  ? -0.287  -1.700  17.527  1.00 40.65 ? 65  ARG A CA  1 
ATOM   481  C C   . ARG A 1 62  ? -0.439  -3.149  17.076  1.00 41.68 ? 65  ARG A C   1 
ATOM   482  O O   . ARG A 1 62  ? -0.095  -4.079  17.821  1.00 41.98 ? 65  ARG A O   1 
ATOM   483  C CB  . ARG A 1 62  ? -0.065  -1.658  19.043  1.00 44.57 ? 65  ARG A CB  1 
ATOM   484  C CG  . ARG A 1 62  ? 0.528   -0.357  19.525  1.00 47.47 ? 65  ARG A CG  1 
ATOM   485  C CD  . ARG A 1 62  ? 1.563   -0.637  20.597  1.00 56.29 ? 65  ARG A CD  1 
ATOM   486  N NE  . ARG A 1 62  ? 0.966   -0.711  21.925  1.00 56.04 ? 65  ARG A NE  1 
ATOM   487  C CZ  . ARG A 1 62  ? 1.532   -1.307  22.970  1.00 53.26 ? 65  ARG A CZ  1 
ATOM   488  N NH1 . ARG A 1 62  ? 2.708   -1.916  22.837  1.00 48.65 ? 65  ARG A NH1 1 
ATOM   489  N NH2 . ARG A 1 62  ? 0.910   -1.304  24.147  1.00 48.56 ? 65  ARG A NH2 1 
ATOM   490  N N   . GLU A 1 63  ? -0.947  -3.347  15.865  1.00 35.78 ? 66  GLU A N   1 
ATOM   491  C CA  . GLU A 1 63  ? -1.173  -4.699  15.372  1.00 36.10 ? 66  GLU A CA  1 
ATOM   492  C C   . GLU A 1 63  ? 0.036   -5.272  14.637  1.00 33.29 ? 66  GLU A C   1 
ATOM   493  O O   . GLU A 1 63  ? -0.021  -6.397  14.136  1.00 35.77 ? 66  GLU A O   1 
ATOM   494  C CB  . GLU A 1 63  ? -2.426  -4.765  14.486  1.00 36.82 ? 66  GLU A CB  1 
ATOM   495  C CG  . GLU A 1 63  ? -3.715  -4.366  15.206  1.00 40.98 ? 66  GLU A CG  1 
ATOM   496  C CD  . GLU A 1 63  ? -4.962  -4.732  14.417  1.00 44.97 ? 66  GLU A CD  1 
ATOM   497  O OE1 . GLU A 1 63  ? -4.896  -5.684  13.600  1.00 49.80 ? 66  GLU A OE1 1 
ATOM   498  O OE2 . GLU A 1 63  ? -6.012  -4.077  14.612  1.00 49.71 ? 66  GLU A OE2 1 
ATOM   499  N N   . TYR A 1 64  ? 1.124   -4.506  14.567  1.00 32.18 ? 67  TYR A N   1 
ATOM   500  C CA  . TYR A 1 64  ? 2.356   -5.009  13.955  1.00 34.16 ? 67  TYR A CA  1 
ATOM   501  C C   . TYR A 1 64  ? 3.421   -5.295  15.016  1.00 33.18 ? 67  TYR A C   1 
ATOM   502  O O   . TYR A 1 64  ? 3.777   -4.406  15.789  1.00 34.40 ? 67  TYR A O   1 
ATOM   503  C CB  . TYR A 1 64  ? 2.909   -4.022  12.908  1.00 30.46 ? 67  TYR A CB  1 
ATOM   504  C CG  . TYR A 1 64  ? 1.989   -3.765  11.730  1.00 29.91 ? 67  TYR A CG  1 
ATOM   505  C CD1 . TYR A 1 64  ? 1.538   -4.808  10.933  1.00 28.81 ? 67  TYR A CD1 1 
ATOM   506  C CD2 . TYR A 1 64  ? 1.575   -2.470  11.409  1.00 30.35 ? 67  TYR A CD2 1 
ATOM   507  C CE1 . TYR A 1 64  ? 0.691   -4.576  9.857   1.00 30.17 ? 67  TYR A CE1 1 
ATOM   508  C CE2 . TYR A 1 64  ? 0.731   -2.228  10.330  1.00 27.09 ? 67  TYR A CE2 1 
ATOM   509  C CZ  . TYR A 1 64  ? 0.299   -3.280  9.556   1.00 28.37 ? 67  TYR A CZ  1 
ATOM   510  O OH  . TYR A 1 64  ? -0.543  -3.056  8.482   1.00 29.49 ? 67  TYR A OH  1 
ATOM   511  N N   . ARG A 1 65  ? 3.931   -6.525  15.045  1.00 33.40 ? 68  ARG A N   1 
ATOM   512  C CA  . ARG A 1 65  ? 4.959   -6.904  16.022  1.00 33.90 ? 68  ARG A CA  1 
ATOM   513  C C   . ARG A 1 65  ? 6.296   -6.251  15.696  1.00 36.30 ? 68  ARG A C   1 
ATOM   514  O O   . ARG A 1 65  ? 7.103   -5.972  16.588  1.00 37.03 ? 68  ARG A O   1 
ATOM   515  C CB  . ARG A 1 65  ? 5.129   -8.428  16.094  1.00 37.28 ? 68  ARG A CB  1 
ATOM   516  C CG  . ARG A 1 65  ? 3.952   -9.187  16.716  1.00 38.41 ? 68  ARG A CG  1 
ATOM   517  C CD  . ARG A 1 65  ? 4.355   -10.616 17.108  1.00 35.35 ? 68  ARG A CD  1 
ATOM   518  N NE  . ARG A 1 65  ? 4.771   -11.395 15.939  1.00 40.25 ? 68  ARG A NE  1 
ATOM   519  C CZ  . ARG A 1 65  ? 5.275   -12.628 15.985  1.00 42.51 ? 68  ARG A CZ  1 
ATOM   520  N NH1 . ARG A 1 65  ? 5.619   -13.238 14.857  1.00 39.69 ? 68  ARG A NH1 1 
ATOM   521  N NH2 . ARG A 1 65  ? 5.436   -13.252 17.151  1.00 37.62 ? 68  ARG A NH2 1 
ATOM   522  N N   . ASP A 1 66  ? 6.535   -6.001  14.411  1.00 32.91 ? 69  ASP A N   1 
ATOM   523  C CA  . ASP A 1 66  ? 7.786   -5.391  13.985  1.00 32.13 ? 69  ASP A CA  1 
ATOM   524  C C   . ASP A 1 66  ? 7.661   -4.806  12.578  1.00 30.08 ? 69  ASP A C   1 
ATOM   525  O O   . ASP A 1 66  ? 6.632   -4.969  11.921  1.00 28.63 ? 69  ASP A O   1 
ATOM   526  C CB  . ASP A 1 66  ? 8.933   -6.409  14.043  1.00 30.11 ? 69  ASP A CB  1 
ATOM   527  C CG  . ASP A 1 66  ? 8.592   -7.720  13.353  1.00 36.48 ? 69  ASP A CG  1 
ATOM   528  O OD1 . ASP A 1 66  ? 7.917   -7.689  12.304  1.00 39.07 ? 69  ASP A OD1 1 
ATOM   529  O OD2 . ASP A 1 66  ? 8.990   -8.795  13.856  1.00 39.98 ? 69  ASP A OD2 1 
ATOM   530  N N   . ALA A 1 67  ? 8.722   -4.142  12.135  1.00 29.17 ? 70  ALA A N   1 
ATOM   531  C CA  . ALA A 1 67  ? 8.778   -3.547  10.802  1.00 28.03 ? 70  ALA A CA  1 
ATOM   532  C C   . ALA A 1 67  ? 8.464   -4.577  9.739   1.00 29.35 ? 70  ALA A C   1 
ATOM   533  O O   . ALA A 1 67  ? 7.850   -4.256  8.721   1.00 29.81 ? 70  ALA A O   1 
ATOM   534  C CB  . ALA A 1 67  ? 10.143  -2.941  10.549  1.00 30.15 ? 70  ALA A CB  1 
ATOM   535  N N   . GLN A 1 68  ? 8.889   -5.818  9.964   1.00 28.94 ? 71  GLN A N   1 
ATOM   536  C CA  . GLN A 1 68  ? 8.688   -6.869  8.966   1.00 33.05 ? 71  GLN A CA  1 
ATOM   537  C C   . GLN A 1 68  ? 7.211   -7.077  8.663   1.00 32.00 ? 71  GLN A C   1 
ATOM   538  O O   . GLN A 1 68  ? 6.813   -7.177  7.496   1.00 29.91 ? 71  GLN A O   1 
ATOM   539  C CB  . GLN A 1 68  ? 9.330   -8.187  9.416   1.00 37.30 ? 71  GLN A CB  1 
ATOM   540  C CG  . GLN A 1 68  ? 10.516  -8.606  8.558   1.00 44.02 ? 71  GLN A CG  1 
ATOM   541  C CD  . GLN A 1 68  ? 11.452  -7.445  8.240   1.00 49.51 ? 71  GLN A CD  1 
ATOM   542  O OE1 . GLN A 1 68  ? 11.858  -6.695  9.138   1.00 52.58 ? 71  GLN A OE1 1 
ATOM   543  N NE2 . GLN A 1 68  ? 11.784  -7.276  6.952   1.00 41.13 ? 71  GLN A NE2 1 
ATOM   544  N N   . GLU A 1 69  ? 6.396   -7.137  9.713   1.00 29.25 ? 72  GLU A N   1 
ATOM   545  C CA  . GLU A 1 69  ? 4.953   -7.278  9.539   1.00 31.58 ? 72  GLU A CA  1 
ATOM   546  C C   . GLU A 1 69  ? 4.336   -6.057  8.850   1.00 27.16 ? 72  GLU A C   1 
ATOM   547  O O   . GLU A 1 69  ? 3.467   -6.201  7.987   1.00 25.79 ? 72  GLU A O   1 
ATOM   548  C CB  . GLU A 1 69  ? 4.274   -7.546  10.888  1.00 32.63 ? 72  GLU A CB  1 
ATOM   549  C CG  . GLU A 1 69  ? 4.785   -8.820  11.547  1.00 38.46 ? 72  GLU A CG  1 
ATOM   550  C CD  . GLU A 1 69  ? 3.944   -9.259  12.738  1.00 39.12 ? 72  GLU A CD  1 
ATOM   551  O OE1 . GLU A 1 69  ? 3.145   -8.440  13.247  1.00 36.95 ? 72  GLU A OE1 1 
ATOM   552  O OE2 . GLU A 1 69  ? 4.091   -10.428 13.157  1.00 37.89 ? 72  GLU A OE2 1 
ATOM   553  N N   . PHE A 1 70  ? 4.766   -4.861  9.247   1.00 27.09 ? 73  PHE A N   1 
ATOM   554  C CA  . PHE A 1 70  ? 4.329   -3.642  8.562   1.00 28.44 ? 73  PHE A CA  1 
ATOM   555  C C   . PHE A 1 70  ? 4.670   -3.749  7.071   1.00 25.63 ? 73  PHE A C   1 
ATOM   556  O O   . PHE A 1 70  ? 3.820   -3.528  6.218   1.00 26.35 ? 73  PHE A O   1 
ATOM   557  C CB  . PHE A 1 70  ? 4.973   -2.381  9.172   1.00 25.31 ? 73  PHE A CB  1 
ATOM   558  C CG  . PHE A 1 70  ? 4.850   -1.138  8.300   1.00 26.78 ? 73  PHE A CG  1 
ATOM   559  C CD1 . PHE A 1 70  ? 3.716   -0.336  8.359   1.00 25.29 ? 73  PHE A CD1 1 
ATOM   560  C CD2 . PHE A 1 70  ? 5.870   -0.776  7.421   1.00 27.21 ? 73  PHE A CD2 1 
ATOM   561  C CE1 . PHE A 1 70  ? 3.595   0.811   7.560   1.00 28.22 ? 73  PHE A CE1 1 
ATOM   562  C CE2 . PHE A 1 70  ? 5.763   0.373   6.617   1.00 26.67 ? 73  PHE A CE2 1 
ATOM   563  C CZ  . PHE A 1 70  ? 4.614   1.167   6.684   1.00 26.86 ? 73  PHE A CZ  1 
ATOM   564  N N   . GLY A 1 71  ? 5.918   -4.108  6.777   1.00 26.98 ? 74  GLY A N   1 
ATOM   565  C CA  . GLY A 1 71  ? 6.390   -4.235  5.407   1.00 27.27 ? 74  GLY A CA  1 
ATOM   566  C C   . GLY A 1 71  ? 5.616   -5.254  4.592   1.00 25.90 ? 74  GLY A C   1 
ATOM   567  O O   . GLY A 1 71  ? 5.382   -5.056  3.397   1.00 24.10 ? 74  GLY A O   1 
ATOM   568  N N   . ALA A 1 72  ? 5.223   -6.352  5.232   1.00 23.73 ? 75  ALA A N   1 
ATOM   569  C CA  . ALA A 1 72  ? 4.455   -7.396  4.562   1.00 25.84 ? 75  ALA A CA  1 
ATOM   570  C C   . ALA A 1 72  ? 3.085   -6.894  4.106   1.00 25.09 ? 75  ALA A C   1 
ATOM   571  O O   . ALA A 1 72  ? 2.584   -7.301  3.048   1.00 25.12 ? 75  ALA A O   1 
ATOM   572  C CB  . ALA A 1 72  ? 4.299   -8.628  5.480   1.00 29.05 ? 75  ALA A CB  1 
ATOM   573  N N   . ASP A 1 73  ? 2.472   -6.026  4.903   1.00 23.60 ? 76  ASP A N   1 
ATOM   574  C CA  . ASP A 1 73  ? 1.177   -5.450  4.533   1.00 25.89 ? 76  ASP A CA  1 
ATOM   575  C C   . ASP A 1 73  ? 1.310   -4.437  3.384   1.00 22.98 ? 76  ASP A C   1 
ATOM   576  O O   . ASP A 1 73  ? 0.464   -4.402  2.477   1.00 22.91 ? 76  ASP A O   1 
ATOM   577  C CB  . ASP A 1 73  ? 0.516   -4.779  5.742   1.00 26.29 ? 76  ASP A CB  1 
ATOM   578  C CG  . ASP A 1 73  ? -0.534  -5.664  6.411   1.00 33.15 ? 76  ASP A CG  1 
ATOM   579  O OD1 . ASP A 1 73  ? -0.754  -6.811  5.952   1.00 29.87 ? 76  ASP A OD1 1 
ATOM   580  O OD2 . ASP A 1 73  ? -1.141  -5.205  7.410   1.00 31.37 ? 76  ASP A OD2 1 
ATOM   581  N N   . VAL A 1 74  ? 2.349   -3.605  3.435   1.00 23.74 ? 77  VAL A N   1 
ATOM   582  C CA  . VAL A 1 74  ? 2.589   -2.656  2.341   1.00 23.10 ? 77  VAL A CA  1 
ATOM   583  C C   . VAL A 1 74  ? 2.781   -3.438  1.053   1.00 23.63 ? 77  VAL A C   1 
ATOM   584  O O   . VAL A 1 74  ? 2.180   -3.106  0.053   1.00 23.23 ? 77  VAL A O   1 
ATOM   585  C CB  . VAL A 1 74  ? 3.813   -1.765  2.566   1.00 20.49 ? 77  VAL A CB  1 
ATOM   586  C CG1 . VAL A 1 74  ? 4.092   -0.915  1.316   1.00 23.62 ? 77  VAL A CG1 1 
ATOM   587  C CG2 . VAL A 1 74  ? 3.603   -0.869  3.778   1.00 22.33 ? 77  VAL A CG2 1 
ATOM   588  N N   . ARG A 1 75  ? 3.604   -4.489  1.083   1.00 22.07 ? 78  ARG A N   1 
ATOM   589  C CA  . ARG A 1 75  ? 3.858   -5.279  -0.125  1.00 23.21 ? 78  ARG A CA  1 
ATOM   590  C C   . ARG A 1 75  ? 2.650   -6.103  -0.576  1.00 23.94 ? 78  ARG A C   1 
ATOM   591  O O   . ARG A 1 75  ? 2.451   -6.313  -1.771  1.00 24.11 ? 78  ARG A O   1 
ATOM   592  C CB  . ARG A 1 75  ? 5.100   -6.154  0.030   1.00 25.38 ? 78  ARG A CB  1 
ATOM   593  C CG  . ARG A 1 75  ? 6.358   -5.332  0.314   1.00 24.50 ? 78  ARG A CG  1 
ATOM   594  C CD  . ARG A 1 75  ? 7.570   -6.152  0.048   1.00 29.14 ? 78  ARG A CD  1 
ATOM   595  N NE  . ARG A 1 75  ? 8.809   -5.385  0.201   1.00 29.06 ? 78  ARG A NE  1 
ATOM   596  C CZ  . ARG A 1 75  ? 9.711   -5.614  1.149   1.00 31.04 ? 78  ARG A CZ  1 
ATOM   597  N NH1 . ARG A 1 75  ? 9.504   -6.575  2.044   1.00 29.66 ? 78  ARG A NH1 1 
ATOM   598  N NH2 . ARG A 1 75  ? 10.815  -4.885  1.194   1.00 28.15 ? 78  ARG A NH2 1 
ATOM   599  N N   . LEU A 1 76  ? 1.839   -6.545  0.375   1.00 24.08 ? 79  LEU A N   1 
ATOM   600  C CA  . LEU A 1 76  ? 0.550   -7.152  0.064   1.00 24.51 ? 79  LEU A CA  1 
ATOM   601  C C   . LEU A 1 76  ? -0.301  -6.201  -0.775  1.00 23.32 ? 79  LEU A C   1 
ATOM   602  O O   . LEU A 1 76  ? -0.902  -6.595  -1.778  1.00 24.89 ? 79  LEU A O   1 
ATOM   603  C CB  . LEU A 1 76  ? -0.204  -7.487  1.348   1.00 21.71 ? 79  LEU A CB  1 
ATOM   604  C CG  . LEU A 1 76  ? -1.632  -8.015  1.199   1.00 25.27 ? 79  LEU A CG  1 
ATOM   605  C CD1 . LEU A 1 76  ? -1.673  -9.305  0.353   1.00 26.32 ? 79  LEU A CD1 1 
ATOM   606  C CD2 . LEU A 1 76  ? -2.238  -8.260  2.589   1.00 27.40 ? 79  LEU A CD2 1 
ATOM   607  N N   . MET A 1 77  ? -0.363  -4.947  -0.345  1.00 23.69 ? 80  MET A N   1 
ATOM   608  C CA  . MET A 1 77  ? -1.101  -3.931  -1.080  1.00 23.54 ? 80  MET A CA  1 
ATOM   609  C C   . MET A 1 77  ? -0.624  -3.856  -2.523  1.00 22.89 ? 80  MET A C   1 
ATOM   610  O O   . MET A 1 77  ? -1.424  -3.839  -3.465  1.00 21.30 ? 80  MET A O   1 
ATOM   611  C CB  . MET A 1 77  ? -0.910  -2.574  -0.419  1.00 23.60 ? 80  MET A CB  1 
ATOM   612  C CG  . MET A 1 77  ? -1.617  -1.435  -1.125  1.00 24.07 ? 80  MET A CG  1 
ATOM   613  S SD  . MET A 1 77  ? -1.443  0.050   -0.143  1.00 25.63 ? 80  MET A SD  1 
ATOM   614  C CE  . MET A 1 77  ? 0.318   0.358   -0.316  1.00 24.38 ? 80  MET A CE  1 
ATOM   615  N N   . PHE A 1 78  ? 0.688   -3.802  -2.707  1.00 22.21 ? 81  PHE A N   1 
ATOM   616  C CA  . PHE A 1 78  ? 1.227   -3.695  -4.060  1.00 23.29 ? 81  PHE A CA  1 
ATOM   617  C C   . PHE A 1 78  ? 0.997   -4.976  -4.851  1.00 22.21 ? 81  PHE A C   1 
ATOM   618  O O   . PHE A 1 78  ? 0.615   -4.933  -6.022  1.00 21.46 ? 81  PHE A O   1 
ATOM   619  C CB  . PHE A 1 78  ? 2.713   -3.346  -4.008  1.00 21.77 ? 81  PHE A CB  1 
ATOM   620  C CG  . PHE A 1 78  ? 2.984   -1.971  -3.468  1.00 25.08 ? 81  PHE A CG  1 
ATOM   621  C CD1 . PHE A 1 78  ? 2.223   -0.894  -3.888  1.00 24.97 ? 81  PHE A CD1 1 
ATOM   622  C CD2 . PHE A 1 78  ? 3.986   -1.756  -2.535  1.00 22.44 ? 81  PHE A CD2 1 
ATOM   623  C CE1 . PHE A 1 78  ? 2.474   0.376   -3.405  1.00 24.71 ? 81  PHE A CE1 1 
ATOM   624  C CE2 . PHE A 1 78  ? 4.230   -0.483  -2.036  1.00 25.35 ? 81  PHE A CE2 1 
ATOM   625  C CZ  . PHE A 1 78  ? 3.470   0.578   -2.472  1.00 23.93 ? 81  PHE A CZ  1 
ATOM   626  N N   . SER A 1 79  ? 1.231   -6.120  -4.214  1.00 23.49 ? 82  SER A N   1 
ATOM   627  C CA  . SER A 1 79  ? 1.061   -7.396  -4.902  1.00 23.81 ? 82  SER A CA  1 
ATOM   628  C C   . SER A 1 79  ? -0.395  -7.597  -5.332  1.00 24.89 ? 82  SER A C   1 
ATOM   629  O O   . SER A 1 79  ? -0.649  -8.095  -6.422  1.00 26.65 ? 82  SER A O   1 
ATOM   630  C CB  . SER A 1 79  ? 1.533   -8.564  -4.024  1.00 24.33 ? 82  SER A CB  1 
ATOM   631  O OG  . SER A 1 79  ? 2.891   -8.382  -3.657  1.00 29.53 ? 82  SER A OG  1 
ATOM   632  N N   . ASN A 1 80  ? -1.352  -7.193  -4.497  1.00 24.18 ? 83  ASN A N   1 
ATOM   633  C CA  . ASN A 1 80  ? -2.765  -7.271  -4.897  1.00 22.85 ? 83  ASN A CA  1 
ATOM   634  C C   . ASN A 1 80  ? -3.010  -6.522  -6.204  1.00 23.84 ? 83  ASN A C   1 
ATOM   635  O O   . ASN A 1 80  ? -3.720  -7.004  -7.091  1.00 24.40 ? 83  ASN A O   1 
ATOM   636  C CB  . ASN A 1 80  ? -3.693  -6.713  -3.813  1.00 22.02 ? 83  ASN A CB  1 
ATOM   637  C CG  . ASN A 1 80  ? -3.828  -7.638  -2.634  1.00 25.47 ? 83  ASN A CG  1 
ATOM   638  O OD1 . ASN A 1 80  ? -3.440  -8.803  -2.707  1.00 21.32 ? 83  ASN A OD1 1 
ATOM   639  N ND2 . ASN A 1 80  ? -4.376  -7.126  -1.524  1.00 23.22 ? 83  ASN A ND2 1 
ATOM   640  N N   . CYS A 1 81  ? -2.424  -5.335  -6.318  1.00 23.36 ? 84  CYS A N   1 
ATOM   641  C CA  . CYS A 1 81  ? -2.561  -4.524  -7.527  1.00 23.37 ? 84  CYS A CA  1 
ATOM   642  C C   . CYS A 1 81  ? -1.930  -5.216  -8.741  1.00 27.25 ? 84  CYS A C   1 
ATOM   643  O O   . CYS A 1 81  ? -2.548  -5.295  -9.817  1.00 24.49 ? 84  CYS A O   1 
ATOM   644  C CB  . CYS A 1 81  ? -1.944  -3.141  -7.298  1.00 22.84 ? 84  CYS A CB  1 
ATOM   645  S SG  . CYS A 1 81  ? -2.146  -1.928  -8.636  1.00 27.91 ? 84  CYS A SG  1 
ATOM   646  N N   . TYR A 1 82  ? -0.707  -5.723  -8.569  1.00 22.93 ? 85  TYR A N   1 
ATOM   647  C CA  . TYR A 1 82  ? -0.028  -6.457  -9.642  1.00 26.19 ? 85  TYR A CA  1 
ATOM   648  C C   . TYR A 1 82  ? -0.809  -7.725  -10.023 1.00 26.40 ? 85  TYR A C   1 
ATOM   649  O O   . TYR A 1 82  ? -0.885  -8.087  -11.187 1.00 25.44 ? 85  TYR A O   1 
ATOM   650  C CB  . TYR A 1 82  ? 1.410   -6.823  -9.237  1.00 23.25 ? 85  TYR A CB  1 
ATOM   651  C CG  . TYR A 1 82  ? 2.267   -5.636  -8.845  1.00 25.29 ? 85  TYR A CG  1 
ATOM   652  C CD1 . TYR A 1 82  ? 2.130   -4.408  -9.487  1.00 24.70 ? 85  TYR A CD1 1 
ATOM   653  C CD2 . TYR A 1 82  ? 3.197   -5.737  -7.817  1.00 24.88 ? 85  TYR A CD2 1 
ATOM   654  C CE1 . TYR A 1 82  ? 2.895   -3.317  -9.120  1.00 24.76 ? 85  TYR A CE1 1 
ATOM   655  C CE2 . TYR A 1 82  ? 3.980   -4.644  -7.448  1.00 25.27 ? 85  TYR A CE2 1 
ATOM   656  C CZ  . TYR A 1 82  ? 3.819   -3.437  -8.107  1.00 26.48 ? 85  TYR A CZ  1 
ATOM   657  O OH  . TYR A 1 82  ? 4.585   -2.341  -7.746  1.00 26.62 ? 85  TYR A OH  1 
ATOM   658  N N   . LYS A 1 83  ? -1.392  -8.397  -9.035  1.00 25.35 ? 86  LYS A N   1 
ATOM   659  C CA  . LYS A 1 83  ? -2.143  -9.617  -9.305  1.00 28.23 ? 86  LYS A CA  1 
ATOM   660  C C   . LYS A 1 83  ? -3.447  -9.358  -10.057 1.00 30.01 ? 86  LYS A C   1 
ATOM   661  O O   . LYS A 1 83  ? -3.752  -10.036 -11.048 1.00 31.13 ? 86  LYS A O   1 
ATOM   662  C CB  . LYS A 1 83  ? -2.454  -10.373 -8.017  1.00 25.97 ? 86  LYS A CB  1 
ATOM   663  C CG  . LYS A 1 83  ? -3.177  -11.686 -8.274  1.00 28.89 ? 86  LYS A CG  1 
ATOM   664  C CD  . LYS A 1 83  ? -3.259  -12.553 -7.039  1.00 32.90 ? 86  LYS A CD  1 
ATOM   665  C CE  . LYS A 1 83  ? -3.710  -13.956 -7.441  1.00 41.80 ? 86  LYS A CE  1 
ATOM   666  N NZ  . LYS A 1 83  ? -4.637  -14.560 -6.441  1.00 43.93 ? 86  LYS A NZ  1 
ATOM   667  N N   . TYR A 1 84  ? -4.215  -8.377  -9.598  1.00 26.58 ? 87  TYR A N   1 
ATOM   668  C CA  . TYR A 1 84  ? -5.535  -8.153  -10.171 1.00 26.65 ? 87  TYR A CA  1 
ATOM   669  C C   . TYR A 1 84  ? -5.478  -7.540  -11.563 1.00 29.24 ? 87  TYR A C   1 
ATOM   670  O O   . TYR A 1 84  ? -6.167  -7.997  -12.477 1.00 32.56 ? 87  TYR A O   1 
ATOM   671  C CB  . TYR A 1 84  ? -6.406  -7.290  -9.253  1.00 27.35 ? 87  TYR A CB  1 
ATOM   672  C CG  . TYR A 1 84  ? -7.777  -7.003  -9.845  1.00 27.83 ? 87  TYR A CG  1 
ATOM   673  C CD1 . TYR A 1 84  ? -8.754  -7.988  -9.884  1.00 28.56 ? 87  TYR A CD1 1 
ATOM   674  C CD2 . TYR A 1 84  ? -8.087  -5.752  -10.368 1.00 28.67 ? 87  TYR A CD2 1 
ATOM   675  C CE1 . TYR A 1 84  ? -10.013 -7.734  -10.422 1.00 32.35 ? 87  TYR A CE1 1 
ATOM   676  C CE2 . TYR A 1 84  ? -9.347  -5.483  -10.907 1.00 30.00 ? 87  TYR A CE2 1 
ATOM   677  C CZ  . TYR A 1 84  ? -10.301 -6.479  -10.932 1.00 29.97 ? 87  TYR A CZ  1 
ATOM   678  O OH  . TYR A 1 84  ? -11.543 -6.236  -11.472 1.00 31.61 ? 87  TYR A OH  1 
ATOM   679  N N   . ASN A 1 85  ? -4.645  -6.518  -11.732 1.00 27.32 ? 88  ASN A N   1 
ATOM   680  C CA  . ASN A 1 85  ? -4.634  -5.740  -12.960 1.00 29.37 ? 88  ASN A CA  1 
ATOM   681  C C   . ASN A 1 85  ? -3.687  -6.248  -14.050 1.00 33.30 ? 88  ASN A C   1 
ATOM   682  O O   . ASN A 1 85  ? -2.679  -6.884  -13.763 1.00 34.02 ? 88  ASN A O   1 
ATOM   683  C CB  . ASN A 1 85  ? -4.321  -4.276  -12.644 1.00 25.39 ? 88  ASN A CB  1 
ATOM   684  C CG  . ASN A 1 85  ? -5.290  -3.683  -11.647 1.00 31.88 ? 88  ASN A CG  1 
ATOM   685  O OD1 . ASN A 1 85  ? -6.419  -3.329  -11.997 1.00 29.48 ? 88  ASN A OD1 1 
ATOM   686  N ND2 . ASN A 1 85  ? -4.856  -3.570  -10.394 1.00 26.49 ? 88  ASN A ND2 1 
ATOM   687  N N   . PRO A 1 86  ? -4.016  -5.946  -15.315 1.00 38.12 ? 89  PRO A N   1 
ATOM   688  C CA  . PRO A 1 86  ? -3.106  -6.217  -16.433 1.00 37.67 ? 89  PRO A CA  1 
ATOM   689  C C   . PRO A 1 86  ? -1.852  -5.391  -16.232 1.00 38.14 ? 89  PRO A C   1 
ATOM   690  O O   . PRO A 1 86  ? -1.942  -4.268  -15.730 1.00 37.74 ? 89  PRO A O   1 
ATOM   691  C CB  . PRO A 1 86  ? -3.869  -5.687  -17.653 1.00 38.46 ? 89  PRO A CB  1 
ATOM   692  C CG  . PRO A 1 86  ? -5.294  -5.534  -17.206 1.00 41.43 ? 89  PRO A CG  1 
ATOM   693  C CD  . PRO A 1 86  ? -5.225  -5.221  -15.739 1.00 35.43 ? 89  PRO A CD  1 
ATOM   694  N N   . PRO A 1 87  ? -0.691  -5.934  -16.608 1.00 35.32 ? 90  PRO A N   1 
ATOM   695  C CA  . PRO A 1 87  ? 0.575   -5.227  -16.400 1.00 37.02 ? 90  PRO A CA  1 
ATOM   696  C C   . PRO A 1 87  ? 0.693   -3.910  -17.167 1.00 36.31 ? 90  PRO A C   1 
ATOM   697  O O   . PRO A 1 87  ? 1.594   -3.127  -16.869 1.00 37.02 ? 90  PRO A O   1 
ATOM   698  C CB  . PRO A 1 87  ? 1.631   -6.235  -16.891 1.00 38.00 ? 90  PRO A CB  1 
ATOM   699  C CG  . PRO A 1 87  ? 0.868   -7.244  -17.699 1.00 39.46 ? 90  PRO A CG  1 
ATOM   700  C CD  . PRO A 1 87  ? -0.491  -7.309  -17.092 1.00 39.53 ? 90  PRO A CD  1 
ATOM   701  N N   . ASP A 1 88  ? -0.185  -3.658  -18.134 1.00 38.87 ? 91  ASP A N   1 
ATOM   702  C CA  . ASP A 1 88  ? -0.120  -2.387  -18.861 1.00 40.24 ? 91  ASP A CA  1 
ATOM   703  C C   . ASP A 1 88  ? -1.095  -1.368  -18.289 1.00 41.99 ? 91  ASP A C   1 
ATOM   704  O O   . ASP A 1 88  ? -1.193  -0.237  -18.779 1.00 42.46 ? 91  ASP A O   1 
ATOM   705  C CB  . ASP A 1 88  ? -0.348  -2.577  -20.364 1.00 42.75 ? 91  ASP A CB  1 
ATOM   706  C CG  . ASP A 1 88  ? -1.737  -3.105  -20.690 1.00 50.41 ? 91  ASP A CG  1 
ATOM   707  O OD1 . ASP A 1 88  ? -2.374  -3.716  -19.803 1.00 51.45 ? 91  ASP A OD1 1 
ATOM   708  O OD2 . ASP A 1 88  ? -2.188  -2.919  -21.846 1.00 56.13 ? 91  ASP A OD2 1 
ATOM   709  N N   . HIS A 1 89  ? -1.809  -1.768  -17.240 1.00 38.79 ? 92  HIS A N   1 
ATOM   710  C CA  . HIS A 1 89  ? -2.788  -0.885  -16.623 1.00 36.83 ? 92  HIS A CA  1 
ATOM   711  C C   . HIS A 1 89  ? -2.104  0.306   -15.948 1.00 36.59 ? 92  HIS A C   1 
ATOM   712  O O   . HIS A 1 89  ? -1.067  0.161   -15.294 1.00 36.11 ? 92  HIS A O   1 
ATOM   713  C CB  . HIS A 1 89  ? -3.653  -1.662  -15.633 1.00 34.89 ? 92  HIS A CB  1 
ATOM   714  C CG  . HIS A 1 89  ? -4.866  -0.917  -15.172 1.00 37.58 ? 92  HIS A CG  1 
ATOM   715  N ND1 . HIS A 1 89  ? -6.120  -1.488  -15.139 1.00 43.75 ? 92  HIS A ND1 1 
ATOM   716  C CD2 . HIS A 1 89  ? -5.015  0.344   -14.699 1.00 36.27 ? 92  HIS A CD2 1 
ATOM   717  C CE1 . HIS A 1 89  ? -6.990  -0.611  -14.668 1.00 44.36 ? 92  HIS A CE1 1 
ATOM   718  N NE2 . HIS A 1 89  ? -6.347  0.511   -14.400 1.00 41.25 ? 92  HIS A NE2 1 
ATOM   719  N N   . GLU A 1 90  ? -2.688  1.485   -16.135 1.00 36.78 ? 93  GLU A N   1 
ATOM   720  C CA  . GLU A 1 90  ? -2.194  2.717   -15.543 1.00 33.78 ? 93  GLU A CA  1 
ATOM   721  C C   . GLU A 1 90  ? -1.980  2.584   -14.026 1.00 31.65 ? 93  GLU A C   1 
ATOM   722  O O   . GLU A 1 90  ? -1.044  3.167   -13.477 1.00 29.24 ? 93  GLU A O   1 
ATOM   723  C CB  . GLU A 1 90  ? -3.192  3.845   -15.841 1.00 37.84 ? 93  GLU A CB  1 
ATOM   724  C CG  . GLU A 1 90  ? -2.805  5.221   -15.332 1.00 40.54 ? 93  GLU A CG  1 
ATOM   725  C CD  . GLU A 1 90  ? -3.926  6.250   -15.531 1.00 51.91 ? 93  GLU A CD  1 
ATOM   726  O OE1 . GLU A 1 90  ? -5.010  5.865   -16.035 1.00 52.39 ? 93  GLU A OE1 1 
ATOM   727  O OE2 . GLU A 1 90  ? -3.728  7.441   -15.186 1.00 53.01 ? 93  GLU A OE2 1 
ATOM   728  N N   . VAL A 1 91  ? -2.846  1.832   -13.351 1.00 31.84 ? 94  VAL A N   1 
ATOM   729  C CA  . VAL A 1 91  ? -2.769  1.713   -11.887 1.00 31.61 ? 94  VAL A CA  1 
ATOM   730  C C   . VAL A 1 91  ? -1.539  0.913   -11.458 1.00 29.82 ? 94  VAL A C   1 
ATOM   731  O O   . VAL A 1 91  ? -1.034  1.073   -10.328 1.00 26.62 ? 94  VAL A O   1 
ATOM   732  C CB  . VAL A 1 91  ? -4.054  1.102   -11.266 1.00 31.26 ? 94  VAL A CB  1 
ATOM   733  C CG1 . VAL A 1 91  ? -4.156  -0.380  -11.596 1.00 32.99 ? 94  VAL A CG1 1 
ATOM   734  C CG2 . VAL A 1 91  ? -4.066  1.315   -9.752  1.00 31.27 ? 94  VAL A CG2 1 
ATOM   735  N N   . VAL A 1 92  ? -1.052  0.071   -12.368 1.00 28.91 ? 95  VAL A N   1 
ATOM   736  C CA  . VAL A 1 92  ? 0.145   -0.723  -12.111 1.00 27.87 ? 95  VAL A CA  1 
ATOM   737  C C   . VAL A 1 92  ? 1.386   0.164   -12.153 1.00 27.67 ? 95  VAL A C   1 
ATOM   738  O O   . VAL A 1 92  ? 2.282   0.027   -11.313 1.00 25.89 ? 95  VAL A O   1 
ATOM   739  C CB  . VAL A 1 92  ? 0.270   -1.911  -13.102 1.00 31.41 ? 95  VAL A CB  1 
ATOM   740  C CG1 . VAL A 1 92  ? 1.649   -2.546  -13.020 1.00 26.98 ? 95  VAL A CG1 1 
ATOM   741  C CG2 . VAL A 1 92  ? -0.826  -2.934  -12.831 1.00 30.94 ? 95  VAL A CG2 1 
ATOM   742  N N   . ALA A 1 93  ? 1.441   1.082   -13.117 1.00 25.53 ? 96  ALA A N   1 
ATOM   743  C CA  . ALA A 1 93  ? 2.531   2.050   -13.141 1.00 26.95 ? 96  ALA A CA  1 
ATOM   744  C C   . ALA A 1 93  ? 2.498   2.949   -11.899 1.00 26.56 ? 96  ALA A C   1 
ATOM   745  O O   . ALA A 1 93  ? 3.551   3.326   -11.378 1.00 24.12 ? 96  ALA A O   1 
ATOM   746  C CB  . ALA A 1 93  ? 2.496   2.896   -14.408 1.00 28.87 ? 96  ALA A CB  1 
ATOM   747  N N   . MET A 1 94  ? 1.303   3.297   -11.428 1.00 23.74 ? 97  MET A N   1 
ATOM   748  C CA  . MET A 1 94  ? 1.189   4.091   -10.202 1.00 26.99 ? 97  MET A CA  1 
ATOM   749  C C   . MET A 1 94  ? 1.721   3.312   -8.993  1.00 23.90 ? 97  MET A C   1 
ATOM   750  O O   . MET A 1 94  ? 2.442   3.858   -8.155  1.00 25.97 ? 97  MET A O   1 
ATOM   751  C CB  . MET A 1 94  ? -0.261  4.553   -9.971  1.00 24.21 ? 97  MET A CB  1 
ATOM   752  C CG  . MET A 1 94  ? -0.745  5.529   -11.051 1.00 28.76 ? 97  MET A CG  1 
ATOM   753  S SD  . MET A 1 94  ? -2.496  5.931   -10.907 1.00 39.03 ? 97  MET A SD  1 
ATOM   754  C CE  . MET A 1 94  ? -3.134  5.007   -12.269 1.00 41.24 ? 97  MET A CE  1 
ATOM   755  N N   . ALA A 1 95  ? 1.368   2.037   -8.908  1.00 25.76 ? 98  ALA A N   1 
ATOM   756  C CA  . ALA A 1 95  ? 1.841   1.182   -7.819  1.00 26.07 ? 98  ALA A CA  1 
ATOM   757  C C   . ALA A 1 95  ? 3.374   1.139   -7.791  1.00 27.36 ? 98  ALA A C   1 
ATOM   758  O O   . ALA A 1 95  ? 4.001   1.250   -6.729  1.00 24.29 ? 98  ALA A O   1 
ATOM   759  C CB  . ALA A 1 95  ? 1.264   -0.226  -7.959  1.00 22.83 ? 98  ALA A CB  1 
ATOM   760  N N   . ARG A 1 96  ? 3.987   0.991   -8.960  1.00 26.68 ? 99  ARG A N   1 
ATOM   761  C CA  . ARG A 1 96  ? 5.446   0.931   -9.015  1.00 26.95 ? 99  ARG A CA  1 
ATOM   762  C C   . ARG A 1 96  ? 6.094   2.215   -8.520  1.00 28.07 ? 99  ARG A C   1 
ATOM   763  O O   . ARG A 1 96  ? 7.095   2.173   -7.807  1.00 25.79 ? 99  ARG A O   1 
ATOM   764  C CB  . ARG A 1 96  ? 5.922   0.619   -10.424 1.00 26.13 ? 99  ARG A CB  1 
ATOM   765  C CG  . ARG A 1 96  ? 5.416   -0.707  -10.902 1.00 29.33 ? 99  ARG A CG  1 
ATOM   766  C CD  . ARG A 1 96  ? 6.029   -1.069  -12.217 1.00 32.15 ? 99  ARG A CD  1 
ATOM   767  N NE  . ARG A 1 96  ? 5.800   -2.481  -12.490 1.00 35.27 ? 99  ARG A NE  1 
ATOM   768  C CZ  . ARG A 1 96  ? 5.505   -2.964  -13.687 1.00 38.62 ? 99  ARG A CZ  1 
ATOM   769  N NH1 . ARG A 1 96  ? 5.406   -2.136  -14.724 1.00 40.79 ? 99  ARG A NH1 1 
ATOM   770  N NH2 . ARG A 1 96  ? 5.311   -4.264  -13.844 1.00 36.98 ? 99  ARG A NH2 1 
ATOM   771  N N   . LYS A 1 97  ? 5.533   3.359   -8.898  1.00 26.89 ? 100 LYS A N   1 
ATOM   772  C CA  . LYS A 1 97  ? 6.101   4.621   -8.446  1.00 28.16 ? 100 LYS A CA  1 
ATOM   773  C C   . LYS A 1 97  ? 5.980   4.742   -6.929  1.00 26.87 ? 100 LYS A C   1 
ATOM   774  O O   . LYS A 1 97  ? 6.897   5.211   -6.249  1.00 27.18 ? 100 LYS A O   1 
ATOM   775  C CB  . LYS A 1 97  ? 5.403   5.794   -9.113  1.00 27.50 ? 100 LYS A CB  1 
ATOM   776  C CG  . LYS A 1 97  ? 5.690   5.965   -10.597 1.00 29.87 ? 100 LYS A CG  1 
ATOM   777  C CD  . LYS A 1 97  ? 4.980   7.240   -11.049 1.00 33.69 ? 100 LYS A CD  1 
ATOM   778  C CE  . LYS A 1 97  ? 5.301   7.639   -12.470 1.00 38.83 ? 100 LYS A CE  1 
ATOM   779  N NZ  . LYS A 1 97  ? 4.431   8.802   -12.835 1.00 43.00 ? 100 LYS A NZ  1 
ATOM   780  N N   . LEU A 1 98  ? 4.838   4.337   -6.397  1.00 22.19 ? 101 LEU A N   1 
ATOM   781  C CA  . LEU A 1 98  ? 4.647   4.383   -4.947  1.00 24.80 ? 101 LEU A CA  1 
ATOM   782  C C   . LEU A 1 98  ? 5.544   3.342   -4.278  1.00 24.93 ? 101 LEU A C   1 
ATOM   783  O O   . LEU A 1 98  ? 6.143   3.596   -3.236  1.00 25.98 ? 101 LEU A O   1 
ATOM   784  C CB  . LEU A 1 98  ? 3.178   4.172   -4.571  1.00 24.09 ? 101 LEU A CB  1 
ATOM   785  C CG  . LEU A 1 98  ? 2.883   4.410   -3.083  1.00 26.31 ? 101 LEU A CG  1 
ATOM   786  C CD1 . LEU A 1 98  ? 3.282   5.811   -2.683  1.00 25.09 ? 101 LEU A CD1 1 
ATOM   787  C CD2 . LEU A 1 98  ? 1.422   4.150   -2.783  1.00 26.19 ? 101 LEU A CD2 1 
ATOM   788  N N   . GLN A 1 99  ? 5.678   2.177   -4.896  1.00 24.43 ? 102 GLN A N   1 
ATOM   789  C CA  . GLN A 1 99  ? 6.542   1.168   -4.308  1.00 24.39 ? 102 GLN A CA  1 
ATOM   790  C C   . GLN A 1 99  ? 8.015   1.597   -4.293  1.00 26.12 ? 102 GLN A C   1 
ATOM   791  O O   . GLN A 1 99  ? 8.744   1.241   -3.362  1.00 26.30 ? 102 GLN A O   1 
ATOM   792  C CB  . GLN A 1 99  ? 6.382   -0.189  -4.981  1.00 24.87 ? 102 GLN A CB  1 
ATOM   793  C CG  . GLN A 1 99  ? 7.228   -1.267  -4.309  1.00 24.66 ? 102 GLN A CG  1 
ATOM   794  C CD  . GLN A 1 99  ? 6.767   -2.666  -4.646  1.00 27.84 ? 102 GLN A CD  1 
ATOM   795  O OE1 . GLN A 1 99  ? 6.039   -2.874  -5.617  1.00 27.21 ? 102 GLN A OE1 1 
ATOM   796  N NE2 . GLN A 1 99  ? 7.171   -3.638  -3.830  1.00 29.32 ? 102 GLN A NE2 1 
ATOM   797  N N   . ASP A 1 100 ? 8.453   2.352   -5.306  1.00 26.59 ? 103 ASP A N   1 
ATOM   798  C CA  . ASP A 1 100 ? 9.827   2.886   -5.343  1.00 27.71 ? 103 ASP A CA  1 
ATOM   799  C C   . ASP A 1 100 ? 10.095  3.667   -4.070  1.00 26.35 ? 103 ASP A C   1 
ATOM   800  O O   . ASP A 1 100 ? 11.157  3.550   -3.461  1.00 25.04 ? 103 ASP A O   1 
ATOM   801  C CB  . ASP A 1 100 ? 10.022  3.870   -6.520  1.00 29.20 ? 103 ASP A CB  1 
ATOM   802  C CG  . ASP A 1 100 ? 10.095  3.185   -7.877  1.00 35.81 ? 103 ASP A CG  1 
ATOM   803  O OD1 . ASP A 1 100 ? 10.203  1.939   -7.931  1.00 35.29 ? 103 ASP A OD1 1 
ATOM   804  O OD2 . ASP A 1 100 ? 10.062  3.910   -8.908  1.00 38.69 ? 103 ASP A OD2 1 
ATOM   805  N N   . VAL A 1 101 ? 9.130   4.509   -3.707  1.00 25.19 ? 104 VAL A N   1 
ATOM   806  C CA  . VAL A 1 101 ? 9.196   5.308   -2.487  1.00 23.76 ? 104 VAL A CA  1 
ATOM   807  C C   . VAL A 1 101 ? 9.301   4.425   -1.245  1.00 23.07 ? 104 VAL A C   1 
ATOM   808  O O   . VAL A 1 101 ? 10.207  4.579   -0.419  1.00 23.86 ? 104 VAL A O   1 
ATOM   809  C CB  . VAL A 1 101 ? 7.925   6.202   -2.347  1.00 26.49 ? 104 VAL A CB  1 
ATOM   810  C CG1 . VAL A 1 101 ? 7.950   6.982   -1.037  1.00 28.50 ? 104 VAL A CG1 1 
ATOM   811  C CG2 . VAL A 1 101 ? 7.794   7.139   -3.550  1.00 31.22 ? 104 VAL A CG2 1 
ATOM   812  N N   . PHE A 1 102 ? 8.367   3.495   -1.105  1.00 22.12 ? 105 PHE A N   1 
ATOM   813  C CA  . PHE A 1 102 ? 8.383   2.623   0.063   1.00 21.86 ? 105 PHE A CA  1 
ATOM   814  C C   . PHE A 1 102 ? 9.698   1.851   0.173   1.00 22.99 ? 105 PHE A C   1 
ATOM   815  O O   . PHE A 1 102 ? 10.351  1.868   1.223   1.00 21.10 ? 105 PHE A O   1 
ATOM   816  C CB  . PHE A 1 102 ? 7.215   1.640   0.046   1.00 21.35 ? 105 PHE A CB  1 
ATOM   817  C CG  . PHE A 1 102 ? 7.392   0.491   1.005   1.00 23.15 ? 105 PHE A CG  1 
ATOM   818  C CD1 . PHE A 1 102 ? 7.163   0.662   2.358   1.00 22.26 ? 105 PHE A CD1 1 
ATOM   819  C CD2 . PHE A 1 102 ? 7.813   -0.754  0.554   1.00 23.54 ? 105 PHE A CD2 1 
ATOM   820  C CE1 . PHE A 1 102 ? 7.336   -0.397  3.243   1.00 23.78 ? 105 PHE A CE1 1 
ATOM   821  C CE2 . PHE A 1 102 ? 7.984   -1.813  1.432   1.00 24.17 ? 105 PHE A CE2 1 
ATOM   822  C CZ  . PHE A 1 102 ? 7.748   -1.640  2.773   1.00 22.54 ? 105 PHE A CZ  1 
ATOM   823  N N   . GLU A 1 103 ? 10.091  1.181   -0.906  1.00 23.02 ? 106 GLU A N   1 
ATOM   824  C CA  . GLU A 1 103 ? 11.227  0.265   -0.831  1.00 23.88 ? 106 GLU A CA  1 
ATOM   825  C C   . GLU A 1 103 ? 12.494  1.009   -0.427  1.00 26.42 ? 106 GLU A C   1 
ATOM   826  O O   . GLU A 1 103 ? 13.290  0.508   0.374   1.00 23.34 ? 106 GLU A O   1 
ATOM   827  C CB  . GLU A 1 103 ? 11.433  -0.492  -2.151  1.00 25.43 ? 106 GLU A CB  1 
ATOM   828  C CG  . GLU A 1 103 ? 10.270  -1.450  -2.523  1.00 24.98 ? 106 GLU A CG  1 
ATOM   829  C CD  . GLU A 1 103 ? 10.176  -2.672  -1.617  1.00 29.27 ? 106 GLU A CD  1 
ATOM   830  O OE1 . GLU A 1 103 ? 11.112  -2.904  -0.810  1.00 29.06 ? 106 GLU A OE1 1 
ATOM   831  O OE2 . GLU A 1 103 ? 9.165   -3.419  -1.713  1.00 28.06 ? 106 GLU A OE2 1 
ATOM   832  N N   . MET A 1 104 ? 12.667  2.211   -0.969  1.00 22.81 ? 107 MET A N   1 
ATOM   833  C CA  . MET A 1 104 ? 13.863  3.005   -0.707  1.00 23.48 ? 107 MET A CA  1 
ATOM   834  C C   . MET A 1 104 ? 13.907  3.448   0.752   1.00 23.87 ? 107 MET A C   1 
ATOM   835  O O   . MET A 1 104 ? 14.943  3.373   1.402   1.00 27.42 ? 107 MET A O   1 
ATOM   836  C CB  . MET A 1 104 ? 13.897  4.225   -1.643  1.00 27.19 ? 107 MET A CB  1 
ATOM   837  C CG  . MET A 1 104 ? 15.155  5.067   -1.530  1.00 35.14 ? 107 MET A CG  1 
ATOM   838  S SD  . MET A 1 104 ? 16.624  4.127   -2.036  1.00 44.52 ? 107 MET A SD  1 
ATOM   839  C CE  . MET A 1 104 ? 16.055  3.357   -3.552  1.00 27.62 ? 107 MET A CE  1 
ATOM   840  N N   . ARG A 1 105 ? 12.784  3.912   1.282   1.00 24.14 ? 108 ARG A N   1 
ATOM   841  C CA  . ARG A 1 105 ? 12.736  4.318   2.689   1.00 25.89 ? 108 ARG A CA  1 
ATOM   842  C C   . ARG A 1 105 ? 12.880  3.127   3.650   1.00 23.54 ? 108 ARG A C   1 
ATOM   843  O O   . ARG A 1 105 ? 13.577  3.216   4.660   1.00 24.57 ? 108 ARG A O   1 
ATOM   844  C CB  . ARG A 1 105 ? 11.433  5.072   2.980   1.00 24.48 ? 108 ARG A CB  1 
ATOM   845  C CG  . ARG A 1 105 ? 11.290  6.388   2.217   1.00 25.32 ? 108 ARG A CG  1 
ATOM   846  C CD  . ARG A 1 105 ? 12.405  7.368   2.594   1.00 29.14 ? 108 ARG A CD  1 
ATOM   847  N NE  . ARG A 1 105 ? 12.082  8.755   2.228   1.00 31.64 ? 108 ARG A NE  1 
ATOM   848  C CZ  . ARG A 1 105 ? 12.968  9.751   2.200   1.00 33.39 ? 108 ARG A CZ  1 
ATOM   849  N NH1 . ARG A 1 105 ? 14.246  9.518   2.490   1.00 28.93 ? 108 ARG A NH1 1 
ATOM   850  N NH2 . ARG A 1 105 ? 12.576  10.978  1.866   1.00 32.92 ? 108 ARG A NH2 1 
ATOM   851  N N   . PHE A 1 106 ? 12.201  2.028   3.330   1.00 21.54 ? 109 PHE A N   1 
ATOM   852  C CA  . PHE A 1 106 ? 12.201  0.826   4.148   1.00 25.47 ? 109 PHE A CA  1 
ATOM   853  C C   . PHE A 1 106 ? 13.605  0.226   4.246   1.00 27.11 ? 109 PHE A C   1 
ATOM   854  O O   . PHE A 1 106 ? 14.013  -0.285  5.297   1.00 25.78 ? 109 PHE A O   1 
ATOM   855  C CB  . PHE A 1 106 ? 11.259  -0.212  3.525   1.00 24.18 ? 109 PHE A CB  1 
ATOM   856  C CG  . PHE A 1 106 ? 10.868  -1.326  4.463   1.00 26.65 ? 109 PHE A CG  1 
ATOM   857  C CD1 . PHE A 1 106 ? 10.191  -1.051  5.645   1.00 27.28 ? 109 PHE A CD1 1 
ATOM   858  C CD2 . PHE A 1 106 ? 11.151  -2.645  4.152   1.00 26.96 ? 109 PHE A CD2 1 
ATOM   859  C CE1 . PHE A 1 106 ? 9.817   -2.082  6.515   1.00 26.62 ? 109 PHE A CE1 1 
ATOM   860  C CE2 . PHE A 1 106 ? 10.775  -3.685  5.015   1.00 29.43 ? 109 PHE A CE2 1 
ATOM   861  C CZ  . PHE A 1 106 ? 10.110  -3.391  6.197   1.00 30.13 ? 109 PHE A CZ  1 
ATOM   862  N N   . ALA A 1 107 ? 14.323  0.273   3.127   1.00 25.95 ? 110 ALA A N   1 
ATOM   863  C CA  . ALA A 1 107 ? 15.684  -0.253  3.048   1.00 26.45 ? 110 ALA A CA  1 
ATOM   864  C C   . ALA A 1 107 ? 16.654  0.633   3.829   1.00 28.54 ? 110 ALA A C   1 
ATOM   865  O O   . ALA A 1 107 ? 17.576  0.142   4.471   1.00 28.65 ? 110 ALA A O   1 
ATOM   866  C CB  . ALA A 1 107 ? 16.124  -0.330  1.596   1.00 24.80 ? 110 ALA A CB  1 
ATOM   867  N N   . LYS A 1 108 ? 16.463  1.943   3.746   1.00 28.37 ? 111 LYS A N   1 
ATOM   868  C CA  . LYS A 1 108 ? 17.408  2.877   4.358   1.00 31.73 ? 111 LYS A CA  1 
ATOM   869  C C   . LYS A 1 108 ? 17.192  3.025   5.870   1.00 35.23 ? 111 LYS A C   1 
ATOM   870  O O   . LYS A 1 108 ? 17.997  3.634   6.564   1.00 38.83 ? 111 LYS A O   1 
ATOM   871  C CB  . LYS A 1 108 ? 17.378  4.226   3.644   1.00 31.60 ? 111 LYS A CB  1 
ATOM   872  C CG  . LYS A 1 108 ? 18.682  4.528   2.900   1.00 35.97 ? 111 LYS A CG  1 
ATOM   873  C CD  . LYS A 1 108 ? 18.516  4.579   1.410   1.00 33.90 ? 111 LYS A CD  1 
ATOM   874  C CE  . LYS A 1 108 ? 19.891  4.669   0.734   1.00 34.91 ? 111 LYS A CE  1 
ATOM   875  N NZ  . LYS A 1 108 ? 19.809  4.950   -0.714  1.00 42.06 ? 111 LYS A NZ  1 
ATOM   876  N N   . MET A 1 109 ? 16.108  2.448   6.369   1.00 31.13 ? 112 MET A N   1 
ATOM   877  C CA  . MET A 1 109 ? 15.844  2.385   7.797   1.00 37.82 ? 112 MET A CA  1 
ATOM   878  C C   . MET A 1 109 ? 17.045  1.782   8.537   1.00 39.37 ? 112 MET A C   1 
ATOM   879  O O   . MET A 1 109 ? 17.550  0.722   8.155   1.00 43.31 ? 112 MET A O   1 
ATOM   880  C CB  . MET A 1 109 ? 14.576  1.553   8.027   1.00 36.61 ? 112 MET A CB  1 
ATOM   881  C CG  . MET A 1 109 ? 14.188  1.310   9.477   1.00 43.67 ? 112 MET A CG  1 
ATOM   882  S SD  . MET A 1 109 ? 12.647  0.367   9.512   1.00 50.37 ? 112 MET A SD  1 
ATOM   883  C CE  . MET A 1 109 ? 11.619  1.478   8.577   1.00 35.84 ? 112 MET A CE  1 
ATOM   884  N N   . PRO A 1 110 ? 17.506  2.461   9.597   1.00 40.31 ? 113 PRO A N   1 
ATOM   885  C CA  . PRO A 1 110 ? 18.690  2.084   10.383  1.00 47.12 ? 113 PRO A CA  1 
ATOM   886  C C   . PRO A 1 110 ? 18.575  0.705   11.022  1.00 49.41 ? 113 PRO A C   1 
ATOM   887  O O   . PRO A 1 110 ? 17.472  0.283   11.388  1.00 49.68 ? 113 PRO A O   1 
ATOM   888  C CB  . PRO A 1 110 ? 18.730  3.147   11.487  1.00 49.80 ? 113 PRO A CB  1 
ATOM   889  C CG  . PRO A 1 110 ? 17.947  4.299   10.945  1.00 48.45 ? 113 PRO A CG  1 
ATOM   890  C CD  . PRO A 1 110 ? 16.859  3.667   10.136  1.00 46.51 ? 113 PRO A CD  1 
ATOM   891  N N   . ASP A 1 111 ? 19.712  0.026   11.168  1.00 52.79 ? 114 ASP A N   1 
ATOM   892  C CA  . ASP A 1 111 ? 19.750  -1.314  11.740  1.00 57.70 ? 114 ASP A CA  1 
ATOM   893  C C   . ASP A 1 111 ? 20.961  -1.509  12.654  1.00 61.90 ? 114 ASP A C   1 
ATOM   894  O O   . ASP A 1 111 ? 20.837  -1.517  13.882  1.00 63.49 ? 114 ASP A O   1 
ATOM   895  C CB  . ASP A 1 111 ? 19.774  -2.359  10.628  1.00 57.01 ? 114 ASP A CB  1 
ATOM   896  C CG  . ASP A 1 111 ? 18.904  -3.555  10.940  1.00 64.45 ? 114 ASP A CG  1 
ATOM   897  O OD1 . ASP A 1 111 ? 17.816  -3.673  10.329  1.00 62.20 ? 114 ASP A OD1 1 
ATOM   898  O OD2 . ASP A 1 111 ? 19.297  -4.368  11.807  1.00 68.46 ? 114 ASP A OD2 1 
ATOM   899  N N   . THR B 2 1   ? -9.348  1.764   -18.205 1.00 55.29 ? 1   THR B N   1 
ATOM   900  C CA  . THR B 2 1   ? -9.928  0.994   -17.103 1.00 52.43 ? 1   THR B CA  1 
ATOM   901  C C   . THR B 2 1   ? -10.128 1.833   -15.828 1.00 50.70 ? 1   THR B C   1 
ATOM   902  O O   . THR B 2 1   ? -9.328  2.732   -15.519 1.00 48.74 ? 1   THR B O   1 
ATOM   903  C CB  . THR B 2 1   ? -9.131  -0.280  -16.831 1.00 50.13 ? 1   THR B CB  1 
ATOM   904  O OG1 . THR B 2 1   ? -9.074  -1.057  -18.039 1.00 57.43 ? 1   THR B OG1 1 
ATOM   905  C CG2 . THR B 2 1   ? -9.792  -1.099  -15.721 1.00 45.09 ? 1   THR B CG2 1 
ATOM   906  N N   . PHE B 2 2   ? -11.183 1.500   -15.082 1.00 46.54 ? 2   PHE B N   1 
ATOM   907  C CA  . PHE B 2 2   ? -11.913 2.472   -14.252 1.00 48.63 ? 2   PHE B CA  1 
ATOM   908  C C   . PHE B 2 2   ? -11.320 2.854   -12.881 1.00 47.53 ? 2   PHE B C   1 
ATOM   909  O O   . PHE B 2 2   ? -11.333 4.034   -12.513 1.00 46.11 ? 2   PHE B O   1 
ATOM   910  C CB  . PHE B 2 2   ? -13.392 2.030   -14.127 1.00 46.02 ? 2   PHE B CB  1 
ATOM   911  C CG  . PHE B 2 2   ? -13.952 1.417   -15.397 1.00 47.44 ? 2   PHE B CG  1 
ATOM   912  C CD1 . PHE B 2 2   ? -13.798 2.063   -16.623 1.00 48.51 ? 2   PHE B CD1 1 
ATOM   913  C CD2 . PHE B 2 2   ? -14.598 0.183   -15.371 1.00 47.89 ? 2   PHE B CD2 1 
ATOM   914  C CE1 . PHE B 2 2   ? -14.300 1.501   -17.802 1.00 47.95 ? 2   PHE B CE1 1 
ATOM   915  C CE2 . PHE B 2 2   ? -15.106 -0.391  -16.546 1.00 46.21 ? 2   PHE B CE2 1 
ATOM   916  C CZ  . PHE B 2 2   ? -14.956 0.271   -17.764 1.00 48.26 ? 2   PHE B CZ  1 
HETATM 917  O OH  . ALY B 2 3   ? -6.078  -2.208  -7.979  1.00 31.29 ? 3   ALY B OH  1 
HETATM 918  C CH  . ALY B 2 3   ? -6.520  -1.148  -7.522  1.00 36.07 ? 3   ALY B CH  1 
HETATM 919  C CH3 . ALY B 2 3   ? -5.750  -0.406  -6.479  1.00 31.90 ? 3   ALY B CH3 1 
HETATM 920  N NZ  . ALY B 2 3   ? -7.741  -0.711  -7.894  1.00 36.70 ? 3   ALY B NZ  1 
HETATM 921  C CE  . ALY B 2 3   ? -8.619  -1.481  -8.840  1.00 35.03 ? 3   ALY B CE  1 
HETATM 922  C CD  . ALY B 2 3   ? -8.282  -1.211  -10.310 1.00 35.06 ? 3   ALY B CD  1 
HETATM 923  C CG  . ALY B 2 3   ? -8.484  0.271   -10.668 1.00 40.62 ? 3   ALY B CG  1 
HETATM 924  C CB  . ALY B 2 3   ? -9.818  0.794   -10.137 1.00 41.55 ? 3   ALY B CB  1 
HETATM 925  C CA  . ALY B 2 3   ? -10.308 2.108   -10.770 1.00 46.00 ? 3   ALY B CA  1 
HETATM 926  N N   . ALY B 2 3   ? -10.799 1.875   -12.142 1.00 43.99 ? 3   ALY B N   1 
HETATM 927  C C   . ALY B 2 3   ? -9.230  3.206   -10.624 1.00 46.12 ? 3   ALY B C   1 
HETATM 928  O O   . ALY B 2 3   ? -9.092  3.808   -9.557  1.00 42.67 ? 3   ALY B O   1 
ATOM   929  N N   . SER B 2 4   ? -8.465  3.458   -11.680 1.00 46.17 ? 4   SER B N   1 
ATOM   930  C CA  . SER B 2 4   ? -7.456  4.510   -11.628 1.00 44.85 ? 4   SER B CA  1 
ATOM   931  C C   . SER B 2 4   ? -7.998  5.801   -12.249 1.00 49.81 ? 4   SER B C   1 
ATOM   932  O O   . SER B 2 4   ? -7.250  6.754   -12.508 1.00 48.79 ? 4   SER B O   1 
ATOM   933  C CB  . SER B 2 4   ? -6.158  4.066   -12.302 1.00 41.49 ? 4   SER B CB  1 
ATOM   934  O OG  . SER B 2 4   ? -6.413  3.477   -13.567 1.00 44.74 ? 4   SER B OG  1 
ATOM   935  N N   . ILE B 2 5   ? -9.309  5.809   -12.483 1.00 50.11 ? 5   ILE B N   1 
ATOM   936  C CA  . ILE B 2 5   ? -10.029 6.989   -12.958 1.00 52.27 ? 5   ILE B CA  1 
ATOM   937  C C   . ILE B 2 5   ? -9.558  7.491   -14.322 1.00 57.68 ? 5   ILE B C   1 
ATOM   938  O O   . ILE B 2 5   ? -10.361 7.592   -15.256 1.00 61.35 ? 5   ILE B O   1 
ATOM   939  C CB  . ILE B 2 5   ? -10.005 8.128   -11.911 1.00 46.93 ? 5   ILE B CB  1 
ATOM   940  C CG1 . ILE B 2 5   ? -11.119 7.904   -10.883 1.00 47.44 ? 5   ILE B CG1 1 
ATOM   941  C CG2 . ILE B 2 5   ? -10.149 9.485   -12.589 1.00 52.49 ? 5   ILE B CG2 1 
ATOM   942  C CD1 . ILE B 2 5   ? -11.080 8.857   -9.690  1.00 48.86 ? 5   ILE B CD1 1 
HETATM 943  S S1  . DTT C 3 .   ? 16.566  8.561   6.807   1.00 52.44 ? 201 DTT A S1  1 
HETATM 944  C C1  . DTT C 3 .   ? 17.077  7.482   8.194   1.00 43.02 ? 201 DTT A C1  1 
HETATM 945  C C2  . DTT C 3 .   ? 16.047  6.527   8.825   1.00 42.78 ? 201 DTT A C2  1 
HETATM 946  O O2  . DTT C 3 .   ? 14.986  6.179   7.951   1.00 40.83 ? 201 DTT A O2  1 
HETATM 947  C C3  . DTT C 3 .   ? 15.466  6.983   10.176  1.00 45.52 ? 201 DTT A C3  1 
HETATM 948  O O3  . DTT C 3 .   ? 16.153  8.115   10.683  1.00 50.64 ? 201 DTT A O3  1 
HETATM 949  C C4  . DTT C 3 .   ? 13.960  7.256   10.127  1.00 44.85 ? 201 DTT A C4  1 
HETATM 950  S S4  . DTT C 3 .   ? 13.123  7.022   11.726  1.00 53.24 ? 201 DTT A S4  1 
HETATM 951  O O   . HOH D 4 .   ? 0.351   10.686  -1.589  1.00 27.74 ? 301 HOH A O   1 
HETATM 952  O O   . HOH D 4 .   ? -18.307 -4.637  -13.120 1.00 30.52 ? 302 HOH A O   1 
HETATM 953  O O   . HOH D 4 .   ? 13.206  -2.039  0.650   1.00 24.37 ? 303 HOH A O   1 
HETATM 954  O O   . HOH D 4 .   ? -5.515  -3.874  -5.837  1.00 28.41 ? 304 HOH A O   1 
HETATM 955  O O   . HOH D 4 .   ? -4.524  -11.077 -1.650  1.00 26.64 ? 305 HOH A O   1 
HETATM 956  O O   . HOH D 4 .   ? -15.709 -8.295  -6.163  1.00 35.20 ? 306 HOH A O   1 
HETATM 957  O O   . HOH D 4 .   ? 7.304   -8.639  2.844   1.00 27.88 ? 307 HOH A O   1 
HETATM 958  O O   . HOH D 4 .   ? 8.129   7.596   -6.785  1.00 36.12 ? 308 HOH A O   1 
HETATM 959  O O   . HOH D 4 .   ? 1.977   14.325  -6.641  1.00 34.90 ? 309 HOH A O   1 
HETATM 960  O O   . HOH D 4 .   ? 4.502   16.410  0.473   1.00 36.44 ? 310 HOH A O   1 
HETATM 961  O O   . HOH D 4 .   ? 1.757   -0.352  -16.262 1.00 35.58 ? 311 HOH A O   1 
HETATM 962  O O   . HOH D 4 .   ? -6.764  4.895   8.905   1.00 34.99 ? 312 HOH A O   1 
HETATM 963  O O   . HOH D 4 .   ? 7.537   11.051  7.074   1.00 33.02 ? 313 HOH A O   1 
HETATM 964  O O   . HOH D 4 .   ? 3.865   -10.196 -1.614  1.00 35.84 ? 314 HOH A O   1 
HETATM 965  O O   . HOH D 4 .   ? 15.493  7.320   3.561   1.00 33.09 ? 315 HOH A O   1 
HETATM 966  O O   . HOH D 4 .   ? -11.565 1.633   -6.022  1.00 38.67 ? 316 HOH A O   1 
HETATM 967  O O   . HOH D 4 .   ? 6.018   1.072   -15.049 1.00 37.33 ? 317 HOH A O   1 
HETATM 968  O O   . HOH D 4 .   ? -6.579  -8.312  4.324   1.00 32.81 ? 318 HOH A O   1 
HETATM 969  O O   . HOH D 4 .   ? 2.190   -2.253  15.517  1.00 37.29 ? 319 HOH A O   1 
HETATM 970  O O   . HOH D 4 .   ? 12.706  -5.234  -1.757  1.00 26.89 ? 320 HOH A O   1 
HETATM 971  O O   . HOH D 4 .   ? 5.836   3.659   -12.888 1.00 34.80 ? 321 HOH A O   1 
HETATM 972  O O   . HOH D 4 .   ? -11.059 -3.817  -0.860  1.00 33.35 ? 322 HOH A O   1 
HETATM 973  O O   . HOH D 4 .   ? -2.733  -8.575  6.754   1.00 39.08 ? 323 HOH A O   1 
HETATM 974  O O   . HOH D 4 .   ? -6.526  2.114   14.985  1.00 38.80 ? 324 HOH A O   1 
HETATM 975  O O   . HOH D 4 .   ? 11.307  -3.689  14.046  1.00 41.91 ? 325 HOH A O   1 
HETATM 976  O O   . HOH D 4 .   ? 3.106   -9.632  1.774   1.00 38.86 ? 326 HOH A O   1 
HETATM 977  O O   . HOH D 4 .   ? -8.106  -2.934  1.931   1.00 29.36 ? 327 HOH A O   1 
HETATM 978  O O   . HOH D 4 .   ? 6.788   2.261   18.352  1.00 44.87 ? 328 HOH A O   1 
HETATM 979  O O   . HOH D 4 .   ? 1.354   12.798  5.140   1.00 34.13 ? 329 HOH A O   1 
HETATM 980  O O   . HOH D 4 .   ? -18.438 -4.411  -8.507  1.00 35.07 ? 330 HOH A O   1 
HETATM 981  O O   . HOH D 4 .   ? -2.548  13.928  -0.280  1.00 41.34 ? 331 HOH A O   1 
HETATM 982  O O   . HOH D 4 .   ? -1.430  -10.456 -3.475  1.00 32.18 ? 332 HOH A O   1 
HETATM 983  O O   . HOH D 4 .   ? 3.006   1.224   15.922  1.00 38.98 ? 333 HOH A O   1 
HETATM 984  O O   . HOH D 4 .   ? -4.265  10.255  6.668   1.00 45.39 ? 334 HOH A O   1 
HETATM 985  O O   . HOH D 4 .   ? -10.309 -4.087  3.488   1.00 41.24 ? 335 HOH A O   1 
HETATM 986  O O   . HOH D 4 .   ? -13.488 -6.636  -14.226 1.00 39.49 ? 336 HOH A O   1 
HETATM 987  O O   . HOH D 4 .   ? -8.235  5.213   -2.529  1.00 33.02 ? 337 HOH A O   1 
HETATM 988  O O   . HOH D 4 .   ? -15.795 -10.960 -6.550  1.00 38.95 ? 338 HOH A O   1 
HETATM 989  O O   . HOH D 4 .   ? -9.480  1.525   6.441   1.00 40.80 ? 339 HOH A O   1 
HETATM 990  O O   . HOH D 4 .   ? 13.496  -2.105  21.655  1.00 50.53 ? 340 HOH A O   1 
HETATM 991  O O   . HOH D 4 .   ? 6.616   10.187  12.020  1.00 44.38 ? 341 HOH A O   1 
HETATM 992  O O   . HOH D 4 .   ? -6.214  7.530   6.511   1.00 43.24 ? 342 HOH A O   1 
HETATM 993  O O   . HOH D 4 .   ? -22.349 -6.457  -0.409  1.00 58.28 ? 343 HOH A O   1 
HETATM 994  O O   . HOH D 4 .   ? -6.715  0.687   -2.630  1.00 27.04 ? 344 HOH A O   1 
HETATM 995  O O   . HOH D 4 .   ? -8.445  -2.837  -0.812  1.00 29.78 ? 345 HOH A O   1 
HETATM 996  O O   . HOH D 4 .   ? -6.287  -4.398  -2.087  1.00 27.93 ? 346 HOH A O   1 
HETATM 997  O O   . HOH D 4 .   ? -3.997  -2.834  -3.836  1.00 25.94 ? 347 HOH A O   1 
HETATM 998  O O   . HOH D 4 .   ? -5.103  -1.123  -2.197  1.00 27.42 ? 348 HOH A O   1 
HETATM 999  O O   . HOH D 4 .   ? -10.926 -3.580  -13.173 1.00 33.72 ? 349 HOH A O   1 
HETATM 1000 O O   . HOH D 4 .   ? 16.718  7.465   12.622  1.00 45.50 ? 350 HOH A O   1 
HETATM 1001 O O   . HOH D 4 .   ? 18.104  9.433   13.003  1.00 48.51 ? 351 HOH A O   1 
HETATM 1002 O O   . HOH D 4 .   ? 14.344  5.861   5.528   1.00 30.10 ? 352 HOH A O   1 
HETATM 1003 O O   . HOH D 4 .   ? 17.822  8.011   4.987   1.00 37.86 ? 353 HOH A O   1 
HETATM 1004 O O   . HOH D 4 .   ? -12.336 -8.593  -1.499  1.00 37.93 ? 354 HOH A O   1 
HETATM 1005 O O   . HOH D 4 .   ? -8.464  -4.231  -13.843 1.00 30.00 ? 355 HOH A O   1 
HETATM 1006 O O   . HOH E 4 .   ? -8.476  1.813   -6.389  1.00 42.39 ? 101 HOH B O   1 
HETATM 1007 O O   . HOH E 4 .   ? -11.630 -0.888  -12.886 1.00 41.17 ? 102 HOH B O   1 
# 
